data_6DKH
#
_entry.id   6DKH
#
_cell.length_a   78.055
_cell.length_b   77.646
_cell.length_c   128.350
_cell.angle_alpha   90.00
_cell.angle_beta   92.62
_cell.angle_gamma   90.00
#
_symmetry.space_group_name_H-M   'P 1 21 1'
#
loop_
_entity.id
_entity.type
_entity.pdbx_description
1 polymer 'L-idonate 5-dehydrogenase (NAD(P)(+))'
2 non-polymer 'ZINC ION'
3 water water
#
_entity_poly.entity_id   1
_entity_poly.type   'polypeptide(L)'
_entity_poly.pdbx_seq_one_letter_code
;SNAMQVKTQSCVVAGKKTVAVTEQTIDWNNNGTLVQITRGGICGSDLHYYQEGKVGNFMIKAPMVLGHEVIGKVIHSDSS
ELHEGQTVAINPSKPCGHCKYCIEHNENQCTDMRFFGSAMYFPHVDGGFTRYKMVETSQCVPYPAKADEKVMAFAEPLAV
AIHAAHQAGELQGKRVFISGVGPIGCLIVSAVKTLGAAEIVCADVSPRSLSLGKEMGADVLVNPQNDDMDHWKAEKGYFD
VSFEVSGHPSSVNTCLEVTRARGVMVQVGMGGAMAEFPMMTLIGKEISLRGSFRFTSEFNTAVSWLANGVINPLPLLSAE
YPFTDLEEALRFAGDKTQAAKVQLVF
;
_entity_poly.pdbx_strand_id   A,B,C,D
#
# COMPACT_ATOMS: atom_id res chain seq x y z
N ASN A 2 40.96 0.65 -30.22
CA ASN A 2 41.95 1.50 -29.57
C ASN A 2 42.39 0.89 -28.23
N ALA A 3 42.87 -0.35 -28.28
CA ALA A 3 43.39 -0.99 -27.09
C ALA A 3 44.64 -0.27 -26.61
N MET A 4 44.82 -0.22 -25.29
CA MET A 4 45.86 0.62 -24.71
C MET A 4 46.10 0.22 -23.26
N GLN A 5 47.35 0.42 -22.83
CA GLN A 5 47.72 0.34 -21.42
C GLN A 5 48.04 1.74 -20.93
N VAL A 6 47.40 2.16 -19.84
CA VAL A 6 47.63 3.46 -19.24
C VAL A 6 47.83 3.30 -17.74
N LYS A 7 48.67 4.17 -17.18
CA LYS A 7 49.01 4.16 -15.77
C LYS A 7 47.96 4.92 -14.96
N THR A 8 47.98 4.71 -13.65
CA THR A 8 47.01 5.39 -12.78
C THR A 8 47.58 5.46 -11.37
N GLN A 9 47.05 6.41 -10.60
CA GLN A 9 47.32 6.54 -9.19
C GLN A 9 46.05 6.22 -8.41
N SER A 10 46.19 5.52 -7.29
CA SER A 10 45.04 5.06 -6.53
C SER A 10 45.23 5.34 -5.06
N CYS A 11 44.10 5.48 -4.35
CA CYS A 11 44.08 5.67 -2.90
C CYS A 11 43.79 4.32 -2.26
N VAL A 12 44.81 3.71 -1.67
CA VAL A 12 44.73 2.33 -1.19
C VAL A 12 44.92 2.30 0.31
N VAL A 13 44.06 1.54 0.98
CA VAL A 13 44.24 1.18 2.38
C VAL A 13 44.58 -0.31 2.43
N ALA A 14 45.47 -0.69 3.36
CA ALA A 14 45.85 -2.07 3.53
C ALA A 14 45.58 -2.60 4.93
N GLY A 15 45.22 -1.74 5.87
CA GLY A 15 44.93 -2.16 7.22
C GLY A 15 44.53 -0.97 8.06
N LYS A 16 44.37 -1.22 9.36
CA LYS A 16 44.03 -0.14 10.28
C LYS A 16 45.12 0.92 10.27
N LYS A 17 44.75 2.15 9.90
CA LYS A 17 45.63 3.31 9.91
C LYS A 17 46.69 3.25 8.81
N THR A 18 46.85 2.09 8.18
CA THR A 18 47.83 1.93 7.11
C THR A 18 47.20 2.37 5.79
N VAL A 19 47.67 3.50 5.27
CA VAL A 19 47.07 4.15 4.10
C VAL A 19 48.19 4.74 3.26
N ALA A 20 48.10 4.54 1.94
CA ALA A 20 49.10 5.07 1.01
C ALA A 20 48.47 5.23 -0.37
N VAL A 21 49.10 6.08 -1.18
CA VAL A 21 48.71 6.28 -2.57
C VAL A 21 49.68 5.51 -3.46
N THR A 22 49.16 4.58 -4.25
CA THR A 22 49.97 3.65 -5.01
C THR A 22 49.82 3.88 -6.51
N GLU A 23 50.82 3.45 -7.26
CA GLU A 23 50.76 3.44 -8.72
C GLU A 23 50.27 2.08 -9.21
N GLN A 24 49.38 2.10 -10.19
CA GLN A 24 48.83 0.88 -10.76
C GLN A 24 48.79 0.98 -12.27
N THR A 25 48.48 -0.15 -12.91
CA THR A 25 48.37 -0.23 -14.36
C THR A 25 47.19 -1.12 -14.72
N ILE A 26 46.30 -0.60 -15.55
CA ILE A 26 45.16 -1.36 -16.04
C ILE A 26 45.43 -1.76 -17.49
N ASP A 27 44.57 -2.65 -18.01
CA ASP A 27 44.65 -3.10 -19.40
C ASP A 27 43.28 -2.89 -20.03
N TRP A 28 43.04 -1.67 -20.51
CA TRP A 28 41.78 -1.31 -21.14
C TRP A 28 41.69 -1.97 -22.51
N ASN A 29 40.78 -2.93 -22.65
CA ASN A 29 40.61 -3.69 -23.89
C ASN A 29 39.30 -3.36 -24.59
N ASN A 30 38.85 -2.11 -24.45
CA ASN A 30 37.66 -1.60 -25.14
C ASN A 30 36.38 -2.34 -24.77
N ASN A 31 36.31 -2.85 -23.54
CA ASN A 31 35.07 -3.38 -23.00
C ASN A 31 34.71 -2.57 -21.75
N GLY A 32 33.52 -2.01 -21.74
CA GLY A 32 33.09 -1.15 -20.65
C GLY A 32 33.32 0.32 -21.00
N THR A 33 33.87 1.07 -20.05
CA THR A 33 34.09 2.50 -20.24
C THR A 33 35.27 2.95 -19.39
N LEU A 34 36.21 3.66 -20.02
CA LEU A 34 37.35 4.22 -19.32
C LEU A 34 37.05 5.67 -18.93
N VAL A 35 37.18 5.98 -17.65
CA VAL A 35 36.85 7.31 -17.15
C VAL A 35 38.04 7.86 -16.36
N GLN A 36 38.19 9.17 -16.39
CA GLN A 36 39.12 9.89 -15.53
C GLN A 36 38.32 10.47 -14.36
N ILE A 37 38.56 9.94 -13.16
CA ILE A 37 37.90 10.47 -11.98
C ILE A 37 38.46 11.85 -11.67
N THR A 38 37.57 12.82 -11.48
CA THR A 38 37.97 14.19 -11.21
C THR A 38 37.70 14.64 -9.79
N ARG A 39 36.74 14.03 -9.10
CA ARG A 39 36.35 14.48 -7.78
C ARG A 39 35.64 13.34 -7.06
N GLY A 40 35.97 13.16 -5.78
CA GLY A 40 35.39 12.09 -4.99
C GLY A 40 35.11 12.54 -3.58
N GLY A 41 34.07 11.97 -2.99
CA GLY A 41 33.64 12.31 -1.64
C GLY A 41 34.02 11.22 -0.65
N ILE A 42 34.43 11.64 0.53
CA ILE A 42 34.83 10.72 1.59
C ILE A 42 33.59 10.38 2.42
N CYS A 43 33.30 9.09 2.54
CA CYS A 43 32.14 8.61 3.27
C CYS A 43 32.55 7.97 4.58
N GLY A 44 31.55 7.58 5.37
CA GLY A 44 31.81 6.95 6.65
C GLY A 44 32.46 5.59 6.52
N SER A 45 32.27 4.91 5.39
CA SER A 45 32.91 3.62 5.17
C SER A 45 34.42 3.79 5.02
N ASP A 46 34.85 4.82 4.29
CA ASP A 46 36.28 5.06 4.12
C ASP A 46 36.95 5.40 5.45
N LEU A 47 36.26 6.13 6.32
CA LEU A 47 36.83 6.48 7.61
C LEU A 47 36.95 5.26 8.52
N HIS A 48 35.90 4.42 8.56
CA HIS A 48 35.94 3.22 9.39
C HIS A 48 37.04 2.27 8.94
N TYR A 49 37.36 2.24 7.64
CA TYR A 49 38.44 1.39 7.15
C TYR A 49 39.80 1.90 7.61
N TYR A 50 39.95 3.22 7.70
CA TYR A 50 41.20 3.80 8.16
C TYR A 50 41.27 3.94 9.69
N GLN A 51 40.13 4.13 10.36
CA GLN A 51 40.19 4.33 11.81
C GLN A 51 40.41 3.01 12.55
N GLU A 52 39.75 1.93 12.11
CA GLU A 52 39.90 0.64 12.77
C GLU A 52 40.09 -0.54 11.82
N GLY A 53 40.17 -0.31 10.50
CA GLY A 53 40.39 -1.40 9.59
C GLY A 53 39.21 -2.32 9.36
N LYS A 54 37.99 -1.86 9.66
CA LYS A 54 36.82 -2.71 9.51
C LYS A 54 35.57 -1.84 9.48
N VAL A 55 34.60 -2.25 8.66
CA VAL A 55 33.25 -1.69 8.67
C VAL A 55 32.35 -2.77 9.25
N GLY A 56 31.80 -2.50 10.44
CA GLY A 56 31.00 -3.50 11.13
C GLY A 56 31.81 -4.71 11.53
N ASN A 57 31.59 -5.83 10.83
CA ASN A 57 32.37 -7.05 11.06
C ASN A 57 33.19 -7.46 9.84
N PHE A 58 33.32 -6.57 8.85
CA PHE A 58 34.06 -6.85 7.62
C PHE A 58 35.42 -6.18 7.70
N MET A 59 36.46 -6.98 7.96
CA MET A 59 37.82 -6.47 8.01
C MET A 59 38.43 -6.44 6.62
N ILE A 60 39.48 -5.63 6.49
CA ILE A 60 40.24 -5.54 5.25
C ILE A 60 41.44 -6.48 5.34
N LYS A 61 41.47 -7.48 4.46
CA LYS A 61 42.52 -8.49 4.44
C LYS A 61 43.60 -8.19 3.41
N ALA A 62 43.21 -7.92 2.18
CA ALA A 62 44.10 -7.51 1.10
C ALA A 62 43.97 -6.01 0.85
N PRO A 63 45.00 -5.37 0.31
CA PRO A 63 44.90 -3.94 0.00
C PRO A 63 43.74 -3.65 -0.95
N MET A 64 43.07 -2.52 -0.70
CA MET A 64 41.86 -2.17 -1.43
C MET A 64 41.84 -0.68 -1.71
N VAL A 65 41.35 -0.31 -2.89
CA VAL A 65 41.15 1.08 -3.25
C VAL A 65 39.90 1.60 -2.55
N LEU A 66 39.98 2.81 -2.00
CA LEU A 66 38.90 3.41 -1.24
C LEU A 66 37.93 4.16 -2.14
N GLY A 67 36.83 4.61 -1.55
CA GLY A 67 35.90 5.49 -2.23
C GLY A 67 34.74 4.82 -2.94
N HIS A 68 33.55 5.41 -2.83
CA HIS A 68 32.40 4.95 -3.59
C HIS A 68 31.49 6.10 -4.01
N GLU A 69 31.93 7.35 -3.83
CA GLU A 69 31.19 8.54 -4.24
C GLU A 69 32.13 9.37 -5.11
N VAL A 70 32.14 9.08 -6.42
CA VAL A 70 33.07 9.72 -7.34
C VAL A 70 32.34 10.14 -8.61
N ILE A 71 32.90 11.15 -9.27
CA ILE A 71 32.45 11.61 -10.58
C ILE A 71 33.67 11.80 -11.46
N GLY A 72 33.43 11.99 -12.75
CA GLY A 72 34.52 12.18 -13.68
C GLY A 72 34.04 12.40 -15.09
N LYS A 73 34.97 12.25 -16.04
CA LYS A 73 34.72 12.45 -17.45
C LYS A 73 35.10 11.18 -18.22
N VAL A 74 34.36 10.92 -19.30
CA VAL A 74 34.57 9.71 -20.08
C VAL A 74 35.81 9.87 -20.96
N ILE A 75 36.73 8.91 -20.86
CA ILE A 75 37.92 8.89 -21.72
C ILE A 75 37.65 8.07 -22.98
N HIS A 76 37.09 6.88 -22.83
CA HIS A 76 36.69 6.04 -23.95
C HIS A 76 35.48 5.23 -23.54
N SER A 77 34.69 4.81 -24.53
CA SER A 77 33.48 4.05 -24.27
C SER A 77 33.19 3.15 -25.46
N ASP A 78 32.69 1.95 -25.16
CA ASP A 78 32.30 0.99 -26.20
C ASP A 78 30.96 1.32 -26.84
N SER A 79 30.22 2.27 -26.28
CA SER A 79 28.94 2.72 -26.82
C SER A 79 29.11 4.07 -27.49
N SER A 80 28.45 4.25 -28.64
CA SER A 80 28.52 5.53 -29.33
C SER A 80 27.70 6.62 -28.65
N GLU A 81 26.78 6.24 -27.75
CA GLU A 81 25.96 7.23 -27.07
C GLU A 81 26.80 8.06 -26.09
N LEU A 82 27.82 7.46 -25.49
CA LEU A 82 28.70 8.18 -24.55
C LEU A 82 29.83 8.81 -25.34
N HIS A 83 29.72 10.11 -25.60
CA HIS A 83 30.77 10.85 -26.28
C HIS A 83 31.95 11.06 -25.32
N GLU A 84 33.16 11.02 -25.87
CA GLU A 84 34.36 11.19 -25.06
C GLU A 84 34.42 12.61 -24.49
N GLY A 85 34.82 12.71 -23.23
CA GLY A 85 34.81 13.97 -22.52
C GLY A 85 33.51 14.29 -21.81
N GLN A 86 32.54 13.37 -21.82
CA GLN A 86 31.25 13.60 -21.19
C GLN A 86 31.38 13.51 -19.67
N THR A 87 30.89 14.54 -18.97
CA THR A 87 30.85 14.51 -17.52
C THR A 87 29.83 13.48 -17.05
N VAL A 88 30.26 12.59 -16.16
CA VAL A 88 29.42 11.49 -15.68
C VAL A 88 29.62 11.31 -14.18
N ALA A 89 28.57 10.82 -13.53
CA ALA A 89 28.63 10.38 -12.14
C ALA A 89 28.65 8.86 -12.12
N ILE A 90 29.59 8.29 -11.38
CA ILE A 90 29.84 6.85 -11.40
C ILE A 90 28.95 6.19 -10.36
N ASN A 91 28.01 5.37 -10.82
CA ASN A 91 27.19 4.57 -9.92
C ASN A 91 28.05 3.43 -9.37
N PRO A 92 28.25 3.35 -8.05
CA PRO A 92 29.15 2.32 -7.51
C PRO A 92 28.58 0.91 -7.53
N SER A 93 27.32 0.72 -7.92
CA SER A 93 26.69 -0.58 -7.90
C SER A 93 26.77 -1.23 -9.28
N LYS A 94 27.13 -2.51 -9.30
CA LYS A 94 27.05 -3.33 -10.50
C LYS A 94 26.33 -4.63 -10.15
N PRO A 95 25.01 -4.64 -10.24
CA PRO A 95 24.26 -5.86 -9.94
C PRO A 95 24.23 -6.80 -11.14
N CYS A 96 23.90 -8.06 -10.87
CA CYS A 96 23.67 -9.00 -11.95
C CYS A 96 22.27 -8.75 -12.52
N GLY A 97 21.91 -9.53 -13.53
CA GLY A 97 20.60 -9.39 -14.14
C GLY A 97 19.76 -10.64 -14.09
N HIS A 98 20.09 -11.56 -13.18
CA HIS A 98 19.42 -12.86 -13.17
C HIS A 98 19.01 -13.36 -11.79
N CYS A 99 19.41 -12.69 -10.71
CA CYS A 99 19.11 -13.21 -9.38
C CYS A 99 17.67 -12.89 -8.99
N LYS A 100 17.29 -13.34 -7.79
CA LYS A 100 15.91 -13.20 -7.34
C LYS A 100 15.53 -11.74 -7.14
N TYR A 101 16.35 -10.99 -6.42
CA TYR A 101 16.04 -9.61 -6.10
C TYR A 101 16.29 -8.66 -7.28
N CYS A 102 17.18 -9.02 -8.21
CA CYS A 102 17.41 -8.16 -9.36
C CYS A 102 16.28 -8.22 -10.36
N ILE A 103 15.65 -9.39 -10.50
CA ILE A 103 14.51 -9.51 -11.41
C ILE A 103 13.33 -8.71 -10.90
N GLU A 104 13.15 -8.68 -9.58
CA GLU A 104 12.06 -7.93 -8.95
C GLU A 104 12.42 -6.47 -8.72
N HIS A 105 13.48 -5.97 -9.36
CA HIS A 105 13.89 -4.57 -9.29
C HIS A 105 14.28 -4.15 -7.87
N ASN A 106 14.87 -5.08 -7.12
CA ASN A 106 15.46 -4.77 -5.82
C ASN A 106 16.96 -5.02 -5.87
N GLU A 107 17.63 -4.46 -6.88
CA GLU A 107 19.04 -4.75 -7.11
C GLU A 107 19.95 -4.30 -5.98
N ASN A 108 19.48 -3.45 -5.07
CA ASN A 108 20.29 -3.13 -3.91
C ASN A 108 20.48 -4.33 -3.00
N GLN A 109 19.59 -5.32 -3.08
CA GLN A 109 19.71 -6.58 -2.35
C GLN A 109 20.23 -7.71 -3.24
N CYS A 110 21.02 -7.36 -4.26
CA CYS A 110 21.53 -8.37 -5.19
C CYS A 110 22.39 -9.40 -4.47
N THR A 111 22.17 -10.67 -4.80
CA THR A 111 22.97 -11.73 -4.21
C THR A 111 24.42 -11.64 -4.66
N ASP A 112 24.65 -11.34 -5.94
CA ASP A 112 25.99 -11.23 -6.51
C ASP A 112 26.24 -9.75 -6.85
N MET A 113 26.47 -8.94 -5.83
CA MET A 113 26.59 -7.50 -5.96
C MET A 113 28.04 -7.07 -5.85
N ARG A 114 28.43 -6.10 -6.68
CA ARG A 114 29.76 -5.50 -6.64
C ARG A 114 29.60 -4.01 -6.34
N PHE A 115 30.09 -3.59 -5.18
CA PHE A 115 29.99 -2.21 -4.71
C PHE A 115 31.37 -1.64 -4.47
N PHE A 116 31.57 -0.38 -4.86
CA PHE A 116 32.88 0.24 -4.76
C PHE A 116 33.35 0.32 -3.30
N GLY A 117 34.57 -0.12 -3.07
CA GLY A 117 35.20 0.02 -1.76
C GLY A 117 34.46 -0.67 -0.64
N SER A 118 34.03 -1.91 -0.86
CA SER A 118 33.32 -2.70 0.15
C SER A 118 34.11 -3.95 0.47
N ALA A 119 34.33 -4.18 1.76
CA ALA A 119 35.01 -5.38 2.22
C ALA A 119 34.05 -6.54 2.47
N MET A 120 32.80 -6.43 2.00
CA MET A 120 31.83 -7.51 2.13
C MET A 120 32.12 -8.68 1.21
N TYR A 121 33.10 -8.55 0.31
CA TYR A 121 33.34 -9.56 -0.71
C TYR A 121 34.83 -9.89 -0.76
N PHE A 122 35.14 -11.05 -1.33
CA PHE A 122 36.54 -11.46 -1.50
C PHE A 122 36.75 -12.05 -2.89
N PRO A 123 37.69 -11.50 -3.69
CA PRO A 123 38.51 -10.33 -3.34
C PRO A 123 37.70 -9.04 -3.31
N HIS A 124 38.11 -8.10 -2.45
CA HIS A 124 37.34 -6.88 -2.26
C HIS A 124 37.22 -6.09 -3.55
N VAL A 125 36.06 -5.46 -3.74
CA VAL A 125 35.83 -4.65 -4.93
C VAL A 125 36.55 -3.33 -4.77
N ASP A 126 37.38 -2.99 -5.75
CA ASP A 126 38.17 -1.76 -5.69
C ASP A 126 37.26 -0.53 -5.75
N GLY A 127 37.63 0.50 -5.00
CA GLY A 127 36.87 1.73 -4.95
C GLY A 127 37.17 2.64 -6.12
N GLY A 128 36.69 3.88 -6.00
CA GLY A 128 36.75 4.80 -7.11
C GLY A 128 37.83 5.87 -6.96
N PHE A 129 38.49 5.90 -5.80
CA PHE A 129 39.55 6.87 -5.53
C PHE A 129 40.78 6.49 -6.35
N THR A 130 40.71 6.74 -7.65
CA THR A 130 41.80 6.47 -8.56
C THR A 130 41.71 7.42 -9.75
N ARG A 131 42.87 7.84 -10.25
CA ARG A 131 42.89 8.84 -11.31
C ARG A 131 42.22 8.31 -12.58
N TYR A 132 42.43 7.03 -12.90
CA TYR A 132 41.78 6.38 -14.02
C TYR A 132 41.19 5.05 -13.56
N LYS A 133 39.96 4.77 -13.99
CA LYS A 133 39.29 3.53 -13.63
C LYS A 133 38.42 3.07 -14.80
N MET A 134 38.48 1.77 -15.09
CA MET A 134 37.63 1.18 -16.11
C MET A 134 36.39 0.63 -15.44
N VAL A 135 35.22 0.99 -16.00
CA VAL A 135 33.94 0.72 -15.36
C VAL A 135 32.94 0.25 -16.40
N GLU A 136 31.85 -0.35 -15.93
CA GLU A 136 30.78 -0.78 -16.83
C GLU A 136 30.07 0.44 -17.40
N THR A 137 29.60 0.30 -18.66
CA THR A 137 28.96 1.42 -19.33
C THR A 137 27.67 1.83 -18.62
N SER A 138 26.94 0.85 -18.08
CA SER A 138 25.70 1.15 -17.37
C SER A 138 25.94 1.95 -16.09
N GLN A 139 27.16 1.91 -15.55
CA GLN A 139 27.48 2.65 -14.33
C GLN A 139 27.76 4.13 -14.58
N CYS A 140 27.82 4.56 -15.84
CA CYS A 140 28.09 5.95 -16.18
C CYS A 140 26.76 6.67 -16.39
N VAL A 141 26.48 7.65 -15.54
CA VAL A 141 25.25 8.45 -15.60
C VAL A 141 25.65 9.86 -16.02
N PRO A 142 25.31 10.30 -17.23
CA PRO A 142 25.74 11.63 -17.68
C PRO A 142 24.97 12.74 -16.99
N TYR A 143 25.62 13.89 -16.88
CA TYR A 143 25.02 15.11 -16.39
C TYR A 143 25.60 16.28 -17.18
N PRO A 144 24.85 17.36 -17.34
CA PRO A 144 25.34 18.48 -18.15
C PRO A 144 26.61 19.09 -17.56
N ALA A 145 27.56 19.40 -18.44
CA ALA A 145 28.87 19.90 -18.02
C ALA A 145 28.77 21.26 -17.34
N LYS A 146 27.67 21.98 -17.54
CA LYS A 146 27.46 23.25 -16.83
C LYS A 146 27.36 23.05 -15.33
N ALA A 147 26.92 21.87 -14.88
CA ALA A 147 26.71 21.65 -13.46
C ALA A 147 28.02 21.75 -12.68
N ASP A 148 27.90 22.09 -11.39
CA ASP A 148 29.06 22.29 -10.54
C ASP A 148 29.68 20.94 -10.17
N GLU A 149 31.01 20.86 -10.25
CA GLU A 149 31.69 19.63 -9.90
C GLU A 149 31.56 19.32 -8.41
N LYS A 150 31.57 20.36 -7.58
CA LYS A 150 31.43 20.16 -6.14
C LYS A 150 30.03 19.72 -5.77
N VAL A 151 29.01 20.11 -6.55
CA VAL A 151 27.64 19.74 -6.24
C VAL A 151 27.36 18.31 -6.68
N MET A 152 27.84 17.91 -7.87
CA MET A 152 27.54 16.60 -8.39
C MET A 152 28.24 15.49 -7.61
N ALA A 153 29.28 15.81 -6.84
CA ALA A 153 29.97 14.80 -6.06
C ALA A 153 29.11 14.24 -4.93
N PHE A 154 27.99 14.88 -4.62
CA PHE A 154 27.06 14.41 -3.60
C PHE A 154 26.03 13.42 -4.15
N ALA A 155 26.26 12.87 -5.33
CA ALA A 155 25.27 12.02 -5.98
C ALA A 155 25.02 10.74 -5.18
N GLU A 156 26.09 10.07 -4.75
CA GLU A 156 25.93 8.80 -4.04
C GLU A 156 25.28 9.00 -2.66
N PRO A 157 25.74 9.90 -1.79
CA PRO A 157 25.05 10.04 -0.50
C PRO A 157 23.64 10.55 -0.61
N LEU A 158 23.34 11.39 -1.61
CA LEU A 158 21.97 11.82 -1.84
C LEU A 158 21.09 10.66 -2.28
N ALA A 159 21.64 9.77 -3.12
CA ALA A 159 20.88 8.60 -3.53
C ALA A 159 20.56 7.69 -2.35
N VAL A 160 21.47 7.63 -1.37
CA VAL A 160 21.20 6.88 -0.15
C VAL A 160 20.07 7.55 0.64
N ALA A 161 20.04 8.89 0.65
CA ALA A 161 19.02 9.61 1.40
C ALA A 161 17.65 9.46 0.75
N ILE A 162 17.59 9.55 -0.57
CA ILE A 162 16.30 9.43 -1.26
C ILE A 162 15.73 8.03 -1.09
N HIS A 163 16.59 7.01 -1.14
CA HIS A 163 16.13 5.64 -0.92
C HIS A 163 15.60 5.46 0.49
N ALA A 164 16.25 6.10 1.47
CA ALA A 164 15.77 6.01 2.85
C ALA A 164 14.43 6.72 3.01
N ALA A 165 14.24 7.85 2.33
CA ALA A 165 12.97 8.55 2.40
C ALA A 165 11.85 7.74 1.77
N HIS A 166 12.15 6.98 0.71
CA HIS A 166 11.13 6.15 0.09
C HIS A 166 10.74 4.95 0.93
N GLN A 167 11.58 4.55 1.88
CA GLN A 167 11.19 3.49 2.81
C GLN A 167 10.11 3.94 3.77
N ALA A 168 9.97 5.25 3.99
CA ALA A 168 8.99 5.78 4.91
C ALA A 168 7.56 5.56 4.43
N GLY A 169 7.36 5.38 3.12
CA GLY A 169 6.03 5.30 2.57
C GLY A 169 5.51 6.66 2.15
N GLU A 170 4.25 6.96 2.44
CA GLU A 170 3.69 8.26 2.11
C GLU A 170 4.30 9.34 2.99
N LEU A 171 4.86 10.38 2.36
CA LEU A 171 5.47 11.48 3.06
C LEU A 171 4.75 12.81 2.88
N GLN A 172 3.82 12.90 1.93
CA GLN A 172 3.13 14.16 1.66
C GLN A 172 2.27 14.56 2.84
N GLY A 173 2.56 15.73 3.41
CA GLY A 173 1.78 16.24 4.53
C GLY A 173 2.05 15.56 5.85
N LYS A 174 3.19 14.89 5.99
CA LYS A 174 3.51 14.13 7.19
C LYS A 174 4.48 14.91 8.09
N ARG A 175 4.58 14.45 9.33
CA ARG A 175 5.49 15.00 10.33
C ARG A 175 6.64 14.03 10.52
N VAL A 176 7.84 14.43 10.10
CA VAL A 176 9.01 13.56 10.11
C VAL A 176 9.97 14.02 11.20
N PHE A 177 10.63 13.05 11.83
CA PHE A 177 11.65 13.30 12.83
C PHE A 177 12.94 12.62 12.38
N ILE A 178 14.03 13.38 12.34
CA ILE A 178 15.30 12.91 11.81
C ILE A 178 16.33 13.03 12.92
N SER A 179 16.68 11.90 13.51
CA SER A 179 17.65 11.84 14.60
C SER A 179 19.02 11.52 14.03
N GLY A 180 19.99 12.40 14.29
CA GLY A 180 21.30 12.29 13.66
C GLY A 180 21.32 13.05 12.35
N VAL A 181 21.81 14.28 12.39
CA VAL A 181 21.71 15.16 11.21
C VAL A 181 23.10 15.41 10.64
N GLY A 182 23.86 14.34 10.43
CA GLY A 182 25.12 14.42 9.74
C GLY A 182 24.91 14.65 8.26
N PRO A 183 25.93 14.33 7.45
CA PRO A 183 25.76 14.48 5.99
C PRO A 183 24.59 13.68 5.44
N ILE A 184 24.47 12.41 5.82
CA ILE A 184 23.34 11.60 5.38
C ILE A 184 22.04 12.13 5.97
N GLY A 185 22.06 12.50 7.25
CA GLY A 185 20.86 13.02 7.87
C GLY A 185 20.41 14.34 7.26
N CYS A 186 21.36 15.21 6.90
CA CYS A 186 21.01 16.48 6.27
C CYS A 186 20.39 16.25 4.90
N LEU A 187 20.93 15.32 4.12
CA LEU A 187 20.36 15.04 2.82
C LEU A 187 18.98 14.40 2.94
N ILE A 188 18.72 13.69 4.05
CA ILE A 188 17.37 13.19 4.30
C ILE A 188 16.43 14.34 4.63
N VAL A 189 16.92 15.34 5.37
CA VAL A 189 16.13 16.54 5.62
C VAL A 189 15.72 17.18 4.29
N SER A 190 16.66 17.30 3.37
CA SER A 190 16.35 17.87 2.06
C SER A 190 15.49 16.93 1.23
N ALA A 191 15.58 15.62 1.45
CA ALA A 191 14.82 14.67 0.65
C ALA A 191 13.32 14.75 0.98
N VAL A 192 12.98 14.54 2.26
CA VAL A 192 11.57 14.55 2.64
C VAL A 192 10.98 15.95 2.50
N LYS A 193 11.80 16.99 2.59
CA LYS A 193 11.34 18.35 2.31
C LYS A 193 10.82 18.46 0.89
N THR A 194 11.59 17.95 -0.07
CA THR A 194 11.17 17.99 -1.46
C THR A 194 10.00 17.04 -1.72
N LEU A 195 9.97 15.91 -1.03
CA LEU A 195 8.92 14.91 -1.24
C LEU A 195 7.60 15.29 -0.61
N GLY A 196 7.53 16.39 0.13
CA GLY A 196 6.28 16.91 0.63
C GLY A 196 6.03 16.80 2.13
N ALA A 197 7.06 16.66 2.94
CA ALA A 197 6.86 16.60 4.39
C ALA A 197 6.32 17.93 4.90
N ALA A 198 5.31 17.86 5.76
CA ALA A 198 4.68 19.07 6.26
C ALA A 198 5.48 19.72 7.38
N GLU A 199 6.26 18.94 8.12
CA GLU A 199 7.06 19.46 9.22
C GLU A 199 8.26 18.56 9.45
N ILE A 200 9.45 19.14 9.47
CA ILE A 200 10.70 18.41 9.61
C ILE A 200 11.39 18.89 10.89
N VAL A 201 11.57 17.97 11.83
CA VAL A 201 12.26 18.25 13.09
C VAL A 201 13.47 17.34 13.17
N CYS A 202 14.65 17.93 13.23
CA CYS A 202 15.90 17.20 13.34
C CYS A 202 16.49 17.39 14.73
N ALA A 203 17.22 16.37 15.18
CA ALA A 203 17.80 16.38 16.52
C ALA A 203 19.22 15.83 16.47
N ASP A 204 20.13 16.50 17.17
CA ASP A 204 21.51 16.06 17.28
C ASP A 204 22.16 16.76 18.47
N VAL A 205 23.26 16.20 18.95
CA VAL A 205 23.95 16.77 20.10
C VAL A 205 24.80 17.95 19.68
N SER A 206 25.44 17.87 18.52
CA SER A 206 26.32 18.94 18.06
C SER A 206 25.50 20.11 17.54
N PRO A 207 25.64 21.32 18.10
CA PRO A 207 24.94 22.48 17.54
C PRO A 207 25.41 22.84 16.14
N ARG A 208 26.62 22.44 15.76
CA ARG A 208 27.09 22.67 14.39
C ARG A 208 26.24 21.89 13.39
N SER A 209 25.92 20.63 13.70
CA SER A 209 25.11 19.82 12.79
C SER A 209 23.68 20.32 12.74
N LEU A 210 23.14 20.78 13.87
CA LEU A 210 21.80 21.37 13.88
C LEU A 210 21.75 22.63 13.01
N SER A 211 22.83 23.40 13.00
CA SER A 211 22.89 24.57 12.13
C SER A 211 22.92 24.19 10.66
N LEU A 212 23.50 23.03 10.35
CA LEU A 212 23.50 22.55 8.96
C LEU A 212 22.12 22.03 8.56
N GLY A 213 21.37 21.47 9.51
CA GLY A 213 20.04 20.98 9.20
C GLY A 213 19.06 22.09 8.88
N LYS A 214 19.19 23.25 9.54
CA LYS A 214 18.30 24.36 9.26
C LYS A 214 18.47 24.85 7.82
N GLU A 215 19.70 24.91 7.33
CA GLU A 215 19.93 25.36 5.96
C GLU A 215 19.43 24.34 4.95
N MET A 216 19.40 23.07 5.32
CA MET A 216 18.91 22.02 4.43
C MET A 216 17.39 21.91 4.42
N GLY A 217 16.69 22.68 5.26
CA GLY A 217 15.23 22.73 5.24
C GLY A 217 14.55 22.31 6.52
N ALA A 218 15.27 21.98 7.59
CA ALA A 218 14.63 21.55 8.82
C ALA A 218 13.87 22.69 9.47
N ASP A 219 12.67 22.38 9.98
CA ASP A 219 11.82 23.41 10.57
C ASP A 219 12.24 23.71 12.01
N VAL A 220 12.41 22.67 12.82
CA VAL A 220 12.72 22.83 14.24
C VAL A 220 14.00 22.06 14.55
N LEU A 221 14.92 22.70 15.27
CA LEU A 221 16.16 22.09 15.70
C LEU A 221 16.06 21.70 17.17
N VAL A 222 16.69 20.58 17.53
CA VAL A 222 16.53 20.01 18.86
C VAL A 222 17.87 19.45 19.34
N ASN A 223 18.26 19.83 20.56
CA ASN A 223 19.35 19.15 21.26
C ASN A 223 18.74 18.20 22.27
N PRO A 224 18.93 16.88 22.14
CA PRO A 224 18.16 15.94 22.97
C PRO A 224 18.48 16.01 24.46
N GLN A 225 19.63 16.55 24.85
CA GLN A 225 19.96 16.60 26.27
C GLN A 225 19.51 17.90 26.92
N ASN A 226 19.58 19.02 26.18
CA ASN A 226 19.22 20.31 26.77
C ASN A 226 17.72 20.57 26.69
N ASP A 227 17.08 20.13 25.61
CA ASP A 227 15.67 20.42 25.38
C ASP A 227 14.79 19.32 25.95
N ASP A 228 13.61 19.72 26.41
CA ASP A 228 12.62 18.79 26.95
C ASP A 228 11.78 18.26 25.79
N MET A 229 11.83 16.94 25.58
CA MET A 229 11.12 16.29 24.49
C MET A 229 9.78 15.70 24.94
N ASP A 230 9.22 16.20 26.04
CA ASP A 230 7.95 15.67 26.53
C ASP A 230 6.80 15.97 25.58
N HIS A 231 6.84 17.11 24.90
CA HIS A 231 5.72 17.48 24.02
C HIS A 231 5.58 16.48 22.87
N TRP A 232 6.69 16.00 22.32
CA TRP A 232 6.63 15.07 21.20
C TRP A 232 6.43 13.63 21.64
N LYS A 233 6.47 13.34 22.93
CA LYS A 233 6.22 11.99 23.43
C LYS A 233 4.81 11.80 23.98
N ALA A 234 4.05 12.88 24.15
CA ALA A 234 2.70 12.77 24.68
C ALA A 234 1.78 12.05 23.69
N GLU A 235 0.78 11.37 24.25
CA GLU A 235 -0.19 10.60 23.46
C GLU A 235 0.50 9.55 22.59
N LYS A 236 1.45 8.84 23.20
CA LYS A 236 2.15 7.72 22.54
C LYS A 236 2.90 8.16 21.29
N GLY A 237 3.35 9.41 21.23
CA GLY A 237 4.14 9.87 20.10
C GLY A 237 3.48 10.93 19.25
N TYR A 238 4.27 11.66 18.47
CA TYR A 238 3.79 12.80 17.71
C TYR A 238 4.02 12.68 16.21
N PHE A 239 5.19 12.18 15.79
CA PHE A 239 5.58 12.19 14.38
C PHE A 239 5.08 10.95 13.66
N ASP A 240 4.69 11.12 12.40
CA ASP A 240 4.26 9.99 11.59
C ASP A 240 5.43 9.11 11.20
N VAL A 241 6.57 9.71 10.85
CA VAL A 241 7.76 8.99 10.43
C VAL A 241 8.95 9.50 11.23
N SER A 242 9.86 8.59 11.57
CA SER A 242 11.11 8.93 12.22
C SER A 242 12.27 8.31 11.45
N PHE A 243 13.35 9.07 11.30
CA PHE A 243 14.55 8.62 10.61
C PHE A 243 15.69 8.54 11.61
N GLU A 244 16.08 7.32 11.97
CA GLU A 244 17.23 7.08 12.83
C GLU A 244 18.48 6.98 11.96
N VAL A 245 19.39 7.94 12.11
CA VAL A 245 20.52 8.07 11.21
C VAL A 245 21.84 7.95 11.97
N SER A 246 21.84 8.34 13.24
CA SER A 246 23.09 8.38 14.00
C SER A 246 23.59 6.97 14.31
N GLY A 247 22.71 6.09 14.77
CA GLY A 247 23.07 4.74 15.11
C GLY A 247 23.23 4.48 16.60
N HIS A 248 23.19 5.53 17.42
CA HIS A 248 23.36 5.34 18.86
C HIS A 248 22.07 4.79 19.47
N PRO A 249 22.18 3.88 20.45
CA PRO A 249 20.97 3.29 21.03
C PRO A 249 20.03 4.31 21.66
N SER A 250 20.57 5.35 22.31
CA SER A 250 19.73 6.39 22.87
C SER A 250 18.91 7.10 21.79
N SER A 251 19.48 7.25 20.59
CA SER A 251 18.73 7.83 19.48
C SER A 251 17.66 6.89 18.97
N VAL A 252 17.90 5.58 19.04
CA VAL A 252 16.87 4.60 18.68
C VAL A 252 15.72 4.65 19.67
N ASN A 253 16.03 4.83 20.96
CA ASN A 253 14.98 4.88 21.97
C ASN A 253 14.12 6.12 21.81
N THR A 254 14.74 7.26 21.51
CA THR A 254 13.97 8.50 21.34
C THR A 254 13.04 8.41 20.14
N CYS A 255 13.49 7.78 19.05
CA CYS A 255 12.63 7.64 17.88
C CYS A 255 11.42 6.75 18.16
N LEU A 256 11.58 5.74 19.02
CA LEU A 256 10.46 4.86 19.32
C LEU A 256 9.44 5.56 20.22
N GLU A 257 9.89 6.39 21.15
CA GLU A 257 8.99 7.11 22.04
C GLU A 257 8.30 8.27 21.34
N VAL A 258 8.92 8.82 20.31
CA VAL A 258 8.46 10.07 19.70
C VAL A 258 7.57 9.76 18.51
N THR A 259 7.83 8.64 17.84
CA THR A 259 6.95 8.19 16.77
C THR A 259 5.62 7.74 17.36
N ARG A 260 4.53 8.19 16.74
CA ARG A 260 3.21 7.80 17.22
C ARG A 260 2.95 6.33 16.91
N ALA A 261 1.94 5.79 17.58
CA ALA A 261 1.60 4.38 17.43
C ALA A 261 1.25 4.08 15.99
N ARG A 262 1.67 2.91 15.51
CA ARG A 262 1.46 2.47 14.14
C ARG A 262 2.19 3.36 13.14
N GLY A 263 3.14 4.16 13.63
CA GLY A 263 3.96 5.01 12.77
C GLY A 263 5.04 4.21 12.08
N VAL A 264 5.91 4.94 11.39
CA VAL A 264 7.01 4.36 10.63
C VAL A 264 8.32 4.85 11.21
N MET A 265 9.28 3.94 11.37
CA MET A 265 10.63 4.27 11.81
C MET A 265 11.61 3.71 10.80
N VAL A 266 12.28 4.58 10.05
CA VAL A 266 13.25 4.17 9.05
C VAL A 266 14.63 4.15 9.70
N GLN A 267 15.26 2.98 9.71
CA GLN A 267 16.57 2.79 10.33
C GLN A 267 17.64 2.90 9.25
N VAL A 268 18.48 3.92 9.36
CA VAL A 268 19.53 4.19 8.39
C VAL A 268 20.92 3.94 8.98
N GLY A 269 21.17 4.47 10.18
CA GLY A 269 22.50 4.39 10.75
C GLY A 269 22.82 3.00 11.27
N MET A 270 24.04 2.55 10.97
CA MET A 270 24.54 1.26 11.45
C MET A 270 25.47 1.51 12.64
N GLY A 271 25.26 0.76 13.71
CA GLY A 271 26.05 0.94 14.91
C GLY A 271 26.22 -0.32 15.73
N GLY A 272 26.40 -1.46 15.06
CA GLY A 272 26.62 -2.72 15.75
C GLY A 272 25.33 -3.43 16.10
N ALA A 273 25.49 -4.66 16.58
CA ALA A 273 24.36 -5.46 17.04
C ALA A 273 23.76 -4.77 18.26
N MET A 274 22.70 -4.00 18.03
CA MET A 274 22.14 -3.13 19.07
C MET A 274 21.65 -3.96 20.25
N ALA A 275 22.16 -3.63 21.44
CA ALA A 275 21.83 -4.33 22.67
C ALA A 275 20.76 -3.57 23.44
N GLU A 276 20.06 -4.30 24.32
CA GLU A 276 19.01 -3.74 25.17
C GLU A 276 17.92 -3.07 24.34
N PHE A 277 17.56 -3.71 23.23
CA PHE A 277 16.54 -3.16 22.33
C PHE A 277 15.17 -3.26 22.97
N PRO A 278 14.46 -2.13 23.16
CA PRO A 278 13.10 -2.18 23.74
C PRO A 278 12.07 -2.70 22.75
N MET A 279 12.04 -4.02 22.58
CA MET A 279 11.10 -4.63 21.66
C MET A 279 9.67 -4.51 22.16
N MET A 280 9.49 -4.43 23.49
CA MET A 280 8.15 -4.27 24.05
C MET A 280 7.50 -2.98 23.57
N THR A 281 8.29 -1.92 23.41
CA THR A 281 7.75 -0.65 22.92
C THR A 281 7.31 -0.78 21.46
N LEU A 282 8.06 -1.51 20.64
CA LEU A 282 7.69 -1.69 19.25
C LEU A 282 6.44 -2.56 19.12
N ILE A 283 6.25 -3.51 20.03
CA ILE A 283 5.08 -4.37 19.98
C ILE A 283 3.83 -3.60 20.39
N GLY A 284 3.90 -2.92 21.54
CA GLY A 284 2.71 -2.29 22.08
C GLY A 284 2.16 -1.20 21.19
N LYS A 285 3.05 -0.41 20.57
CA LYS A 285 2.64 0.68 19.69
C LYS A 285 2.57 0.27 18.22
N GLU A 286 3.07 -0.92 17.89
CA GLU A 286 2.99 -1.47 16.52
C GLU A 286 3.69 -0.57 15.52
N ILE A 287 4.89 -0.13 15.86
CA ILE A 287 5.68 0.70 14.95
C ILE A 287 6.24 -0.17 13.83
N SER A 288 6.15 0.32 12.60
CA SER A 288 6.70 -0.37 11.45
C SER A 288 8.15 0.07 11.30
N LEU A 289 9.07 -0.80 11.72
CA LEU A 289 10.51 -0.52 11.69
C LEU A 289 11.09 -1.08 10.39
N ARG A 290 11.46 -0.18 9.48
CA ARG A 290 11.97 -0.56 8.18
C ARG A 290 13.45 -0.19 8.07
N GLY A 291 14.20 -1.02 7.37
CA GLY A 291 15.61 -0.77 7.14
C GLY A 291 15.85 -0.16 5.78
N SER A 292 16.90 0.64 5.68
CA SER A 292 17.30 1.28 4.44
C SER A 292 18.75 0.94 4.15
N PHE A 293 19.03 0.40 2.97
CA PHE A 293 20.36 -0.06 2.60
C PHE A 293 20.69 0.43 1.19
N ARG A 294 21.60 1.39 1.11
CA ARG A 294 22.16 1.89 -0.15
C ARG A 294 21.02 2.47 -0.99
N PHE A 295 20.85 2.06 -2.25
CA PHE A 295 19.91 2.68 -3.17
C PHE A 295 19.73 1.75 -4.36
N THR A 296 18.77 2.08 -5.21
CA THR A 296 18.48 1.26 -6.39
C THR A 296 18.45 2.14 -7.64
N SER A 297 17.32 2.79 -7.90
CA SER A 297 17.15 3.65 -9.05
C SER A 297 17.21 5.13 -8.69
N GLU A 298 17.36 5.46 -7.41
CA GLU A 298 17.42 6.85 -6.98
C GLU A 298 18.74 7.52 -7.33
N PHE A 299 19.74 6.75 -7.80
CA PHE A 299 21.00 7.37 -8.20
C PHE A 299 20.79 8.25 -9.43
N ASN A 300 20.04 7.76 -10.42
CA ASN A 300 19.68 8.60 -11.56
C ASN A 300 18.83 9.79 -11.11
N THR A 301 18.00 9.60 -10.09
CA THR A 301 17.21 10.71 -9.57
C THR A 301 18.10 11.70 -8.84
N ALA A 302 19.09 11.21 -8.08
CA ALA A 302 19.98 12.10 -7.35
C ALA A 302 20.82 12.95 -8.30
N VAL A 303 21.31 12.35 -9.37
CA VAL A 303 22.07 13.11 -10.37
C VAL A 303 21.18 14.17 -11.01
N SER A 304 19.91 13.85 -11.23
CA SER A 304 18.99 14.82 -11.82
C SER A 304 18.63 15.90 -10.82
N TRP A 305 18.53 15.56 -9.53
CA TRP A 305 18.24 16.56 -8.51
C TRP A 305 19.37 17.57 -8.40
N LEU A 306 20.63 17.12 -8.44
CA LEU A 306 21.76 18.01 -8.26
C LEU A 306 22.04 18.84 -9.52
N ALA A 307 21.80 18.27 -10.70
CA ALA A 307 22.08 19.00 -11.93
C ALA A 307 21.09 20.14 -12.15
N ASN A 308 19.85 19.98 -11.68
CA ASN A 308 18.82 20.99 -11.85
C ASN A 308 18.59 21.82 -10.60
N GLY A 309 19.46 21.69 -9.59
CA GLY A 309 19.37 22.52 -8.40
C GLY A 309 18.15 22.28 -7.55
N VAL A 310 17.64 21.04 -7.51
CA VAL A 310 16.53 20.72 -6.61
C VAL A 310 16.96 20.92 -5.16
N ILE A 311 18.19 20.52 -4.84
CA ILE A 311 18.76 20.73 -3.52
C ILE A 311 20.23 21.11 -3.70
N ASN A 312 20.70 22.05 -2.88
CA ASN A 312 22.08 22.49 -2.94
C ASN A 312 22.85 21.93 -1.75
N PRO A 313 23.77 21.00 -1.94
CA PRO A 313 24.49 20.38 -0.81
C PRO A 313 25.76 21.11 -0.38
N LEU A 314 26.10 22.22 -1.01
CA LEU A 314 27.32 22.97 -0.71
C LEU A 314 27.48 23.33 0.76
N PRO A 315 26.41 23.65 1.51
CA PRO A 315 26.58 23.85 2.95
C PRO A 315 27.19 22.67 3.69
N LEU A 316 27.18 21.48 3.10
CA LEU A 316 27.78 20.30 3.73
C LEU A 316 29.25 20.13 3.40
N LEU A 317 29.73 20.76 2.32
CA LEU A 317 31.14 20.67 1.96
C LEU A 317 31.97 21.46 2.97
N SER A 318 32.89 20.77 3.64
CA SER A 318 33.73 21.39 4.67
C SER A 318 35.12 21.74 4.17
N ALA A 319 35.72 20.87 3.35
CA ALA A 319 37.08 21.11 2.88
C ALA A 319 37.31 20.33 1.59
N GLU A 320 38.22 20.83 0.77
CA GLU A 320 38.65 20.19 -0.45
C GLU A 320 40.13 19.82 -0.32
N TYR A 321 40.46 18.57 -0.62
CA TYR A 321 41.83 18.10 -0.55
C TYR A 321 42.22 17.44 -1.86
N PRO A 322 43.44 17.69 -2.35
CA PRO A 322 43.95 16.88 -3.45
C PRO A 322 44.21 15.45 -2.97
N PHE A 323 43.98 14.50 -3.87
CA PHE A 323 44.11 13.09 -3.50
C PHE A 323 45.52 12.72 -3.06
N THR A 324 46.51 13.59 -3.31
CA THR A 324 47.86 13.33 -2.83
C THR A 324 47.90 13.32 -1.30
N ASP A 325 47.23 14.28 -0.66
CA ASP A 325 47.17 14.33 0.80
C ASP A 325 46.02 13.46 1.31
N LEU A 326 46.17 12.15 1.06
CA LEU A 326 45.10 11.20 1.39
C LEU A 326 44.94 11.07 2.90
N GLU A 327 46.02 10.71 3.61
CA GLU A 327 45.92 10.53 5.05
C GLU A 327 45.68 11.86 5.78
N GLU A 328 46.06 12.98 5.16
CA GLU A 328 45.75 14.29 5.72
C GLU A 328 44.24 14.54 5.71
N ALA A 329 43.56 14.14 4.63
CA ALA A 329 42.13 14.40 4.52
C ALA A 329 41.32 13.47 5.43
N LEU A 330 41.76 12.21 5.55
CA LEU A 330 41.03 11.26 6.38
C LEU A 330 41.12 11.64 7.86
N ARG A 331 42.27 12.17 8.29
CA ARG A 331 42.36 12.68 9.65
C ARG A 331 41.43 13.86 9.86
N PHE A 332 41.31 14.74 8.86
CA PHE A 332 40.42 15.89 8.98
C PHE A 332 38.96 15.49 8.84
N ALA A 333 38.66 14.46 8.05
CA ALA A 333 37.29 14.01 7.89
C ALA A 333 36.77 13.30 9.13
N GLY A 334 37.66 12.59 9.85
CA GLY A 334 37.26 11.92 11.07
C GLY A 334 36.95 12.84 12.23
N ASP A 335 37.34 14.11 12.13
CA ASP A 335 37.07 15.10 13.18
C ASP A 335 35.67 15.68 12.94
N LYS A 336 34.71 15.27 13.77
CA LYS A 336 33.34 15.74 13.62
C LYS A 336 33.18 17.21 14.00
N THR A 337 34.13 17.76 14.77
CA THR A 337 34.01 19.15 15.20
C THR A 337 34.25 20.12 14.05
N GLN A 338 35.05 19.73 13.07
CA GLN A 338 35.42 20.62 11.97
C GLN A 338 34.89 20.21 10.60
N ALA A 339 34.40 18.99 10.43
CA ALA A 339 34.10 18.48 9.10
C ALA A 339 32.73 17.83 9.07
N ALA A 340 32.07 17.96 7.91
CA ALA A 340 30.86 17.20 7.61
C ALA A 340 31.11 16.27 6.43
N LYS A 341 31.25 16.81 5.23
CA LYS A 341 31.61 16.04 4.04
C LYS A 341 32.91 16.60 3.47
N VAL A 342 33.89 15.74 3.25
CA VAL A 342 35.18 16.12 2.72
C VAL A 342 35.35 15.50 1.34
N GLN A 343 35.84 16.29 0.39
CA GLN A 343 35.99 15.84 -0.99
C GLN A 343 37.46 15.72 -1.36
N LEU A 344 37.77 14.73 -2.20
CA LEU A 344 39.09 14.56 -2.79
C LEU A 344 39.01 14.91 -4.27
N VAL A 345 39.90 15.78 -4.72
CA VAL A 345 39.95 16.21 -6.12
C VAL A 345 41.15 15.54 -6.78
N PHE A 346 40.96 15.14 -8.04
CA PHE A 346 42.00 14.42 -8.78
C PHE A 346 42.46 15.21 -10.00
N ASN B 2 -16.02 47.55 15.83
CA ASN B 2 -16.68 48.53 14.96
C ASN B 2 -16.27 48.32 13.51
N ALA B 3 -16.88 49.07 12.61
CA ALA B 3 -16.67 48.86 11.18
C ALA B 3 -15.42 49.59 10.68
N MET B 4 -14.98 49.21 9.48
CA MET B 4 -13.87 49.86 8.80
C MET B 4 -13.90 49.47 7.33
N GLN B 5 -14.72 50.15 6.55
CA GLN B 5 -14.95 49.75 5.17
C GLN B 5 -13.71 49.96 4.31
N VAL B 6 -13.48 49.02 3.39
CA VAL B 6 -12.39 49.10 2.42
C VAL B 6 -12.98 48.85 1.04
N LYS B 7 -12.66 49.72 0.09
CA LYS B 7 -13.14 49.58 -1.28
C LYS B 7 -12.14 48.79 -2.11
N THR B 8 -12.67 48.08 -3.11
CA THR B 8 -11.85 47.25 -3.97
C THR B 8 -12.49 47.15 -5.34
N GLN B 9 -11.66 46.85 -6.34
CA GLN B 9 -12.10 46.61 -7.70
C GLN B 9 -11.94 45.13 -8.01
N SER B 10 -13.02 44.49 -8.48
CA SER B 10 -13.06 43.05 -8.64
C SER B 10 -13.31 42.67 -10.09
N CYS B 11 -12.74 41.54 -10.49
CA CYS B 11 -12.96 40.97 -11.82
C CYS B 11 -14.16 40.02 -11.74
N VAL B 12 -15.27 40.42 -12.36
CA VAL B 12 -16.55 39.75 -12.17
C VAL B 12 -17.07 39.24 -13.51
N VAL B 13 -17.65 38.05 -13.50
CA VAL B 13 -18.39 37.51 -14.63
C VAL B 13 -19.85 37.37 -14.22
N ALA B 14 -20.75 37.78 -15.12
CA ALA B 14 -22.18 37.69 -14.86
C ALA B 14 -22.88 36.68 -15.75
N GLY B 15 -22.21 36.17 -16.78
CA GLY B 15 -22.83 35.21 -17.68
C GLY B 15 -21.90 34.91 -18.83
N LYS B 16 -22.45 34.23 -19.83
CA LYS B 16 -21.70 33.86 -21.02
C LYS B 16 -21.24 35.11 -21.76
N LYS B 17 -19.93 35.30 -21.86
CA LYS B 17 -19.31 36.42 -22.55
C LYS B 17 -19.64 37.77 -21.93
N THR B 18 -20.14 37.77 -20.70
CA THR B 18 -20.46 39.00 -19.97
C THR B 18 -19.46 39.13 -18.83
N VAL B 19 -18.55 40.09 -18.94
CA VAL B 19 -17.44 40.23 -18.01
C VAL B 19 -17.14 41.72 -17.83
N ALA B 20 -16.93 42.13 -16.57
CA ALA B 20 -16.68 43.53 -16.27
C ALA B 20 -15.78 43.64 -15.04
N VAL B 21 -15.37 44.87 -14.74
CA VAL B 21 -14.61 45.19 -13.54
C VAL B 21 -15.46 46.14 -12.71
N THR B 22 -15.88 45.68 -11.54
CA THR B 22 -16.80 46.42 -10.69
C THR B 22 -16.11 46.82 -9.39
N GLU B 23 -16.63 47.88 -8.78
CA GLU B 23 -16.15 48.36 -7.48
C GLU B 23 -17.04 47.79 -6.39
N GLN B 24 -16.41 47.22 -5.35
CA GLN B 24 -17.13 46.62 -4.24
C GLN B 24 -16.53 47.09 -2.93
N THR B 25 -17.23 46.79 -1.83
CA THR B 25 -16.82 47.22 -0.50
C THR B 25 -16.91 46.05 0.46
N ILE B 26 -15.83 45.79 1.18
CA ILE B 26 -15.78 44.75 2.20
C ILE B 26 -15.54 45.41 3.55
N ASP B 27 -16.16 44.85 4.59
CA ASP B 27 -16.10 45.42 5.93
C ASP B 27 -15.04 44.67 6.73
N TRP B 28 -13.88 45.30 6.89
CA TRP B 28 -12.82 44.72 7.70
C TRP B 28 -13.20 44.76 9.18
N ASN B 29 -13.22 43.60 9.82
CA ASN B 29 -13.68 43.51 11.21
C ASN B 29 -12.72 42.70 12.08
N ASN B 30 -11.44 42.63 11.69
CA ASN B 30 -10.42 41.90 12.44
C ASN B 30 -10.78 40.43 12.62
N ASN B 31 -11.50 39.86 11.65
CA ASN B 31 -11.85 38.44 11.62
C ASN B 31 -11.29 37.86 10.33
N GLY B 32 -10.21 37.09 10.44
CA GLY B 32 -9.55 36.56 9.27
C GLY B 32 -8.30 37.33 8.92
N THR B 33 -8.09 37.61 7.63
CA THR B 33 -6.91 38.35 7.20
C THR B 33 -7.24 39.12 5.93
N LEU B 34 -7.09 40.44 6.00
CA LEU B 34 -7.23 41.28 4.81
C LEU B 34 -5.92 41.28 4.03
N VAL B 35 -5.97 40.88 2.77
CA VAL B 35 -4.78 40.74 1.94
C VAL B 35 -4.93 41.63 0.71
N GLN B 36 -3.80 42.21 0.29
CA GLN B 36 -3.75 42.98 -0.96
C GLN B 36 -3.26 42.07 -2.06
N ILE B 37 -4.16 41.70 -2.98
CA ILE B 37 -3.81 40.82 -4.08
C ILE B 37 -2.89 41.57 -5.05
N THR B 38 -1.82 40.91 -5.46
CA THR B 38 -0.84 41.49 -6.36
C THR B 38 -0.77 40.81 -7.72
N ARG B 39 -1.08 39.52 -7.79
CA ARG B 39 -0.92 38.78 -9.02
C ARG B 39 -1.80 37.55 -8.99
N GLY B 40 -2.45 37.25 -10.11
CA GLY B 40 -3.35 36.13 -10.22
C GLY B 40 -3.09 35.34 -11.48
N GLY B 41 -3.56 34.10 -11.48
CA GLY B 41 -3.41 33.21 -12.63
C GLY B 41 -4.76 32.80 -13.18
N ILE B 42 -4.91 32.94 -14.49
CA ILE B 42 -6.14 32.58 -15.18
C ILE B 42 -6.14 31.09 -15.47
N CYS B 43 -7.14 30.37 -14.96
CA CYS B 43 -7.22 28.93 -15.13
C CYS B 43 -8.29 28.59 -16.18
N GLY B 44 -8.44 27.30 -16.45
CA GLY B 44 -9.42 26.86 -17.43
C GLY B 44 -10.86 27.05 -16.97
N SER B 45 -11.09 27.06 -15.65
CA SER B 45 -12.45 27.28 -15.16
C SER B 45 -12.90 28.71 -15.44
N ASP B 46 -11.99 29.69 -15.32
CA ASP B 46 -12.31 31.06 -15.66
C ASP B 46 -12.60 31.21 -17.15
N LEU B 47 -11.90 30.44 -17.99
CA LEU B 47 -12.16 30.49 -19.42
C LEU B 47 -13.57 30.01 -19.75
N HIS B 48 -13.99 28.88 -19.14
CA HIS B 48 -15.29 28.33 -19.43
C HIS B 48 -16.41 29.18 -18.84
N TYR B 49 -16.14 29.91 -17.77
CA TYR B 49 -17.14 30.84 -17.23
C TYR B 49 -17.33 32.03 -18.16
N TYR B 50 -16.29 32.44 -18.88
CA TYR B 50 -16.38 33.53 -19.83
C TYR B 50 -16.88 33.08 -21.20
N GLN B 51 -16.43 31.91 -21.67
CA GLN B 51 -16.79 31.46 -23.00
C GLN B 51 -18.19 30.86 -23.05
N GLU B 52 -18.62 30.19 -21.99
CA GLU B 52 -19.92 29.52 -21.97
C GLU B 52 -20.77 29.84 -20.75
N GLY B 53 -20.25 30.55 -19.75
CA GLY B 53 -21.02 30.84 -18.56
C GLY B 53 -21.32 29.65 -17.70
N LYS B 54 -20.49 28.60 -17.77
CA LYS B 54 -20.72 27.39 -16.99
C LYS B 54 -19.45 26.55 -17.02
N VAL B 55 -19.29 25.73 -15.98
CA VAL B 55 -18.23 24.72 -15.92
C VAL B 55 -18.93 23.38 -15.66
N GLY B 56 -18.95 22.53 -16.67
CA GLY B 56 -19.71 21.29 -16.55
C GLY B 56 -21.20 21.60 -16.56
N ASN B 57 -21.90 21.15 -15.52
CA ASN B 57 -23.32 21.42 -15.38
C ASN B 57 -23.62 22.56 -14.40
N PHE B 58 -22.58 23.20 -13.85
CA PHE B 58 -22.76 24.30 -12.92
C PHE B 58 -22.67 25.62 -13.68
N MET B 59 -23.76 26.38 -13.67
CA MET B 59 -23.86 27.61 -14.44
C MET B 59 -23.75 28.83 -13.54
N ILE B 60 -23.44 29.96 -14.15
CA ILE B 60 -23.38 31.24 -13.46
C ILE B 60 -24.78 31.82 -13.39
N LYS B 61 -25.33 31.89 -12.17
CA LYS B 61 -26.67 32.45 -11.97
C LYS B 61 -26.64 33.86 -11.39
N ALA B 62 -25.47 34.37 -11.02
CA ALA B 62 -25.34 35.69 -10.44
C ALA B 62 -23.90 36.16 -10.63
N PRO B 63 -23.66 37.48 -10.60
CA PRO B 63 -22.30 37.98 -10.77
C PRO B 63 -21.35 37.39 -9.73
N MET B 64 -20.20 36.90 -10.20
CA MET B 64 -19.24 36.20 -9.35
C MET B 64 -17.83 36.70 -9.67
N VAL B 65 -17.03 36.88 -8.63
CA VAL B 65 -15.63 37.23 -8.82
C VAL B 65 -14.87 36.01 -9.33
N LEU B 66 -13.95 36.24 -10.26
CA LEU B 66 -13.22 35.15 -10.91
C LEU B 66 -11.91 34.86 -10.19
N GLY B 67 -11.24 33.80 -10.64
CA GLY B 67 -9.89 33.49 -10.20
C GLY B 67 -9.79 32.64 -8.94
N HIS B 68 -8.85 31.68 -8.96
CA HIS B 68 -8.56 30.91 -7.76
C HIS B 68 -7.07 30.62 -7.61
N GLU B 69 -6.21 31.28 -8.37
CA GLU B 69 -4.76 31.16 -8.28
C GLU B 69 -4.20 32.57 -8.04
N VAL B 70 -4.17 33.00 -6.78
CA VAL B 70 -3.82 34.36 -6.45
C VAL B 70 -2.73 34.39 -5.38
N ILE B 71 -1.95 35.47 -5.38
CA ILE B 71 -0.95 35.75 -4.36
C ILE B 71 -1.08 37.22 -3.97
N GLY B 72 -0.41 37.60 -2.90
CA GLY B 72 -0.48 38.98 -2.46
C GLY B 72 0.28 39.22 -1.17
N LYS B 73 -0.02 40.37 -0.54
CA LYS B 73 0.59 40.78 0.71
C LYS B 73 -0.47 40.91 1.78
N VAL B 74 -0.04 40.79 3.04
CA VAL B 74 -0.94 40.88 4.18
C VAL B 74 -1.07 42.34 4.59
N ILE B 75 -2.31 42.84 4.63
CA ILE B 75 -2.58 44.20 5.06
C ILE B 75 -2.80 44.20 6.57
N HIS B 76 -3.83 43.49 7.02
CA HIS B 76 -4.10 43.30 8.44
C HIS B 76 -4.44 41.85 8.70
N SER B 77 -4.04 41.35 9.87
CA SER B 77 -4.29 39.96 10.23
C SER B 77 -4.57 39.87 11.72
N ASP B 78 -5.43 38.92 12.07
CA ASP B 78 -5.78 38.66 13.46
C ASP B 78 -4.81 37.72 14.15
N SER B 79 -3.83 37.20 13.42
CA SER B 79 -2.82 36.29 13.97
C SER B 79 -1.54 37.04 14.29
N SER B 80 -0.83 36.56 15.29
CA SER B 80 0.47 37.13 15.66
C SER B 80 1.58 36.67 14.74
N GLU B 81 1.38 35.57 14.01
CA GLU B 81 2.44 35.02 13.16
C GLU B 81 2.58 35.75 11.84
N LEU B 82 1.53 36.42 11.37
CA LEU B 82 1.57 37.15 10.11
C LEU B 82 1.80 38.63 10.37
N HIS B 83 2.83 39.18 9.76
CA HIS B 83 3.14 40.59 9.87
C HIS B 83 2.58 41.36 8.67
N GLU B 84 2.46 42.67 8.83
CA GLU B 84 1.96 43.51 7.75
C GLU B 84 3.00 43.60 6.64
N GLY B 85 2.55 43.41 5.41
CA GLY B 85 3.46 43.35 4.28
C GLY B 85 3.99 41.97 3.96
N GLN B 86 3.55 40.94 4.66
CA GLN B 86 4.02 39.59 4.42
C GLN B 86 3.48 39.06 3.09
N THR B 87 4.40 38.62 2.23
CA THR B 87 3.99 38.00 0.97
C THR B 87 3.42 36.61 1.26
N VAL B 88 2.22 36.35 0.75
CA VAL B 88 1.54 35.09 1.02
C VAL B 88 0.86 34.60 -0.25
N ALA B 89 0.82 33.28 -0.40
CA ALA B 89 0.02 32.62 -1.43
C ALA B 89 -1.30 32.20 -0.79
N ILE B 90 -2.40 32.48 -1.49
CA ILE B 90 -3.73 32.25 -0.94
C ILE B 90 -4.22 30.88 -1.36
N ASN B 91 -4.41 30.00 -0.39
CA ASN B 91 -5.02 28.70 -0.67
C ASN B 91 -6.50 28.90 -0.94
N PRO B 92 -7.01 28.54 -2.12
CA PRO B 92 -8.43 28.76 -2.42
C PRO B 92 -9.38 27.80 -1.74
N SER B 93 -8.89 26.89 -0.90
CA SER B 93 -9.73 25.92 -0.22
C SER B 93 -10.07 26.39 1.18
N LYS B 94 -11.34 26.20 1.57
CA LYS B 94 -11.81 26.51 2.92
C LYS B 94 -12.63 25.32 3.41
N PRO B 95 -11.96 24.27 3.88
CA PRO B 95 -12.70 23.08 4.34
C PRO B 95 -13.43 23.35 5.65
N CYS B 96 -14.47 22.54 5.89
CA CYS B 96 -15.27 22.72 7.10
C CYS B 96 -14.51 22.25 8.33
N GLY B 97 -13.83 21.11 8.24
CA GLY B 97 -13.04 20.59 9.34
C GLY B 97 -13.74 19.57 10.22
N HIS B 98 -15.07 19.42 10.08
CA HIS B 98 -15.82 18.52 10.95
C HIS B 98 -16.47 17.36 10.21
N CYS B 99 -16.55 17.40 8.88
CA CYS B 99 -17.10 16.26 8.15
C CYS B 99 -16.10 15.11 8.15
N LYS B 100 -16.57 13.93 7.72
CA LYS B 100 -15.74 12.73 7.79
C LYS B 100 -14.52 12.83 6.90
N TYR B 101 -14.67 13.41 5.70
CA TYR B 101 -13.53 13.55 4.80
C TYR B 101 -12.51 14.54 5.33
N CYS B 102 -12.96 15.58 6.03
CA CYS B 102 -12.02 16.50 6.67
C CYS B 102 -11.34 15.85 7.86
N ILE B 103 -12.04 14.97 8.57
CA ILE B 103 -11.44 14.31 9.73
C ILE B 103 -10.35 13.34 9.28
N GLU B 104 -10.57 12.66 8.15
CA GLU B 104 -9.62 11.70 7.61
C GLU B 104 -8.50 12.34 6.82
N HIS B 105 -8.34 13.67 6.94
CA HIS B 105 -7.30 14.42 6.23
C HIS B 105 -7.45 14.30 4.72
N ASN B 106 -8.70 14.29 4.26
CA ASN B 106 -9.00 14.37 2.83
C ASN B 106 -9.89 15.57 2.57
N GLU B 107 -9.45 16.75 3.01
CA GLU B 107 -10.28 17.95 2.95
C GLU B 107 -10.65 18.36 1.52
N ASN B 108 -10.00 17.79 0.50
CA ASN B 108 -10.40 18.10 -0.86
C ASN B 108 -11.75 17.50 -1.21
N GLN B 109 -12.22 16.53 -0.45
CA GLN B 109 -13.54 15.91 -0.63
C GLN B 109 -14.53 16.37 0.42
N CYS B 110 -14.33 17.59 0.96
CA CYS B 110 -15.20 18.10 2.00
C CYS B 110 -16.63 18.27 1.51
N THR B 111 -17.59 17.95 2.38
CA THR B 111 -19.00 18.08 2.02
C THR B 111 -19.47 19.53 2.04
N ASP B 112 -18.91 20.35 2.92
CA ASP B 112 -19.26 21.77 2.95
C ASP B 112 -18.05 22.60 2.57
N MET B 113 -17.56 22.41 1.34
CA MET B 113 -16.34 23.05 0.88
C MET B 113 -16.63 24.38 0.19
N ARG B 114 -15.79 25.37 0.46
CA ARG B 114 -15.85 26.67 -0.20
C ARG B 114 -14.55 26.88 -0.98
N PHE B 115 -14.65 26.88 -2.30
CA PHE B 115 -13.50 27.01 -3.19
C PHE B 115 -13.64 28.29 -4.01
N PHE B 116 -12.52 29.00 -4.19
CA PHE B 116 -12.55 30.28 -4.87
C PHE B 116 -13.07 30.15 -6.29
N GLY B 117 -13.95 31.08 -6.68
CA GLY B 117 -14.47 31.16 -8.03
C GLY B 117 -15.09 29.90 -8.56
N SER B 118 -16.03 29.33 -7.80
CA SER B 118 -16.69 28.08 -8.18
C SER B 118 -18.20 28.28 -8.15
N ALA B 119 -18.86 27.96 -9.26
CA ALA B 119 -20.31 28.02 -9.35
C ALA B 119 -20.99 26.74 -8.89
N MET B 120 -20.23 25.81 -8.28
CA MET B 120 -20.82 24.59 -7.75
C MET B 120 -21.75 24.87 -6.56
N TYR B 121 -21.56 26.01 -5.89
CA TYR B 121 -22.30 26.35 -4.69
C TYR B 121 -23.14 27.60 -4.92
N PHE B 122 -24.15 27.78 -4.08
CA PHE B 122 -25.01 28.95 -4.23
C PHE B 122 -25.32 29.56 -2.87
N PRO B 123 -25.05 30.86 -2.66
CA PRO B 123 -24.42 31.80 -3.59
C PRO B 123 -22.99 31.41 -3.91
N HIS B 124 -22.55 31.69 -5.15
CA HIS B 124 -21.25 31.26 -5.61
C HIS B 124 -20.15 31.87 -4.75
N VAL B 125 -19.10 31.08 -4.50
CA VAL B 125 -17.96 31.54 -3.72
C VAL B 125 -17.14 32.48 -4.58
N ASP B 126 -17.01 33.74 -4.13
CA ASP B 126 -16.28 34.73 -4.91
C ASP B 126 -14.80 34.34 -5.02
N GLY B 127 -14.21 34.65 -6.17
CA GLY B 127 -12.83 34.34 -6.43
C GLY B 127 -11.88 35.34 -5.80
N GLY B 128 -10.63 35.28 -6.27
CA GLY B 128 -9.57 36.13 -5.75
C GLY B 128 -9.11 37.24 -6.67
N PHE B 129 -9.76 37.45 -7.81
CA PHE B 129 -9.39 38.52 -8.74
C PHE B 129 -10.01 39.83 -8.27
N THR B 130 -9.43 40.37 -7.20
CA THR B 130 -9.87 41.64 -6.64
C THR B 130 -8.70 42.27 -5.89
N ARG B 131 -8.63 43.60 -5.91
CA ARG B 131 -7.46 44.28 -5.36
C ARG B 131 -7.29 43.99 -3.87
N TYR B 132 -8.41 43.98 -3.13
CA TYR B 132 -8.42 43.60 -1.72
C TYR B 132 -9.53 42.61 -1.47
N LYS B 133 -9.31 41.68 -0.53
CA LYS B 133 -10.36 40.74 -0.16
C LYS B 133 -10.06 40.17 1.23
N MET B 134 -11.12 39.73 1.90
CA MET B 134 -11.00 39.06 3.20
C MET B 134 -10.84 37.57 2.99
N VAL B 135 -9.96 36.96 3.78
CA VAL B 135 -9.59 35.57 3.63
C VAL B 135 -9.29 34.98 5.00
N GLU B 136 -9.66 33.73 5.20
CA GLU B 136 -9.34 33.03 6.45
C GLU B 136 -7.84 33.02 6.70
N THR B 137 -7.47 33.08 7.97
CA THR B 137 -6.06 33.13 8.33
C THR B 137 -5.33 31.86 7.89
N SER B 138 -6.00 30.71 7.99
CA SER B 138 -5.37 29.45 7.59
C SER B 138 -5.09 29.37 6.10
N GLN B 139 -5.81 30.14 5.28
CA GLN B 139 -5.60 30.10 3.84
C GLN B 139 -4.36 30.86 3.40
N CYS B 140 -3.82 31.72 4.26
CA CYS B 140 -2.62 32.49 3.93
C CYS B 140 -1.38 31.63 4.17
N VAL B 141 -0.59 31.42 3.12
CA VAL B 141 0.61 30.61 3.20
C VAL B 141 1.82 31.50 2.92
N PRO B 142 2.63 31.80 3.93
CA PRO B 142 3.75 32.73 3.72
C PRO B 142 4.84 32.13 2.84
N TYR B 143 5.54 33.01 2.12
CA TYR B 143 6.72 32.66 1.36
C TYR B 143 7.64 33.87 1.38
N PRO B 144 8.96 33.67 1.30
CA PRO B 144 9.87 34.81 1.39
C PRO B 144 9.68 35.79 0.24
N ALA B 145 9.67 37.09 0.57
CA ALA B 145 9.56 38.13 -0.45
C ALA B 145 10.72 38.10 -1.43
N LYS B 146 11.79 37.37 -1.11
CA LYS B 146 12.90 37.19 -2.04
C LYS B 146 12.45 36.52 -3.32
N ALA B 147 11.44 35.66 -3.25
CA ALA B 147 11.00 34.89 -4.40
C ALA B 147 10.31 35.78 -5.43
N ASP B 148 10.27 35.30 -6.67
CA ASP B 148 9.68 36.04 -7.78
C ASP B 148 8.16 35.91 -7.76
N GLU B 149 7.47 37.03 -7.93
CA GLU B 149 6.01 37.00 -7.98
C GLU B 149 5.52 36.17 -9.15
N LYS B 150 6.19 36.26 -10.30
CA LYS B 150 5.75 35.55 -11.49
C LYS B 150 5.84 34.04 -11.31
N VAL B 151 6.73 33.58 -10.44
CA VAL B 151 6.86 32.14 -10.19
C VAL B 151 5.85 31.68 -9.15
N MET B 152 5.64 32.49 -8.10
CA MET B 152 4.78 32.08 -7.00
C MET B 152 3.30 32.03 -7.38
N ALA B 153 2.91 32.68 -8.48
CA ALA B 153 1.52 32.65 -8.91
C ALA B 153 1.09 31.26 -9.36
N PHE B 154 2.04 30.39 -9.71
CA PHE B 154 1.75 29.02 -10.12
C PHE B 154 1.53 28.08 -8.94
N ALA B 155 1.32 28.62 -7.73
CA ALA B 155 1.18 27.77 -6.55
C ALA B 155 -0.05 26.88 -6.64
N GLU B 156 -1.16 27.42 -7.14
CA GLU B 156 -2.38 26.62 -7.21
C GLU B 156 -2.32 25.56 -8.30
N PRO B 157 -1.97 25.86 -9.56
CA PRO B 157 -1.93 24.79 -10.56
C PRO B 157 -0.84 23.76 -10.29
N LEU B 158 0.24 24.15 -9.63
CA LEU B 158 1.27 23.16 -9.28
C LEU B 158 0.76 22.21 -8.19
N ALA B 159 -0.03 22.73 -7.25
CA ALA B 159 -0.61 21.88 -6.22
C ALA B 159 -1.55 20.85 -6.83
N VAL B 160 -2.27 21.22 -7.89
CA VAL B 160 -3.11 20.26 -8.59
C VAL B 160 -2.26 19.17 -9.21
N ALA B 161 -1.10 19.55 -9.76
CA ALA B 161 -0.23 18.57 -10.43
C ALA B 161 0.42 17.62 -9.42
N ILE B 162 0.89 18.15 -8.29
CA ILE B 162 1.53 17.31 -7.29
C ILE B 162 0.53 16.33 -6.68
N HIS B 163 -0.69 16.79 -6.41
CA HIS B 163 -1.72 15.89 -5.90
C HIS B 163 -2.06 14.81 -6.92
N ALA B 164 -2.02 15.16 -8.21
CA ALA B 164 -2.29 14.16 -9.25
C ALA B 164 -1.19 13.12 -9.31
N ALA B 165 0.06 13.54 -9.17
CA ALA B 165 1.17 12.59 -9.18
C ALA B 165 1.11 11.65 -7.99
N HIS B 166 0.63 12.12 -6.85
CA HIS B 166 0.50 11.26 -5.69
C HIS B 166 -0.64 10.25 -5.82
N GLN B 167 -1.60 10.52 -6.73
CA GLN B 167 -2.62 9.51 -7.02
C GLN B 167 -2.05 8.34 -7.79
N ALA B 168 -0.87 8.49 -8.39
CA ALA B 168 -0.25 7.42 -9.15
C ALA B 168 0.43 6.39 -8.25
N GLY B 169 0.71 6.73 -7.00
CA GLY B 169 1.39 5.81 -6.10
C GLY B 169 2.90 5.94 -6.23
N GLU B 170 3.58 4.81 -6.36
CA GLU B 170 5.03 4.81 -6.47
C GLU B 170 5.45 5.33 -7.84
N LEU B 171 6.29 6.36 -7.84
CA LEU B 171 6.80 6.95 -9.07
C LEU B 171 8.30 6.79 -9.24
N GLN B 172 9.02 6.33 -8.22
CA GLN B 172 10.47 6.22 -8.30
C GLN B 172 10.86 5.13 -9.29
N GLY B 173 11.58 5.53 -10.34
CA GLY B 173 12.05 4.57 -11.32
C GLY B 173 10.99 4.03 -12.25
N LYS B 174 9.83 4.71 -12.33
CA LYS B 174 8.71 4.25 -13.13
C LYS B 174 8.69 4.95 -14.49
N ARG B 175 8.09 4.28 -15.47
CA ARG B 175 7.89 4.84 -16.80
C ARG B 175 6.48 5.41 -16.85
N VAL B 176 6.36 6.73 -16.96
CA VAL B 176 5.08 7.40 -16.92
C VAL B 176 4.76 7.97 -18.30
N PHE B 177 3.47 8.04 -18.59
CA PHE B 177 2.95 8.59 -19.84
C PHE B 177 1.96 9.69 -19.51
N ILE B 178 2.13 10.86 -20.13
CA ILE B 178 1.35 12.04 -19.80
C ILE B 178 0.68 12.53 -21.08
N SER B 179 -0.61 12.27 -21.21
CA SER B 179 -1.36 12.65 -22.40
C SER B 179 -2.02 14.01 -22.18
N GLY B 180 -1.69 14.98 -23.03
CA GLY B 180 -2.20 16.33 -22.87
C GLY B 180 -1.30 17.19 -22.01
N VAL B 181 -0.40 17.93 -22.65
CA VAL B 181 0.58 18.72 -21.91
C VAL B 181 0.26 20.20 -22.03
N GLY B 182 -0.88 20.62 -21.48
CA GLY B 182 -1.14 22.02 -21.28
C GLY B 182 -0.37 22.52 -20.09
N PRO B 183 -0.79 23.65 -19.50
CA PRO B 183 -0.14 24.11 -18.27
C PRO B 183 -0.18 23.08 -17.16
N ILE B 184 -1.31 22.39 -16.99
CA ILE B 184 -1.42 21.37 -15.95
C ILE B 184 -0.57 20.16 -16.31
N GLY B 185 -0.63 19.71 -17.56
CA GLY B 185 0.15 18.56 -17.97
C GLY B 185 1.65 18.78 -17.86
N CYS B 186 2.11 20.00 -18.20
CA CYS B 186 3.53 20.31 -18.08
C CYS B 186 3.97 20.34 -16.63
N LEU B 187 3.11 20.81 -15.73
CA LEU B 187 3.44 20.78 -14.31
C LEU B 187 3.43 19.36 -13.76
N ILE B 188 2.63 18.48 -14.36
CA ILE B 188 2.71 17.06 -14.00
C ILE B 188 4.00 16.45 -14.53
N VAL B 189 4.48 16.91 -15.69
CA VAL B 189 5.75 16.43 -16.22
C VAL B 189 6.88 16.71 -15.25
N SER B 190 6.91 17.93 -14.70
CA SER B 190 7.97 18.31 -13.79
C SER B 190 7.77 17.75 -12.39
N ALA B 191 6.52 17.48 -12.01
CA ALA B 191 6.25 16.87 -10.70
C ALA B 191 6.74 15.43 -10.66
N VAL B 192 6.46 14.65 -11.70
CA VAL B 192 6.90 13.26 -11.71
C VAL B 192 8.41 13.18 -11.91
N LYS B 193 9.01 14.18 -12.57
CA LYS B 193 10.46 14.21 -12.71
C LYS B 193 11.14 14.43 -11.37
N THR B 194 10.57 15.29 -10.53
CA THR B 194 11.13 15.53 -9.21
C THR B 194 10.90 14.34 -8.28
N LEU B 195 9.81 13.60 -8.49
CA LEU B 195 9.43 12.50 -7.63
C LEU B 195 10.06 11.17 -8.04
N GLY B 196 10.98 11.18 -8.99
CA GLY B 196 11.80 10.02 -9.28
C GLY B 196 11.44 9.19 -10.49
N ALA B 197 10.64 9.73 -11.42
CA ALA B 197 10.29 8.99 -12.62
C ALA B 197 11.54 8.76 -13.48
N ALA B 198 11.71 7.53 -13.95
CA ALA B 198 12.88 7.19 -14.75
C ALA B 198 12.74 7.63 -16.20
N GLU B 199 11.53 7.58 -16.74
CA GLU B 199 11.28 7.99 -18.12
C GLU B 199 9.93 8.68 -18.20
N ILE B 200 9.87 9.81 -18.90
CA ILE B 200 8.67 10.62 -19.01
C ILE B 200 8.39 10.83 -20.49
N VAL B 201 7.31 10.24 -20.98
CA VAL B 201 6.87 10.38 -22.36
C VAL B 201 5.54 11.12 -22.35
N CYS B 202 5.48 12.24 -23.07
CA CYS B 202 4.27 13.05 -23.12
C CYS B 202 3.80 13.18 -24.57
N ALA B 203 2.49 13.36 -24.73
CA ALA B 203 1.89 13.40 -26.07
C ALA B 203 0.84 14.50 -26.13
N ASP B 204 0.78 15.15 -27.29
CA ASP B 204 -0.21 16.19 -27.56
C ASP B 204 -0.19 16.49 -29.05
N VAL B 205 -1.35 16.87 -29.58
CA VAL B 205 -1.46 17.19 -31.01
C VAL B 205 -0.82 18.52 -31.37
N SER B 206 -0.43 19.33 -30.37
CA SER B 206 0.16 20.63 -30.64
C SER B 206 1.67 20.55 -30.52
N PRO B 207 2.43 20.91 -31.55
CA PRO B 207 3.90 20.95 -31.41
C PRO B 207 4.38 21.99 -30.43
N ARG B 208 3.54 22.99 -30.10
CA ARG B 208 3.96 24.04 -29.19
C ARG B 208 3.97 23.53 -27.74
N SER B 209 2.96 22.76 -27.36
CA SER B 209 2.92 22.22 -26.00
C SER B 209 3.98 21.15 -25.79
N LEU B 210 4.31 20.38 -26.83
CA LEU B 210 5.41 19.41 -26.71
C LEU B 210 6.74 20.12 -26.49
N SER B 211 6.92 21.30 -27.07
CA SER B 211 8.13 22.07 -26.80
C SER B 211 8.16 22.55 -25.35
N LEU B 212 7.00 22.94 -24.81
CA LEU B 212 6.92 23.31 -23.41
C LEU B 212 7.05 22.08 -22.50
N GLY B 213 6.68 20.90 -23.01
CA GLY B 213 6.85 19.69 -22.23
C GLY B 213 8.32 19.33 -22.05
N LYS B 214 9.10 19.46 -23.11
CA LYS B 214 10.54 19.21 -23.01
C LYS B 214 11.21 20.19 -22.07
N GLU B 215 10.75 21.45 -22.05
CA GLU B 215 11.33 22.43 -21.14
C GLU B 215 11.07 22.07 -19.68
N MET B 216 9.96 21.39 -19.41
CA MET B 216 9.62 20.99 -18.05
C MET B 216 10.25 19.66 -17.63
N GLY B 217 10.96 18.99 -18.54
CA GLY B 217 11.71 17.81 -18.16
C GLY B 217 11.28 16.52 -18.83
N ALA B 218 10.40 16.61 -19.83
CA ALA B 218 9.96 15.41 -20.53
C ALA B 218 11.11 14.79 -21.32
N ASP B 219 11.09 13.46 -21.42
CA ASP B 219 12.15 12.73 -22.10
C ASP B 219 11.83 12.50 -23.57
N VAL B 220 10.61 12.10 -23.90
CA VAL B 220 10.21 11.81 -25.26
C VAL B 220 8.94 12.58 -25.58
N LEU B 221 8.92 13.24 -26.74
CA LEU B 221 7.77 13.99 -27.21
C LEU B 221 7.15 13.26 -28.39
N VAL B 222 5.82 13.16 -28.37
CA VAL B 222 5.09 12.35 -29.35
C VAL B 222 3.85 13.10 -29.81
N ASN B 223 3.63 13.15 -31.12
CA ASN B 223 2.41 13.69 -31.68
C ASN B 223 1.51 12.52 -32.06
N PRO B 224 0.38 12.32 -31.39
CA PRO B 224 -0.30 11.01 -31.49
C PRO B 224 -0.94 10.71 -32.83
N GLN B 225 -1.55 11.67 -33.50
CA GLN B 225 -2.32 11.36 -34.71
C GLN B 225 -1.50 11.50 -35.98
N ASN B 226 -0.17 11.47 -35.89
CA ASN B 226 0.65 11.31 -37.09
C ASN B 226 1.94 10.54 -36.78
N ASP B 227 1.99 9.83 -35.66
CA ASP B 227 3.13 8.99 -35.29
C ASP B 227 2.64 7.56 -35.05
N ASP B 228 3.55 6.71 -34.56
CA ASP B 228 3.31 5.26 -34.59
C ASP B 228 2.41 4.83 -33.44
N MET B 229 2.86 5.05 -32.19
CA MET B 229 2.17 4.58 -30.99
C MET B 229 2.27 3.06 -30.88
N ASP B 230 2.88 2.41 -31.88
CA ASP B 230 2.94 0.94 -31.85
C ASP B 230 3.96 0.43 -30.84
N HIS B 231 5.06 1.15 -30.65
CA HIS B 231 6.05 0.76 -29.64
C HIS B 231 5.43 0.72 -28.24
N TRP B 232 4.62 1.72 -27.91
CA TRP B 232 4.12 1.84 -26.55
C TRP B 232 2.97 0.89 -26.25
N LYS B 233 2.37 0.29 -27.28
CA LYS B 233 1.25 -0.61 -27.10
C LYS B 233 1.66 -2.08 -27.10
N ALA B 234 2.92 -2.39 -27.38
CA ALA B 234 3.36 -3.77 -27.39
C ALA B 234 3.36 -4.36 -25.98
N GLU B 235 3.27 -5.68 -25.92
CA GLU B 235 3.29 -6.42 -24.65
C GLU B 235 2.17 -5.97 -23.72
N LYS B 236 0.99 -5.69 -24.30
CA LYS B 236 -0.18 -5.21 -23.57
C LYS B 236 0.11 -3.93 -22.77
N GLY B 237 0.98 -3.08 -23.30
CA GLY B 237 1.29 -1.82 -22.65
C GLY B 237 2.74 -1.71 -22.22
N TYR B 238 3.29 -0.49 -22.30
CA TYR B 238 4.69 -0.23 -21.99
C TYR B 238 4.89 0.50 -20.67
N PHE B 239 4.04 1.47 -20.35
CA PHE B 239 4.25 2.35 -19.22
C PHE B 239 3.66 1.76 -17.93
N ASP B 240 4.29 2.12 -16.80
CA ASP B 240 3.77 1.72 -15.51
C ASP B 240 2.64 2.63 -15.04
N VAL B 241 2.71 3.91 -15.37
CA VAL B 241 1.72 4.90 -14.99
C VAL B 241 1.37 5.74 -16.22
N SER B 242 0.11 6.15 -16.32
CA SER B 242 -0.34 7.04 -17.38
C SER B 242 -1.17 8.16 -16.79
N PHE B 243 -0.92 9.37 -17.27
CA PHE B 243 -1.67 10.56 -16.87
C PHE B 243 -2.46 11.09 -18.05
N GLU B 244 -3.75 11.33 -17.84
CA GLU B 244 -4.63 11.88 -18.87
C GLU B 244 -5.11 13.24 -18.39
N VAL B 245 -4.69 14.29 -19.09
CA VAL B 245 -4.99 15.65 -18.68
C VAL B 245 -5.84 16.40 -19.70
N SER B 246 -5.94 15.93 -20.95
CA SER B 246 -6.70 16.66 -21.96
C SER B 246 -8.20 16.47 -21.79
N GLY B 247 -8.63 15.29 -21.36
CA GLY B 247 -10.05 15.00 -21.21
C GLY B 247 -10.73 14.50 -22.46
N HIS B 248 -10.03 14.46 -23.59
CA HIS B 248 -10.64 13.99 -24.82
C HIS B 248 -10.80 12.47 -24.80
N PRO B 249 -11.88 11.95 -25.39
CA PRO B 249 -12.11 10.49 -25.33
C PRO B 249 -11.02 9.67 -25.98
N SER B 250 -10.49 10.10 -27.13
CA SER B 250 -9.45 9.34 -27.80
C SER B 250 -8.16 9.31 -26.98
N SER B 251 -7.90 10.37 -26.20
CA SER B 251 -6.74 10.37 -25.33
C SER B 251 -6.89 9.35 -24.19
N VAL B 252 -8.11 9.14 -23.72
CA VAL B 252 -8.34 8.14 -22.67
C VAL B 252 -8.05 6.75 -23.20
N ASN B 253 -8.52 6.44 -24.41
CA ASN B 253 -8.28 5.13 -25.00
C ASN B 253 -6.81 4.92 -25.29
N THR B 254 -6.10 5.97 -25.67
CA THR B 254 -4.66 5.86 -25.89
C THR B 254 -3.94 5.52 -24.59
N CYS B 255 -4.35 6.14 -23.48
CA CYS B 255 -3.72 5.84 -22.19
C CYS B 255 -3.98 4.40 -21.78
N LEU B 256 -5.15 3.86 -22.11
CA LEU B 256 -5.46 2.47 -21.76
C LEU B 256 -4.69 1.49 -22.64
N GLU B 257 -4.38 1.87 -23.88
CA GLU B 257 -3.65 0.96 -24.75
C GLU B 257 -2.15 0.97 -24.46
N VAL B 258 -1.63 2.06 -23.88
CA VAL B 258 -0.21 2.16 -23.62
C VAL B 258 0.16 1.83 -22.17
N THR B 259 -0.81 1.82 -21.26
CA THR B 259 -0.54 1.44 -19.88
C THR B 259 -0.41 -0.07 -19.79
N ARG B 260 0.66 -0.53 -19.15
CA ARG B 260 0.85 -1.96 -18.97
C ARG B 260 -0.27 -2.55 -18.13
N ALA B 261 -0.46 -3.86 -18.25
CA ALA B 261 -1.53 -4.52 -17.50
C ALA B 261 -1.31 -4.32 -16.00
N ARG B 262 -2.41 -4.05 -15.30
CA ARG B 262 -2.42 -3.77 -13.87
C ARG B 262 -1.64 -2.50 -13.53
N GLY B 263 -1.44 -1.63 -14.50
CA GLY B 263 -0.80 -0.36 -14.28
C GLY B 263 -1.76 0.64 -13.65
N VAL B 264 -1.26 1.87 -13.50
CA VAL B 264 -2.02 2.95 -12.89
C VAL B 264 -2.32 3.99 -13.97
N MET B 265 -3.56 4.45 -14.01
CA MET B 265 -3.99 5.53 -14.90
C MET B 265 -4.67 6.61 -14.08
N VAL B 266 -4.00 7.75 -13.92
CA VAL B 266 -4.55 8.87 -13.18
C VAL B 266 -5.34 9.75 -14.13
N GLN B 267 -6.63 9.89 -13.87
CA GLN B 267 -7.53 10.68 -14.70
C GLN B 267 -7.61 12.09 -14.13
N VAL B 268 -7.05 13.06 -14.86
CA VAL B 268 -7.01 14.45 -14.44
C VAL B 268 -7.92 15.32 -15.30
N GLY B 269 -7.84 15.18 -16.62
CA GLY B 269 -8.64 16.01 -17.51
C GLY B 269 -10.13 15.70 -17.38
N MET B 270 -10.93 16.76 -17.29
CA MET B 270 -12.38 16.68 -17.16
C MET B 270 -13.00 17.25 -18.42
N GLY B 271 -13.75 16.42 -19.15
CA GLY B 271 -14.37 16.87 -20.39
C GLY B 271 -15.82 16.44 -20.55
N GLY B 272 -16.42 15.95 -19.49
CA GLY B 272 -17.81 15.56 -19.50
C GLY B 272 -18.00 14.06 -19.41
N ALA B 273 -19.22 13.63 -19.77
CA ALA B 273 -19.58 12.22 -19.75
C ALA B 273 -19.03 11.55 -21.01
N MET B 274 -17.97 10.76 -20.84
CA MET B 274 -17.34 10.11 -21.98
C MET B 274 -18.25 9.00 -22.51
N ALA B 275 -18.80 9.20 -23.70
CA ALA B 275 -19.52 8.14 -24.37
C ALA B 275 -18.56 7.13 -24.97
N GLU B 276 -19.01 5.89 -25.07
CA GLU B 276 -18.21 4.79 -25.62
C GLU B 276 -16.91 4.60 -24.83
N PHE B 277 -17.06 4.39 -23.54
CA PHE B 277 -15.90 4.10 -22.70
C PHE B 277 -15.55 2.62 -22.78
N PRO B 278 -14.31 2.27 -23.11
CA PRO B 278 -13.93 0.84 -23.23
C PRO B 278 -13.79 0.17 -21.87
N MET B 279 -14.93 -0.21 -21.28
CA MET B 279 -14.91 -0.87 -19.98
C MET B 279 -14.25 -2.23 -20.05
N MET B 280 -14.34 -2.91 -21.20
CA MET B 280 -13.74 -4.23 -21.34
C MET B 280 -12.22 -4.17 -21.27
N THR B 281 -11.62 -3.10 -21.81
CA THR B 281 -10.17 -2.97 -21.77
C THR B 281 -9.67 -2.78 -20.34
N LEU B 282 -10.41 -2.01 -19.53
CA LEU B 282 -10.03 -1.81 -18.14
C LEU B 282 -10.18 -3.09 -17.32
N ILE B 283 -11.11 -3.97 -17.73
CA ILE B 283 -11.30 -5.23 -17.01
C ILE B 283 -10.23 -6.25 -17.40
N GLY B 284 -10.03 -6.43 -18.70
CA GLY B 284 -9.08 -7.43 -19.16
C GLY B 284 -7.65 -7.15 -18.72
N LYS B 285 -7.26 -5.88 -18.75
CA LYS B 285 -5.93 -5.48 -18.29
C LYS B 285 -5.88 -5.16 -16.81
N GLU B 286 -7.04 -5.07 -16.15
CA GLU B 286 -7.13 -4.76 -14.72
C GLU B 286 -6.42 -3.44 -14.40
N ILE B 287 -6.68 -2.43 -15.23
CA ILE B 287 -6.09 -1.11 -15.02
C ILE B 287 -6.71 -0.48 -13.78
N SER B 288 -5.86 0.14 -12.95
CA SER B 288 -6.33 0.87 -11.78
C SER B 288 -6.51 2.33 -12.17
N LEU B 289 -7.75 2.69 -12.53
CA LEU B 289 -8.08 4.05 -12.92
C LEU B 289 -8.47 4.86 -11.69
N ARG B 290 -7.69 5.90 -11.39
CA ARG B 290 -7.95 6.76 -10.25
C ARG B 290 -8.18 8.19 -10.72
N GLY B 291 -9.12 8.87 -10.07
CA GLY B 291 -9.37 10.26 -10.36
C GLY B 291 -8.58 11.20 -9.46
N SER B 292 -8.25 12.36 -10.00
CA SER B 292 -7.55 13.40 -9.27
C SER B 292 -8.41 14.66 -9.25
N PHE B 293 -8.56 15.26 -8.06
CA PHE B 293 -9.44 16.41 -7.88
C PHE B 293 -8.78 17.40 -6.94
N ARG B 294 -8.30 18.51 -7.49
CA ARG B 294 -7.77 19.65 -6.73
C ARG B 294 -6.58 19.17 -5.91
N PHE B 295 -6.55 19.40 -4.60
CA PHE B 295 -5.40 19.11 -3.75
C PHE B 295 -5.85 19.21 -2.30
N THR B 296 -5.06 18.61 -1.40
CA THR B 296 -5.34 18.69 0.03
C THR B 296 -4.22 19.45 0.74
N SER B 297 -3.04 18.85 0.90
CA SER B 297 -1.91 19.51 1.55
C SER B 297 -0.76 19.78 0.59
N GLU B 298 -0.97 19.56 -0.70
CA GLU B 298 0.07 19.83 -1.69
C GLU B 298 0.23 21.32 -1.97
N PHE B 299 -0.66 22.17 -1.47
CA PHE B 299 -0.50 23.60 -1.67
C PHE B 299 0.70 24.14 -0.91
N ASN B 300 0.89 23.68 0.33
CA ASN B 300 2.08 24.07 1.07
C ASN B 300 3.35 23.55 0.41
N THR B 301 3.26 22.36 -0.20
CA THR B 301 4.42 21.81 -0.90
C THR B 301 4.74 22.60 -2.17
N ALA B 302 3.71 23.03 -2.90
CA ALA B 302 3.93 23.80 -4.12
C ALA B 302 4.57 25.15 -3.81
N VAL B 303 4.09 25.83 -2.77
CA VAL B 303 4.70 27.09 -2.37
C VAL B 303 6.16 26.88 -1.96
N SER B 304 6.45 25.76 -1.31
CA SER B 304 7.83 25.46 -0.94
C SER B 304 8.67 25.12 -2.18
N TRP B 305 8.08 24.43 -3.15
CA TRP B 305 8.81 24.09 -4.38
C TRP B 305 9.17 25.35 -5.15
N LEU B 306 8.20 26.24 -5.34
CA LEU B 306 8.43 27.41 -6.19
C LEU B 306 9.40 28.39 -5.53
N ALA B 307 9.32 28.54 -4.21
CA ALA B 307 10.20 29.48 -3.52
C ALA B 307 11.64 28.98 -3.48
N ASN B 308 11.84 27.68 -3.39
CA ASN B 308 13.17 27.11 -3.29
C ASN B 308 13.77 26.73 -4.64
N GLY B 309 13.08 26.99 -5.74
CA GLY B 309 13.61 26.67 -7.05
C GLY B 309 13.58 25.21 -7.42
N VAL B 310 12.70 24.43 -6.78
CA VAL B 310 12.59 23.02 -7.11
C VAL B 310 12.07 22.87 -8.53
N ILE B 311 11.30 23.85 -9.00
CA ILE B 311 10.72 23.78 -10.32
C ILE B 311 10.59 25.21 -10.86
N ASN B 312 10.88 25.38 -12.15
CA ASN B 312 10.79 26.70 -12.79
C ASN B 312 9.63 26.72 -13.76
N PRO B 313 8.51 27.37 -13.42
CA PRO B 313 7.35 27.40 -14.32
C PRO B 313 7.32 28.55 -15.31
N LEU B 314 8.39 29.35 -15.39
CA LEU B 314 8.37 30.53 -16.26
C LEU B 314 8.18 30.22 -17.74
N PRO B 315 8.67 29.11 -18.30
CA PRO B 315 8.35 28.81 -19.71
C PRO B 315 6.87 28.74 -20.02
N LEU B 316 6.02 28.56 -19.00
CA LEU B 316 4.58 28.49 -19.21
C LEU B 316 3.90 29.85 -19.11
N LEU B 317 4.61 30.88 -18.64
CA LEU B 317 4.05 32.22 -18.55
C LEU B 317 4.06 32.85 -19.93
N SER B 318 2.89 33.02 -20.53
CA SER B 318 2.79 33.54 -21.88
C SER B 318 2.69 35.06 -21.92
N ALA B 319 1.93 35.66 -21.01
CA ALA B 319 1.76 37.11 -21.04
C ALA B 319 1.27 37.60 -19.70
N GLU B 320 1.70 38.81 -19.34
CA GLU B 320 1.18 39.56 -18.21
C GLU B 320 0.13 40.55 -18.69
N TYR B 321 -0.85 40.81 -17.83
CA TYR B 321 -1.90 41.78 -18.13
C TYR B 321 -2.30 42.49 -16.85
N PRO B 322 -2.47 43.81 -16.90
CA PRO B 322 -3.14 44.48 -15.79
C PRO B 322 -4.60 44.06 -15.73
N PHE B 323 -5.10 43.88 -14.51
CA PHE B 323 -6.49 43.44 -14.34
C PHE B 323 -7.50 44.41 -14.94
N THR B 324 -7.07 45.61 -15.32
CA THR B 324 -7.97 46.56 -15.98
C THR B 324 -8.36 46.09 -17.38
N ASP B 325 -7.52 45.29 -18.01
CA ASP B 325 -7.81 44.73 -19.33
C ASP B 325 -8.26 43.27 -19.21
N LEU B 326 -9.36 43.09 -18.48
CA LEU B 326 -9.80 41.75 -18.11
C LEU B 326 -10.32 40.97 -19.32
N GLU B 327 -11.23 41.57 -20.08
CA GLU B 327 -11.84 40.85 -21.20
C GLU B 327 -10.82 40.59 -22.30
N GLU B 328 -9.93 41.55 -22.56
CA GLU B 328 -8.88 41.35 -23.55
C GLU B 328 -7.95 40.22 -23.14
N ALA B 329 -7.66 40.11 -21.84
CA ALA B 329 -6.77 39.06 -21.36
C ALA B 329 -7.43 37.68 -21.42
N LEU B 330 -8.74 37.62 -21.20
CA LEU B 330 -9.45 36.34 -21.30
C LEU B 330 -9.46 35.81 -22.72
N ARG B 331 -9.54 36.70 -23.72
CA ARG B 331 -9.52 36.26 -25.10
C ARG B 331 -8.16 35.70 -25.48
N PHE B 332 -7.09 36.35 -25.04
CA PHE B 332 -5.74 35.84 -25.31
C PHE B 332 -5.49 34.54 -24.58
N ALA B 333 -6.02 34.40 -23.37
CA ALA B 333 -5.84 33.16 -22.62
C ALA B 333 -6.58 32.00 -23.27
N GLY B 334 -7.72 32.27 -23.90
CA GLY B 334 -8.48 31.25 -24.58
C GLY B 334 -7.93 30.82 -25.92
N ASP B 335 -6.86 31.44 -26.38
CA ASP B 335 -6.21 31.09 -27.64
C ASP B 335 -5.06 30.13 -27.31
N LYS B 336 -5.33 28.83 -27.44
CA LYS B 336 -4.33 27.83 -27.07
C LYS B 336 -3.10 27.91 -27.96
N THR B 337 -3.25 28.43 -29.19
CA THR B 337 -2.10 28.53 -30.08
C THR B 337 -1.12 29.60 -29.62
N GLN B 338 -1.58 30.59 -28.86
CA GLN B 338 -0.75 31.71 -28.44
C GLN B 338 -0.38 31.69 -26.97
N ALA B 339 -1.23 31.19 -26.09
CA ALA B 339 -1.03 31.34 -24.66
C ALA B 339 -1.07 30.00 -23.95
N ALA B 340 -0.15 29.81 -23.01
CA ALA B 340 -0.20 28.68 -22.09
C ALA B 340 -0.85 29.11 -20.78
N LYS B 341 -0.15 29.94 -20.01
CA LYS B 341 -0.67 30.51 -18.78
C LYS B 341 -0.56 32.03 -18.85
N VAL B 342 -1.63 32.72 -18.45
CA VAL B 342 -1.69 34.17 -18.49
C VAL B 342 -1.94 34.68 -17.07
N GLN B 343 -1.20 35.71 -16.67
CA GLN B 343 -1.30 36.28 -15.34
C GLN B 343 -1.93 37.66 -15.40
N LEU B 344 -2.68 37.99 -14.33
CA LEU B 344 -3.29 39.30 -14.17
C LEU B 344 -2.55 40.06 -13.08
N VAL B 345 -2.20 41.31 -13.37
CA VAL B 345 -1.42 42.15 -12.46
C VAL B 345 -2.35 43.08 -11.71
N PHE B 346 -2.24 43.10 -10.39
CA PHE B 346 -3.05 43.98 -9.54
C PHE B 346 -2.17 45.03 -8.86
N SER C 1 0.98 -46.86 -16.70
CA SER C 1 1.61 -45.68 -17.25
C SER C 1 2.01 -45.90 -18.71
N ASN C 2 1.84 -47.12 -19.19
CA ASN C 2 2.31 -47.45 -20.53
C ASN C 2 1.54 -46.65 -21.58
N ALA C 3 2.17 -46.51 -22.74
CA ALA C 3 1.58 -45.74 -23.82
C ALA C 3 0.31 -46.39 -24.33
N MET C 4 -0.77 -45.62 -24.43
CA MET C 4 -2.05 -46.12 -24.87
C MET C 4 -2.82 -45.02 -25.58
N GLN C 5 -3.97 -45.39 -26.14
CA GLN C 5 -4.83 -44.48 -26.89
C GLN C 5 -6.18 -44.43 -26.20
N VAL C 6 -6.52 -43.28 -25.62
CA VAL C 6 -7.71 -43.14 -24.80
C VAL C 6 -8.89 -42.72 -25.66
N LYS C 7 -10.03 -43.38 -25.48
CA LYS C 7 -11.28 -43.04 -26.15
C LYS C 7 -12.09 -42.13 -25.22
N THR C 8 -12.43 -40.95 -25.71
CA THR C 8 -13.17 -39.97 -24.91
C THR C 8 -14.45 -39.57 -25.61
N GLN C 9 -15.34 -38.92 -24.85
CA GLN C 9 -16.54 -38.28 -25.36
C GLN C 9 -16.54 -36.84 -24.86
N SER C 10 -16.68 -35.88 -25.78
CA SER C 10 -16.48 -34.48 -25.46
C SER C 10 -17.72 -33.67 -25.83
N CYS C 11 -17.94 -32.60 -25.07
CA CYS C 11 -19.07 -31.69 -25.28
C CYS C 11 -18.58 -30.54 -26.15
N VAL C 12 -18.77 -30.68 -27.47
CA VAL C 12 -18.18 -29.77 -28.45
C VAL C 12 -19.25 -28.83 -28.98
N VAL C 13 -18.88 -27.56 -29.13
CA VAL C 13 -19.71 -26.55 -29.78
C VAL C 13 -19.11 -26.25 -31.14
N ALA C 14 -19.96 -26.12 -32.16
CA ALA C 14 -19.52 -25.82 -33.51
C ALA C 14 -19.95 -24.45 -34.01
N GLY C 15 -20.96 -23.84 -33.40
CA GLY C 15 -21.41 -22.53 -33.81
C GLY C 15 -22.57 -22.08 -32.97
N LYS C 16 -23.35 -21.15 -33.52
CA LYS C 16 -24.50 -20.63 -32.79
C LYS C 16 -25.56 -21.71 -32.66
N LYS C 17 -25.83 -22.14 -31.43
CA LYS C 17 -26.91 -23.07 -31.10
C LYS C 17 -26.67 -24.48 -31.61
N THR C 18 -25.49 -24.76 -32.17
CA THR C 18 -25.14 -26.08 -32.69
C THR C 18 -24.12 -26.72 -31.75
N VAL C 19 -24.58 -27.64 -30.91
CA VAL C 19 -23.73 -28.38 -30.00
C VAL C 19 -24.02 -29.87 -30.15
N ALA C 20 -23.02 -30.68 -29.82
CA ALA C 20 -23.15 -32.13 -29.92
C ALA C 20 -22.10 -32.78 -29.04
N VAL C 21 -22.29 -34.06 -28.74
CA VAL C 21 -21.35 -34.81 -27.94
C VAL C 21 -20.60 -35.79 -28.84
N THR C 22 -19.54 -35.33 -29.48
CA THR C 22 -18.74 -36.17 -30.34
C THR C 22 -17.66 -36.88 -29.53
N GLU C 23 -17.26 -38.06 -30.00
CA GLU C 23 -16.24 -38.85 -29.33
C GLU C 23 -14.89 -38.61 -30.00
N GLN C 24 -13.90 -38.20 -29.21
CA GLN C 24 -12.58 -37.84 -29.69
C GLN C 24 -11.58 -38.93 -29.31
N THR C 25 -10.30 -38.59 -29.46
CA THR C 25 -9.22 -39.54 -29.23
C THR C 25 -7.97 -38.79 -28.82
N ILE C 26 -7.33 -39.22 -27.73
CA ILE C 26 -6.08 -38.63 -27.28
C ILE C 26 -5.02 -39.72 -27.21
N ASP C 27 -3.78 -39.32 -27.44
CA ASP C 27 -2.64 -40.25 -27.47
C ASP C 27 -1.75 -39.98 -26.26
N TRP C 28 -1.95 -40.77 -25.20
CA TRP C 28 -1.15 -40.65 -23.99
C TRP C 28 0.22 -41.29 -24.20
N ASN C 29 1.26 -40.64 -23.66
CA ASN C 29 2.62 -41.15 -23.81
C ASN C 29 3.56 -40.61 -22.73
N ASN C 30 3.13 -40.66 -21.47
CA ASN C 30 3.99 -40.35 -20.32
C ASN C 30 4.57 -38.94 -20.40
N ASN C 31 3.71 -37.97 -20.69
CA ASN C 31 4.11 -36.56 -20.66
C ASN C 31 2.88 -35.75 -20.27
N GLY C 32 2.93 -35.16 -19.08
CA GLY C 32 1.77 -34.47 -18.52
C GLY C 32 1.02 -35.35 -17.55
N THR C 33 -0.30 -35.23 -17.52
CA THR C 33 -1.12 -36.02 -16.62
C THR C 33 -2.43 -36.39 -17.32
N LEU C 34 -2.74 -37.68 -17.33
CA LEU C 34 -4.02 -38.17 -17.83
C LEU C 34 -5.04 -38.08 -16.70
N VAL C 35 -6.10 -37.31 -16.93
CA VAL C 35 -7.09 -37.00 -15.91
C VAL C 35 -8.43 -37.60 -16.29
N GLN C 36 -9.03 -38.36 -15.37
CA GLN C 36 -10.40 -38.82 -15.51
C GLN C 36 -11.34 -37.75 -14.96
N ILE C 37 -12.15 -37.16 -15.83
CA ILE C 37 -13.03 -36.06 -15.46
C ILE C 37 -14.27 -36.61 -14.79
N THR C 38 -14.63 -36.04 -13.64
CA THR C 38 -15.78 -36.49 -12.86
C THR C 38 -16.94 -35.50 -12.87
N ARG C 39 -16.66 -34.20 -12.87
CA ARG C 39 -17.71 -33.20 -12.79
C ARG C 39 -17.20 -31.89 -13.37
N GLY C 40 -18.11 -31.14 -13.98
CA GLY C 40 -17.77 -29.86 -14.58
C GLY C 40 -18.90 -28.88 -14.40
N GLY C 41 -18.52 -27.61 -14.27
CA GLY C 41 -19.48 -26.53 -14.04
C GLY C 41 -19.64 -25.67 -15.29
N ILE C 42 -20.89 -25.33 -15.60
CA ILE C 42 -21.21 -24.50 -16.74
C ILE C 42 -21.12 -23.03 -16.31
N CYS C 43 -20.33 -22.25 -17.03
CA CYS C 43 -20.14 -20.84 -16.74
C CYS C 43 -20.80 -19.99 -17.82
N GLY C 44 -20.82 -18.67 -17.58
CA GLY C 44 -21.38 -17.75 -18.54
C GLY C 44 -20.65 -17.72 -19.86
N SER C 45 -19.37 -18.10 -19.87
CA SER C 45 -18.62 -18.19 -21.12
C SER C 45 -19.17 -19.30 -22.02
N ASP C 46 -19.53 -20.44 -21.42
CA ASP C 46 -20.05 -21.55 -22.21
C ASP C 46 -21.43 -21.25 -22.76
N LEU C 47 -22.25 -20.50 -22.02
CA LEU C 47 -23.59 -20.19 -22.49
C LEU C 47 -23.56 -19.23 -23.67
N HIS C 48 -22.62 -18.27 -23.66
CA HIS C 48 -22.52 -17.35 -24.78
C HIS C 48 -22.04 -18.04 -26.05
N TYR C 49 -21.28 -19.13 -25.91
CA TYR C 49 -20.90 -19.91 -27.08
C TYR C 49 -22.10 -20.64 -27.67
N TYR C 50 -23.07 -21.02 -26.84
CA TYR C 50 -24.23 -21.76 -27.32
C TYR C 50 -25.36 -20.83 -27.75
N GLN C 51 -25.60 -19.74 -27.01
CA GLN C 51 -26.72 -18.86 -27.32
C GLN C 51 -26.45 -18.01 -28.56
N GLU C 52 -25.28 -17.38 -28.62
CA GLU C 52 -24.96 -16.47 -29.71
C GLU C 52 -23.76 -16.90 -30.54
N GLY C 53 -23.11 -18.01 -30.19
CA GLY C 53 -21.99 -18.50 -30.97
C GLY C 53 -20.69 -17.75 -30.82
N LYS C 54 -20.59 -16.84 -29.85
CA LYS C 54 -19.38 -16.07 -29.68
C LYS C 54 -19.34 -15.50 -28.27
N VAL C 55 -18.13 -15.11 -27.86
CA VAL C 55 -17.91 -14.36 -26.62
C VAL C 55 -17.34 -13.01 -27.01
N GLY C 56 -18.17 -11.97 -26.95
CA GLY C 56 -17.75 -10.65 -27.38
C GLY C 56 -17.34 -10.61 -28.83
N ASN C 57 -16.04 -10.40 -29.09
CA ASN C 57 -15.52 -10.36 -30.44
C ASN C 57 -15.01 -11.71 -30.92
N PHE C 58 -14.79 -12.66 -30.02
CA PHE C 58 -14.20 -13.95 -30.35
C PHE C 58 -15.32 -14.95 -30.62
N MET C 59 -15.35 -15.49 -31.84
CA MET C 59 -16.40 -16.41 -32.25
C MET C 59 -15.80 -17.78 -32.58
N ILE C 60 -16.70 -18.75 -32.75
CA ILE C 60 -16.32 -20.13 -33.04
C ILE C 60 -16.09 -20.27 -34.54
N LYS C 61 -14.83 -20.45 -34.94
CA LYS C 61 -14.53 -20.76 -36.34
C LYS C 61 -14.42 -22.26 -36.57
N ALA C 62 -13.86 -22.98 -35.61
CA ALA C 62 -13.68 -24.42 -35.66
C ALA C 62 -14.30 -25.06 -34.43
N PRO C 63 -14.68 -26.33 -34.50
CA PRO C 63 -15.29 -26.98 -33.33
C PRO C 63 -14.35 -27.01 -32.14
N MET C 64 -14.91 -26.81 -30.96
CA MET C 64 -14.16 -26.72 -29.72
C MET C 64 -15.02 -27.23 -28.56
N VAL C 65 -14.41 -28.00 -27.66
CA VAL C 65 -15.12 -28.51 -26.50
C VAL C 65 -15.19 -27.44 -25.43
N LEU C 66 -16.33 -27.35 -24.76
CA LEU C 66 -16.62 -26.29 -23.81
C LEU C 66 -15.99 -26.62 -22.45
N GLY C 67 -16.29 -25.78 -21.45
CA GLY C 67 -15.92 -26.06 -20.07
C GLY C 67 -14.58 -25.54 -19.62
N HIS C 68 -14.57 -24.89 -18.45
CA HIS C 68 -13.31 -24.48 -17.83
C HIS C 68 -13.36 -24.59 -16.30
N GLU C 69 -14.43 -25.13 -15.73
CA GLU C 69 -14.56 -25.37 -14.29
C GLU C 69 -14.82 -26.86 -14.11
N VAL C 70 -13.76 -27.66 -14.00
CA VAL C 70 -13.87 -29.11 -13.94
C VAL C 70 -12.96 -29.65 -12.84
N ILE C 71 -13.34 -30.83 -12.33
CA ILE C 71 -12.53 -31.60 -11.41
C ILE C 71 -12.51 -33.04 -11.89
N GLY C 72 -11.73 -33.87 -11.21
CA GLY C 72 -11.67 -35.28 -11.59
C GLY C 72 -10.59 -36.02 -10.82
N LYS C 73 -10.23 -37.19 -11.34
CA LYS C 73 -9.25 -38.07 -10.72
C LYS C 73 -8.10 -38.34 -11.70
N VAL C 74 -6.92 -38.61 -11.13
CA VAL C 74 -5.72 -38.84 -11.91
C VAL C 74 -5.64 -40.31 -12.30
N ILE C 75 -5.34 -40.57 -13.57
CA ILE C 75 -5.11 -41.93 -14.06
C ILE C 75 -3.62 -42.22 -14.20
N HIS C 76 -2.89 -41.33 -14.88
CA HIS C 76 -1.45 -41.45 -15.01
C HIS C 76 -0.83 -40.06 -14.99
N SER C 77 0.34 -39.95 -14.37
CA SER C 77 1.04 -38.68 -14.23
C SER C 77 2.54 -38.90 -14.33
N ASP C 78 3.23 -37.99 -15.01
CA ASP C 78 4.68 -38.07 -15.12
C ASP C 78 5.38 -37.74 -13.80
N SER C 79 4.67 -37.17 -12.83
CA SER C 79 5.22 -36.90 -11.51
C SER C 79 4.96 -38.08 -10.57
N SER C 80 5.88 -38.29 -9.65
CA SER C 80 5.77 -39.40 -8.69
C SER C 80 4.92 -39.04 -7.49
N GLU C 81 4.92 -37.77 -7.06
CA GLU C 81 4.14 -37.35 -5.91
C GLU C 81 2.65 -37.24 -6.21
N LEU C 82 2.26 -37.27 -7.48
CA LEU C 82 0.85 -37.22 -7.88
C LEU C 82 0.44 -38.65 -8.23
N HIS C 83 -0.03 -39.38 -7.22
CA HIS C 83 -0.31 -40.80 -7.37
C HIS C 83 -1.60 -41.03 -8.14
N GLU C 84 -1.78 -42.27 -8.58
CA GLU C 84 -2.94 -42.61 -9.40
C GLU C 84 -4.20 -42.70 -8.54
N GLY C 85 -5.32 -42.30 -9.13
CA GLY C 85 -6.57 -42.22 -8.42
C GLY C 85 -6.72 -41.00 -7.53
N GLN C 86 -5.71 -40.14 -7.48
CA GLN C 86 -5.78 -38.94 -6.66
C GLN C 86 -6.77 -37.95 -7.25
N THR C 87 -7.76 -37.56 -6.46
CA THR C 87 -8.73 -36.57 -6.91
C THR C 87 -8.09 -35.19 -6.96
N VAL C 88 -8.38 -34.45 -8.04
CA VAL C 88 -7.73 -33.18 -8.31
C VAL C 88 -8.73 -32.19 -8.89
N ALA C 89 -8.40 -30.91 -8.75
CA ALA C 89 -9.13 -29.83 -9.40
C ALA C 89 -8.23 -29.24 -10.49
N ILE C 90 -8.78 -29.09 -11.69
CA ILE C 90 -8.00 -28.69 -12.85
C ILE C 90 -7.97 -27.17 -12.93
N ASN C 91 -6.76 -26.60 -12.98
CA ASN C 91 -6.60 -25.17 -13.20
C ASN C 91 -6.69 -24.89 -14.69
N PRO C 92 -7.68 -24.13 -15.16
CA PRO C 92 -7.86 -23.97 -16.61
C PRO C 92 -6.80 -23.10 -17.27
N SER C 93 -6.11 -22.24 -16.51
CA SER C 93 -5.11 -21.35 -17.09
C SER C 93 -3.78 -22.09 -17.21
N LYS C 94 -3.26 -22.17 -18.44
CA LYS C 94 -1.96 -22.78 -18.73
C LYS C 94 -1.09 -21.68 -19.35
N PRO C 95 -0.48 -20.83 -18.53
CA PRO C 95 0.33 -19.74 -19.06
C PRO C 95 1.73 -20.21 -19.40
N CYS C 96 2.50 -19.30 -20.01
CA CYS C 96 3.92 -19.54 -20.24
C CYS C 96 4.67 -19.24 -18.95
N GLY C 97 6.00 -19.13 -19.03
CA GLY C 97 6.78 -18.85 -17.85
C GLY C 97 7.94 -17.91 -18.12
N HIS C 98 7.82 -17.10 -19.16
CA HIS C 98 8.92 -16.22 -19.56
C HIS C 98 8.45 -14.86 -20.08
N CYS C 99 7.15 -14.57 -20.11
CA CYS C 99 6.69 -13.29 -20.59
C CYS C 99 6.88 -12.22 -19.51
N LYS C 100 6.52 -10.98 -19.85
CA LYS C 100 6.68 -9.86 -18.91
C LYS C 100 5.87 -10.07 -17.65
N TYR C 101 4.58 -10.41 -17.81
CA TYR C 101 3.69 -10.50 -16.65
C TYR C 101 3.82 -11.84 -15.93
N CYS C 102 4.23 -12.89 -16.63
CA CYS C 102 4.45 -14.17 -15.96
C CYS C 102 5.67 -14.11 -15.06
N ILE C 103 6.70 -13.35 -15.45
CA ILE C 103 7.91 -13.25 -14.64
C ILE C 103 7.61 -12.54 -13.32
N GLU C 104 6.79 -11.49 -13.35
CA GLU C 104 6.41 -10.76 -12.15
C GLU C 104 5.23 -11.38 -11.42
N HIS C 105 4.92 -12.66 -11.71
CA HIS C 105 3.92 -13.43 -10.97
C HIS C 105 2.52 -12.83 -11.13
N ASN C 106 2.19 -12.42 -12.35
CA ASN C 106 0.84 -12.00 -12.72
C ASN C 106 0.40 -12.88 -13.88
N GLU C 107 0.26 -14.19 -13.61
CA GLU C 107 0.00 -15.16 -14.66
C GLU C 107 -1.29 -14.90 -15.40
N ASN C 108 -2.27 -14.25 -14.76
CA ASN C 108 -3.55 -14.00 -15.40
C ASN C 108 -3.44 -13.01 -16.54
N GLN C 109 -2.35 -12.24 -16.62
CA GLN C 109 -2.15 -11.25 -17.66
C GLN C 109 -1.10 -11.69 -18.67
N CYS C 110 -0.90 -12.99 -18.81
CA CYS C 110 0.10 -13.50 -19.75
C CYS C 110 -0.24 -13.09 -21.18
N THR C 111 0.81 -12.81 -21.96
CA THR C 111 0.63 -12.33 -23.33
C THR C 111 0.17 -13.44 -24.27
N ASP C 112 0.59 -14.68 -24.04
CA ASP C 112 0.19 -15.83 -24.85
C ASP C 112 -0.43 -16.86 -23.91
N MET C 113 -1.69 -16.62 -23.52
CA MET C 113 -2.37 -17.41 -22.51
C MET C 113 -3.26 -18.46 -23.17
N ARG C 114 -3.17 -19.69 -22.67
CA ARG C 114 -4.03 -20.79 -23.10
C ARG C 114 -5.04 -21.06 -21.99
N PHE C 115 -6.33 -20.86 -22.29
CA PHE C 115 -7.38 -21.02 -21.30
C PHE C 115 -8.43 -22.00 -21.79
N PHE C 116 -8.90 -22.86 -20.88
CA PHE C 116 -9.90 -23.87 -21.24
C PHE C 116 -11.15 -23.21 -21.81
N GLY C 117 -11.60 -23.74 -22.95
CA GLY C 117 -12.85 -23.31 -23.56
C GLY C 117 -12.90 -21.83 -23.87
N SER C 118 -11.89 -21.33 -24.59
CA SER C 118 -11.82 -19.92 -24.96
C SER C 118 -11.39 -19.82 -26.42
N ALA C 119 -12.16 -19.05 -27.20
CA ALA C 119 -11.87 -18.84 -28.62
C ALA C 119 -11.11 -17.54 -28.87
N MET C 120 -10.26 -17.12 -27.94
CA MET C 120 -9.49 -15.89 -28.15
C MET C 120 -8.48 -16.04 -29.28
N TYR C 121 -8.02 -17.26 -29.55
CA TYR C 121 -7.01 -17.51 -30.55
C TYR C 121 -7.51 -18.58 -31.52
N PHE C 122 -6.77 -18.75 -32.61
CA PHE C 122 -7.02 -19.84 -33.55
C PHE C 122 -5.69 -20.53 -33.80
N PRO C 123 -5.58 -21.85 -33.59
CA PRO C 123 -6.67 -22.75 -33.16
C PRO C 123 -7.13 -22.52 -31.73
N HIS C 124 -8.40 -22.81 -31.47
CA HIS C 124 -8.98 -22.62 -30.15
C HIS C 124 -8.33 -23.56 -29.13
N VAL C 125 -8.38 -23.17 -27.87
CA VAL C 125 -7.94 -24.01 -26.77
C VAL C 125 -9.12 -24.84 -26.30
N ASP C 126 -8.99 -26.16 -26.38
CA ASP C 126 -10.10 -27.05 -26.03
C ASP C 126 -10.28 -27.13 -24.51
N GLY C 127 -11.54 -27.08 -24.09
CA GLY C 127 -11.87 -27.12 -22.68
C GLY C 127 -11.91 -28.52 -22.12
N GLY C 128 -12.41 -28.62 -20.89
CA GLY C 128 -12.40 -29.85 -20.13
C GLY C 128 -13.71 -30.61 -20.03
N PHE C 129 -14.72 -30.27 -20.83
CA PHE C 129 -15.98 -31.01 -20.84
C PHE C 129 -15.80 -32.27 -21.69
N THR C 130 -14.92 -33.15 -21.22
CA THR C 130 -14.60 -34.39 -21.89
C THR C 130 -14.29 -35.44 -20.84
N ARG C 131 -14.72 -36.68 -21.09
CA ARG C 131 -14.62 -37.71 -20.06
C ARG C 131 -13.16 -37.96 -19.68
N TYR C 132 -12.25 -37.88 -20.64
CA TYR C 132 -10.82 -37.97 -20.37
C TYR C 132 -10.11 -36.83 -21.08
N LYS C 133 -8.97 -36.42 -20.51
CA LYS C 133 -8.22 -35.29 -21.04
C LYS C 133 -6.81 -35.31 -20.47
N MET C 134 -5.83 -35.05 -21.33
CA MET C 134 -4.45 -34.90 -20.89
C MET C 134 -4.19 -33.45 -20.52
N VAL C 135 -3.45 -33.25 -19.43
CA VAL C 135 -3.28 -31.94 -18.80
C VAL C 135 -1.87 -31.82 -18.26
N GLU C 136 -1.31 -30.62 -18.37
CA GLU C 136 -0.01 -30.35 -17.75
C GLU C 136 -0.07 -30.61 -16.25
N THR C 137 0.94 -31.31 -15.74
CA THR C 137 0.94 -31.74 -14.34
C THR C 137 0.75 -30.55 -13.39
N SER C 138 1.32 -29.40 -13.72
CA SER C 138 1.19 -28.23 -12.85
C SER C 138 -0.25 -27.75 -12.72
N GLN C 139 -1.12 -28.08 -13.69
CA GLN C 139 -2.50 -27.66 -13.65
C GLN C 139 -3.37 -28.51 -12.73
N CYS C 140 -2.81 -29.55 -12.13
CA CYS C 140 -3.56 -30.46 -11.26
C CYS C 140 -3.36 -30.04 -9.81
N VAL C 141 -4.47 -29.77 -9.12
CA VAL C 141 -4.43 -29.35 -7.72
C VAL C 141 -5.10 -30.41 -6.86
N PRO C 142 -4.35 -31.16 -6.06
CA PRO C 142 -4.97 -32.22 -5.25
C PRO C 142 -5.74 -31.63 -4.08
N TYR C 143 -6.80 -32.33 -3.69
CA TYR C 143 -7.58 -32.00 -2.52
C TYR C 143 -8.02 -33.31 -1.86
N PRO C 144 -8.34 -33.28 -0.57
CA PRO C 144 -8.72 -34.52 0.13
C PRO C 144 -9.92 -35.19 -0.52
N ALA C 145 -9.80 -36.51 -0.72
CA ALA C 145 -10.87 -37.28 -1.34
C ALA C 145 -12.14 -37.30 -0.51
N LYS C 146 -12.05 -36.97 0.78
CA LYS C 146 -13.23 -36.90 1.63
C LYS C 146 -14.20 -35.81 1.20
N ALA C 147 -13.70 -34.79 0.48
CA ALA C 147 -14.50 -33.62 0.14
C ALA C 147 -15.57 -33.98 -0.88
N ASP C 148 -16.70 -33.28 -0.78
CA ASP C 148 -17.81 -33.48 -1.72
C ASP C 148 -17.47 -32.82 -3.05
N GLU C 149 -17.60 -33.59 -4.14
CA GLU C 149 -17.30 -33.03 -5.45
C GLU C 149 -18.35 -32.04 -5.92
N LYS C 150 -19.51 -31.98 -5.25
CA LYS C 150 -20.47 -30.94 -5.57
C LYS C 150 -19.95 -29.56 -5.18
N VAL C 151 -19.27 -29.47 -4.04
CA VAL C 151 -18.71 -28.17 -3.64
C VAL C 151 -17.36 -27.92 -4.29
N MET C 152 -16.62 -28.98 -4.63
CA MET C 152 -15.29 -28.81 -5.19
C MET C 152 -15.31 -28.32 -6.63
N ALA C 153 -16.41 -28.52 -7.35
CA ALA C 153 -16.53 -28.03 -8.72
C ALA C 153 -16.63 -26.51 -8.78
N PHE C 154 -16.89 -25.85 -7.65
CA PHE C 154 -16.91 -24.39 -7.58
C PHE C 154 -15.51 -23.79 -7.47
N ALA C 155 -14.46 -24.55 -7.76
CA ALA C 155 -13.10 -24.06 -7.55
C ALA C 155 -12.79 -22.88 -8.48
N GLU C 156 -13.09 -23.02 -9.77
CA GLU C 156 -12.77 -21.95 -10.71
C GLU C 156 -13.60 -20.69 -10.46
N PRO C 157 -14.93 -20.74 -10.32
CA PRO C 157 -15.67 -19.49 -10.08
C PRO C 157 -15.35 -18.86 -8.74
N LEU C 158 -14.99 -19.64 -7.73
CA LEU C 158 -14.59 -19.06 -6.46
C LEU C 158 -13.24 -18.36 -6.56
N ALA C 159 -12.32 -18.92 -7.35
CA ALA C 159 -11.04 -18.27 -7.56
C ALA C 159 -11.21 -16.91 -8.22
N VAL C 160 -12.17 -16.79 -9.13
CA VAL C 160 -12.48 -15.49 -9.73
C VAL C 160 -12.99 -14.54 -8.66
N ALA C 161 -13.80 -15.04 -7.74
CA ALA C 161 -14.35 -14.18 -6.68
C ALA C 161 -13.27 -13.77 -5.68
N ILE C 162 -12.40 -14.71 -5.31
CA ILE C 162 -11.34 -14.39 -4.35
C ILE C 162 -10.38 -13.38 -4.96
N HIS C 163 -10.05 -13.54 -6.25
CA HIS C 163 -9.17 -12.59 -6.91
C HIS C 163 -9.79 -11.20 -6.98
N ALA C 164 -11.11 -11.14 -7.21
CA ALA C 164 -11.79 -9.85 -7.24
C ALA C 164 -11.77 -9.18 -5.88
N ALA C 165 -11.90 -9.97 -4.81
CA ALA C 165 -11.86 -9.39 -3.47
C ALA C 165 -10.49 -8.83 -3.12
N HIS C 166 -9.42 -9.42 -3.67
CA HIS C 166 -8.08 -8.90 -3.43
C HIS C 166 -7.78 -7.64 -4.24
N GLN C 167 -8.50 -7.42 -5.35
CA GLN C 167 -8.34 -6.17 -6.09
C GLN C 167 -8.86 -4.98 -5.30
N ALA C 168 -9.61 -5.21 -4.23
CA ALA C 168 -10.12 -4.12 -3.40
C ALA C 168 -9.12 -3.64 -2.37
N GLY C 169 -8.12 -4.44 -2.04
CA GLY C 169 -7.14 -4.07 -1.04
C GLY C 169 -7.57 -4.51 0.35
N GLU C 170 -7.52 -3.59 1.30
CA GLU C 170 -7.90 -3.92 2.67
C GLU C 170 -9.41 -4.09 2.77
N LEU C 171 -9.84 -5.20 3.35
CA LEU C 171 -11.26 -5.50 3.54
C LEU C 171 -11.65 -5.68 5.00
N GLN C 172 -10.70 -5.77 5.92
CA GLN C 172 -11.02 -5.99 7.32
C GLN C 172 -11.77 -4.79 7.89
N GLY C 173 -12.94 -5.05 8.49
CA GLY C 173 -13.74 -4.00 9.07
C GLY C 173 -14.33 -3.02 8.09
N LYS C 174 -14.26 -3.30 6.80
CA LYS C 174 -14.76 -2.39 5.77
C LYS C 174 -16.22 -2.67 5.45
N ARG C 175 -16.87 -1.67 4.86
CA ARG C 175 -18.26 -1.76 4.43
C ARG C 175 -18.28 -1.93 2.92
N VAL C 176 -18.80 -3.07 2.46
CA VAL C 176 -18.70 -3.48 1.06
C VAL C 176 -20.10 -3.55 0.46
N PHE C 177 -20.25 -2.98 -0.73
CA PHE C 177 -21.48 -3.05 -1.50
C PHE C 177 -21.23 -3.87 -2.77
N ILE C 178 -22.09 -4.84 -3.02
CA ILE C 178 -21.93 -5.77 -4.13
C ILE C 178 -23.17 -5.67 -5.01
N SER C 179 -23.01 -5.04 -6.18
CA SER C 179 -24.12 -4.82 -7.10
C SER C 179 -24.07 -5.93 -8.16
N GLY C 180 -25.10 -6.77 -8.17
CA GLY C 180 -25.13 -7.92 -9.06
C GLY C 180 -24.75 -9.20 -8.34
N VAL C 181 -25.75 -9.89 -7.77
CA VAL C 181 -25.48 -11.04 -6.93
C VAL C 181 -25.87 -12.33 -7.67
N GLY C 182 -25.17 -12.59 -8.77
CA GLY C 182 -25.33 -13.85 -9.48
C GLY C 182 -24.44 -14.92 -8.89
N PRO C 183 -24.01 -15.87 -9.72
CA PRO C 183 -23.07 -16.90 -9.21
C PRO C 183 -21.76 -16.31 -8.71
N ILE C 184 -21.11 -15.48 -9.52
CA ILE C 184 -19.87 -14.84 -9.09
C ILE C 184 -20.16 -13.84 -7.98
N GLY C 185 -21.29 -13.13 -8.06
CA GLY C 185 -21.62 -12.16 -7.03
C GLY C 185 -21.81 -12.79 -5.67
N CYS C 186 -22.43 -13.97 -5.63
CA CYS C 186 -22.62 -14.67 -4.36
C CYS C 186 -21.29 -15.12 -3.77
N LEU C 187 -20.40 -15.65 -4.61
CA LEU C 187 -19.10 -16.09 -4.11
C LEU C 187 -18.25 -14.90 -3.66
N ILE C 188 -18.47 -13.73 -4.24
CA ILE C 188 -17.82 -12.52 -3.73
C ILE C 188 -18.36 -12.17 -2.35
N VAL C 189 -19.67 -12.36 -2.14
CA VAL C 189 -20.24 -12.18 -0.81
C VAL C 189 -19.56 -13.12 0.19
N SER C 190 -19.33 -14.37 -0.22
CA SER C 190 -18.66 -15.32 0.67
C SER C 190 -17.20 -14.97 0.86
N ALA C 191 -16.52 -14.53 -0.21
CA ALA C 191 -15.11 -14.17 -0.11
C ALA C 191 -14.93 -12.91 0.75
N VAL C 192 -15.74 -11.88 0.49
CA VAL C 192 -15.65 -10.65 1.26
C VAL C 192 -16.04 -10.88 2.72
N LYS C 193 -16.99 -11.79 2.97
CA LYS C 193 -17.35 -12.14 4.34
C LYS C 193 -16.19 -12.78 5.08
N THR C 194 -15.49 -13.71 4.44
CA THR C 194 -14.42 -14.44 5.11
C THR C 194 -13.19 -13.56 5.33
N LEU C 195 -12.96 -12.60 4.45
CA LEU C 195 -11.77 -11.75 4.53
C LEU C 195 -11.90 -10.65 5.58
N GLY C 196 -13.03 -10.52 6.24
CA GLY C 196 -13.17 -9.66 7.38
C GLY C 196 -14.02 -8.42 7.22
N ALA C 197 -14.95 -8.40 6.26
CA ALA C 197 -15.80 -7.23 6.09
C ALA C 197 -16.74 -7.07 7.26
N ALA C 198 -16.99 -5.82 7.65
CA ALA C 198 -17.89 -5.54 8.77
C ALA C 198 -19.35 -5.50 8.34
N GLU C 199 -19.61 -5.14 7.09
CA GLU C 199 -20.98 -5.01 6.60
C GLU C 199 -21.01 -5.27 5.11
N ILE C 200 -21.83 -6.24 4.68
CA ILE C 200 -21.97 -6.59 3.28
C ILE C 200 -23.39 -6.24 2.84
N VAL C 201 -23.50 -5.45 1.77
CA VAL C 201 -24.77 -5.08 1.18
C VAL C 201 -24.75 -5.49 -0.28
N CYS C 202 -25.76 -6.24 -0.71
CA CYS C 202 -25.87 -6.70 -2.08
C CYS C 202 -27.18 -6.23 -2.69
N ALA C 203 -27.16 -6.01 -4.01
CA ALA C 203 -28.32 -5.50 -4.73
C ALA C 203 -28.51 -6.27 -6.02
N ASP C 204 -29.78 -6.43 -6.40
CA ASP C 204 -30.17 -7.13 -7.62
C ASP C 204 -31.66 -6.93 -7.83
N VAL C 205 -32.06 -6.89 -9.10
CA VAL C 205 -33.48 -6.75 -9.43
C VAL C 205 -34.26 -8.03 -9.21
N SER C 206 -33.56 -9.15 -9.03
CA SER C 206 -34.22 -10.44 -8.85
C SER C 206 -34.33 -10.75 -7.36
N PRO C 207 -35.54 -10.94 -6.82
CA PRO C 207 -35.65 -11.41 -5.44
C PRO C 207 -35.05 -12.80 -5.23
N ARG C 208 -34.90 -13.59 -6.29
CA ARG C 208 -34.28 -14.90 -6.16
C ARG C 208 -32.79 -14.77 -5.93
N SER C 209 -32.11 -13.89 -6.67
CA SER C 209 -30.68 -13.69 -6.48
C SER C 209 -30.38 -13.08 -5.12
N LEU C 210 -31.25 -12.19 -4.64
CA LEU C 210 -31.05 -11.60 -3.32
C LEU C 210 -31.18 -12.66 -2.22
N SER C 211 -32.09 -13.61 -2.39
CA SER C 211 -32.23 -14.68 -1.40
C SER C 211 -31.01 -15.58 -1.37
N LEU C 212 -30.36 -15.77 -2.52
CA LEU C 212 -29.11 -16.53 -2.55
C LEU C 212 -27.97 -15.76 -1.91
N GLY C 213 -27.98 -14.43 -2.04
CA GLY C 213 -26.94 -13.63 -1.41
C GLY C 213 -27.01 -13.66 0.10
N LYS C 214 -28.23 -13.61 0.65
CA LYS C 214 -28.41 -13.69 2.10
C LYS C 214 -27.84 -14.99 2.65
N GLU C 215 -28.00 -16.09 1.91
CA GLU C 215 -27.50 -17.38 2.38
C GLU C 215 -25.99 -17.49 2.27
N MET C 216 -25.35 -16.63 1.48
CA MET C 216 -23.90 -16.64 1.32
C MET C 216 -23.19 -15.69 2.28
N GLY C 217 -23.91 -14.93 3.09
CA GLY C 217 -23.29 -14.09 4.10
C GLY C 217 -23.68 -12.63 4.06
N ALA C 218 -24.61 -12.28 3.17
CA ALA C 218 -25.03 -10.89 3.05
C ALA C 218 -25.82 -10.46 4.27
N ASP C 219 -25.65 -9.19 4.65
CA ASP C 219 -26.32 -8.61 5.82
C ASP C 219 -27.57 -7.84 5.46
N VAL C 220 -27.55 -7.09 4.36
CA VAL C 220 -28.69 -6.29 3.91
C VAL C 220 -28.98 -6.63 2.45
N LEU C 221 -30.26 -6.76 2.13
CA LEU C 221 -30.71 -7.02 0.76
C LEU C 221 -31.41 -5.78 0.22
N VAL C 222 -31.04 -5.39 -1.00
CA VAL C 222 -31.52 -4.14 -1.60
C VAL C 222 -31.98 -4.43 -3.03
N ASN C 223 -33.14 -3.87 -3.39
CA ASN C 223 -33.64 -3.94 -4.75
C ASN C 223 -33.55 -2.56 -5.38
N PRO C 224 -32.83 -2.40 -6.51
CA PRO C 224 -32.71 -1.07 -7.11
C PRO C 224 -34.02 -0.52 -7.66
N GLN C 225 -35.02 -1.36 -7.92
CA GLN C 225 -36.29 -0.85 -8.41
C GLN C 225 -37.14 -0.29 -7.26
N ASN C 226 -37.48 -1.15 -6.30
CA ASN C 226 -38.42 -0.75 -5.25
C ASN C 226 -37.76 0.12 -4.18
N ASP C 227 -36.73 -0.42 -3.53
CA ASP C 227 -36.16 0.21 -2.36
C ASP C 227 -35.47 1.53 -2.72
N ASP C 228 -35.55 2.49 -1.80
CA ASP C 228 -34.93 3.79 -1.97
C ASP C 228 -33.48 3.73 -1.50
N MET C 229 -32.57 4.29 -2.30
CA MET C 229 -31.14 4.23 -2.02
C MET C 229 -30.55 5.61 -1.74
N ASP C 230 -31.36 6.56 -1.29
CA ASP C 230 -30.84 7.91 -1.07
C ASP C 230 -30.02 8.05 0.21
N HIS C 231 -30.15 7.12 1.15
CA HIS C 231 -29.36 7.20 2.37
C HIS C 231 -28.00 6.55 2.24
N TRP C 232 -27.84 5.58 1.33
CA TRP C 232 -26.51 5.07 1.03
C TRP C 232 -25.68 6.09 0.25
N LYS C 233 -26.35 6.95 -0.53
CA LYS C 233 -25.67 7.93 -1.35
C LYS C 233 -25.38 9.24 -0.62
N ALA C 234 -25.75 9.35 0.65
CA ALA C 234 -25.51 10.57 1.40
C ALA C 234 -24.03 10.68 1.75
N GLU C 235 -23.59 11.92 1.96
CA GLU C 235 -22.20 12.23 2.32
C GLU C 235 -21.22 11.69 1.29
N LYS C 236 -21.55 11.92 0.01
CA LYS C 236 -20.73 11.49 -1.12
C LYS C 236 -20.50 9.99 -1.15
N GLY C 237 -21.37 9.21 -0.51
CA GLY C 237 -21.21 7.77 -0.50
C GLY C 237 -21.04 7.20 0.89
N TYR C 238 -21.41 5.92 1.05
CA TYR C 238 -21.38 5.24 2.35
C TYR C 238 -20.37 4.11 2.41
N PHE C 239 -20.16 3.39 1.32
CA PHE C 239 -19.36 2.18 1.33
C PHE C 239 -17.90 2.47 1.03
N ASP C 240 -17.01 1.73 1.70
CA ASP C 240 -15.59 1.83 1.40
C ASP C 240 -15.25 1.15 0.08
N VAL C 241 -15.83 -0.01 -0.17
CA VAL C 241 -15.55 -0.81 -1.36
C VAL C 241 -16.86 -1.18 -2.03
N SER C 242 -16.86 -1.19 -3.36
CA SER C 242 -18.00 -1.61 -4.14
C SER C 242 -17.59 -2.59 -5.22
N PHE C 243 -18.36 -3.66 -5.38
CA PHE C 243 -18.15 -4.66 -6.42
C PHE C 243 -19.30 -4.58 -7.41
N GLU C 244 -18.97 -4.37 -8.69
CA GLU C 244 -19.95 -4.30 -9.76
C GLU C 244 -19.83 -5.58 -10.58
N VAL C 245 -20.82 -6.46 -10.47
CA VAL C 245 -20.77 -7.78 -11.09
C VAL C 245 -21.80 -7.96 -12.19
N SER C 246 -22.83 -7.11 -12.27
CA SER C 246 -23.88 -7.30 -13.26
C SER C 246 -23.40 -6.93 -14.66
N GLY C 247 -22.68 -5.82 -14.78
CA GLY C 247 -22.19 -5.35 -16.05
C GLY C 247 -23.08 -4.34 -16.74
N HIS C 248 -24.28 -4.09 -16.21
CA HIS C 248 -25.18 -3.11 -16.80
C HIS C 248 -24.74 -1.70 -16.41
N PRO C 249 -24.75 -0.76 -17.36
CA PRO C 249 -24.31 0.61 -17.05
C PRO C 249 -25.09 1.27 -15.93
N SER C 250 -26.37 0.92 -15.74
CA SER C 250 -27.14 1.46 -14.64
C SER C 250 -26.52 1.08 -13.30
N SER C 251 -26.09 -0.17 -13.16
CA SER C 251 -25.46 -0.60 -11.92
C SER C 251 -24.08 0.03 -11.74
N VAL C 252 -23.44 0.45 -12.83
CA VAL C 252 -22.16 1.15 -12.72
C VAL C 252 -22.37 2.56 -12.16
N ASN C 253 -23.42 3.24 -12.61
CA ASN C 253 -23.72 4.58 -12.11
C ASN C 253 -24.08 4.55 -10.63
N THR C 254 -24.85 3.55 -10.21
CA THR C 254 -25.22 3.45 -8.79
C THR C 254 -24.01 3.11 -7.93
N CYS C 255 -23.08 2.30 -8.44
CA CYS C 255 -21.88 1.98 -7.66
C CYS C 255 -21.01 3.22 -7.44
N LEU C 256 -20.94 4.11 -8.44
CA LEU C 256 -20.13 5.31 -8.30
C LEU C 256 -20.73 6.27 -7.29
N GLU C 257 -22.05 6.45 -7.33
CA GLU C 257 -22.75 7.31 -6.39
C GLU C 257 -22.88 6.73 -5.00
N VAL C 258 -22.66 5.42 -4.84
CA VAL C 258 -22.81 4.78 -3.53
C VAL C 258 -21.47 4.59 -2.82
N THR C 259 -20.35 4.71 -3.52
CA THR C 259 -19.04 4.49 -2.94
C THR C 259 -18.53 5.79 -2.32
N ARG C 260 -17.78 5.64 -1.22
CA ARG C 260 -17.14 6.79 -0.58
C ARG C 260 -16.25 7.55 -1.55
N ALA C 261 -16.06 8.83 -1.28
CA ALA C 261 -15.03 9.58 -1.98
C ALA C 261 -13.67 8.99 -1.66
N ARG C 262 -12.84 8.85 -2.70
CA ARG C 262 -11.57 8.13 -2.63
C ARG C 262 -11.75 6.67 -2.25
N GLY C 263 -12.95 6.12 -2.47
CA GLY C 263 -13.20 4.73 -2.21
C GLY C 263 -12.71 3.84 -3.32
N VAL C 264 -12.95 2.54 -3.15
CA VAL C 264 -12.51 1.52 -4.09
C VAL C 264 -13.73 0.92 -4.78
N MET C 265 -13.66 0.77 -6.09
CA MET C 265 -14.69 0.12 -6.88
C MET C 265 -14.05 -0.93 -7.76
N VAL C 266 -14.39 -2.20 -7.53
CA VAL C 266 -13.83 -3.31 -8.28
C VAL C 266 -14.82 -3.70 -9.38
N GLN C 267 -14.39 -3.54 -10.63
CA GLN C 267 -15.23 -3.87 -11.79
C GLN C 267 -14.99 -5.32 -12.16
N VAL C 268 -15.99 -6.18 -11.93
CA VAL C 268 -15.89 -7.60 -12.18
C VAL C 268 -16.72 -8.01 -13.40
N GLY C 269 -17.97 -7.57 -13.46
CA GLY C 269 -18.84 -7.97 -14.55
C GLY C 269 -18.45 -7.33 -15.86
N MET C 270 -18.64 -8.07 -16.94
CA MET C 270 -18.29 -7.62 -18.28
C MET C 270 -19.57 -7.47 -19.09
N GLY C 271 -19.85 -6.25 -19.55
CA GLY C 271 -21.05 -6.01 -20.32
C GLY C 271 -20.78 -5.25 -21.61
N GLY C 272 -19.59 -5.45 -22.19
CA GLY C 272 -19.22 -4.76 -23.41
C GLY C 272 -18.83 -3.32 -23.15
N ALA C 273 -18.76 -2.57 -24.25
CA ALA C 273 -18.42 -1.15 -24.17
C ALA C 273 -19.58 -0.37 -23.56
N MET C 274 -19.32 0.33 -22.47
CA MET C 274 -20.34 1.11 -21.78
C MET C 274 -20.51 2.46 -22.47
N ALA C 275 -21.76 2.84 -22.70
CA ALA C 275 -22.05 4.10 -23.38
C ALA C 275 -21.90 5.29 -22.45
N GLU C 276 -22.95 5.59 -21.70
CA GLU C 276 -23.00 6.80 -20.85
C GLU C 276 -22.23 6.54 -19.56
N PHE C 277 -20.90 6.59 -19.68
CA PHE C 277 -20.08 6.41 -18.49
C PHE C 277 -19.87 7.76 -17.81
N PRO C 278 -20.11 7.86 -16.49
CA PRO C 278 -19.90 9.13 -15.78
C PRO C 278 -18.45 9.33 -15.31
N MET C 279 -17.62 9.83 -16.24
CA MET C 279 -16.21 10.06 -15.96
C MET C 279 -16.01 11.16 -14.92
N MET C 280 -16.97 12.08 -14.79
CA MET C 280 -16.79 13.21 -13.89
C MET C 280 -16.93 12.81 -12.43
N THR C 281 -17.84 11.88 -12.11
CA THR C 281 -17.98 11.45 -10.73
C THR C 281 -16.76 10.66 -10.27
N LEU C 282 -16.14 9.91 -11.16
CA LEU C 282 -14.89 9.24 -10.83
C LEU C 282 -13.77 10.24 -10.61
N ILE C 283 -13.78 11.35 -11.34
CA ILE C 283 -12.76 12.38 -11.16
C ILE C 283 -13.02 13.17 -9.89
N GLY C 284 -14.26 13.66 -9.73
CA GLY C 284 -14.57 14.49 -8.58
C GLY C 284 -14.44 13.76 -7.26
N LYS C 285 -14.98 12.54 -7.19
CA LYS C 285 -14.88 11.75 -5.98
C LYS C 285 -13.56 11.00 -5.85
N GLU C 286 -12.70 11.05 -6.87
CA GLU C 286 -11.40 10.39 -6.86
C GLU C 286 -11.55 8.89 -6.59
N ILE C 287 -12.51 8.26 -7.26
CA ILE C 287 -12.74 6.83 -7.09
C ILE C 287 -11.58 6.04 -7.69
N SER C 288 -11.15 5.01 -7.00
CA SER C 288 -10.10 4.11 -7.49
C SER C 288 -10.78 2.92 -8.15
N LEU C 289 -11.04 3.05 -9.45
CA LEU C 289 -11.72 2.01 -10.22
C LEU C 289 -10.69 1.00 -10.70
N ARG C 290 -10.76 -0.22 -10.15
CA ARG C 290 -9.86 -1.30 -10.52
C ARG C 290 -10.65 -2.43 -11.16
N GLY C 291 -10.08 -3.02 -12.20
CA GLY C 291 -10.70 -4.16 -12.84
C GLY C 291 -10.19 -5.48 -12.28
N SER C 292 -11.01 -6.53 -12.45
CA SER C 292 -10.67 -7.87 -12.02
C SER C 292 -10.84 -8.82 -13.18
N PHE C 293 -9.82 -9.63 -13.44
CA PHE C 293 -9.83 -10.57 -14.57
C PHE C 293 -9.25 -11.90 -14.10
N ARG C 294 -10.12 -12.90 -14.01
CA ARG C 294 -9.74 -14.30 -13.73
C ARG C 294 -9.04 -14.34 -12.37
N PHE C 295 -7.84 -14.90 -12.28
CA PHE C 295 -7.19 -15.22 -11.02
C PHE C 295 -5.74 -15.60 -11.30
N THR C 296 -4.91 -15.54 -10.25
CA THR C 296 -3.52 -15.96 -10.36
C THR C 296 -3.30 -17.18 -9.46
N SER C 297 -2.97 -16.97 -8.19
CA SER C 297 -2.75 -18.04 -7.23
C SER C 297 -3.97 -18.28 -6.35
N GLU C 298 -5.09 -17.60 -6.63
CA GLU C 298 -6.32 -17.79 -5.87
C GLU C 298 -7.02 -19.09 -6.19
N PHE C 299 -6.56 -19.85 -7.18
CA PHE C 299 -7.14 -21.16 -7.44
C PHE C 299 -6.75 -22.15 -6.34
N ASN C 300 -5.49 -22.14 -5.94
CA ASN C 300 -5.07 -22.99 -4.82
C ASN C 300 -5.79 -22.60 -3.54
N THR C 301 -6.07 -21.30 -3.36
CA THR C 301 -6.81 -20.86 -2.18
C THR C 301 -8.26 -21.34 -2.23
N ALA C 302 -8.87 -21.31 -3.42
CA ALA C 302 -10.26 -21.73 -3.54
C ALA C 302 -10.42 -23.23 -3.31
N VAL C 303 -9.43 -24.02 -3.77
CA VAL C 303 -9.51 -25.47 -3.58
C VAL C 303 -9.42 -25.81 -2.10
N SER C 304 -8.54 -25.13 -1.36
CA SER C 304 -8.45 -25.37 0.07
C SER C 304 -9.65 -24.82 0.82
N TRP C 305 -10.22 -23.70 0.35
CA TRP C 305 -11.41 -23.16 0.97
C TRP C 305 -12.57 -24.13 0.87
N LEU C 306 -12.76 -24.75 -0.29
CA LEU C 306 -13.87 -25.66 -0.50
C LEU C 306 -13.67 -27.00 0.18
N ALA C 307 -12.41 -27.44 0.32
CA ALA C 307 -12.15 -28.74 0.95
C ALA C 307 -12.27 -28.66 2.46
N ASN C 308 -11.85 -27.54 3.06
CA ASN C 308 -11.89 -27.37 4.50
C ASN C 308 -13.19 -26.75 4.99
N GLY C 309 -14.18 -26.58 4.12
CA GLY C 309 -15.47 -26.06 4.54
C GLY C 309 -15.46 -24.61 4.97
N VAL C 310 -14.60 -23.79 4.37
CA VAL C 310 -14.58 -22.37 4.71
C VAL C 310 -15.83 -21.68 4.17
N ILE C 311 -16.26 -22.06 2.96
CA ILE C 311 -17.47 -21.53 2.36
C ILE C 311 -18.22 -22.68 1.70
N ASN C 312 -19.53 -22.76 1.95
CA ASN C 312 -20.36 -23.80 1.37
C ASN C 312 -21.12 -23.24 0.17
N PRO C 313 -20.78 -23.63 -1.05
CA PRO C 313 -21.47 -23.08 -2.24
C PRO C 313 -22.66 -23.89 -2.72
N LEU C 314 -23.17 -24.84 -1.92
CA LEU C 314 -24.27 -25.66 -2.38
C LEU C 314 -25.57 -24.90 -2.65
N PRO C 315 -25.92 -23.83 -1.94
CA PRO C 315 -27.12 -23.05 -2.33
C PRO C 315 -27.08 -22.53 -3.75
N LEU C 316 -25.91 -22.48 -4.39
CA LEU C 316 -25.78 -22.03 -5.77
C LEU C 316 -25.98 -23.14 -6.78
N LEU C 317 -26.09 -24.40 -6.33
CA LEU C 317 -26.23 -25.55 -7.22
C LEU C 317 -27.71 -25.75 -7.49
N SER C 318 -28.15 -25.35 -8.69
CA SER C 318 -29.57 -25.46 -9.03
C SER C 318 -29.94 -26.90 -9.42
N ALA C 319 -29.18 -27.49 -10.33
CA ALA C 319 -29.44 -28.85 -10.80
C ALA C 319 -28.15 -29.43 -11.35
N GLU C 320 -28.20 -30.71 -11.72
CA GLU C 320 -27.04 -31.39 -12.29
C GLU C 320 -27.53 -32.38 -13.34
N TYR C 321 -26.93 -32.31 -14.53
CA TYR C 321 -27.33 -33.14 -15.65
C TYR C 321 -26.19 -34.06 -16.07
N PRO C 322 -26.50 -35.22 -16.64
CA PRO C 322 -25.45 -36.04 -17.26
C PRO C 322 -24.90 -35.34 -18.49
N PHE C 323 -23.62 -35.61 -18.78
CA PHE C 323 -22.95 -34.94 -19.88
C PHE C 323 -23.54 -35.30 -21.24
N THR C 324 -24.31 -36.38 -21.32
CA THR C 324 -24.99 -36.72 -22.57
C THR C 324 -26.26 -35.90 -22.80
N ASP C 325 -26.82 -35.32 -21.74
CA ASP C 325 -27.91 -34.35 -21.86
C ASP C 325 -27.37 -32.93 -21.87
N LEU C 326 -26.41 -32.68 -22.76
CA LEU C 326 -25.66 -31.43 -22.73
C LEU C 326 -26.52 -30.25 -23.17
N GLU C 327 -27.18 -30.36 -24.32
CA GLU C 327 -27.96 -29.25 -24.84
C GLU C 327 -29.16 -28.95 -23.97
N GLU C 328 -29.73 -29.97 -23.32
CA GLU C 328 -30.84 -29.73 -22.39
C GLU C 328 -30.38 -28.94 -21.17
N ALA C 329 -29.11 -29.11 -20.76
CA ALA C 329 -28.58 -28.39 -19.62
C ALA C 329 -28.31 -26.93 -19.94
N LEU C 330 -27.85 -26.64 -21.16
CA LEU C 330 -27.58 -25.26 -21.54
C LEU C 330 -28.86 -24.44 -21.63
N ARG C 331 -29.96 -25.05 -22.06
CA ARG C 331 -31.25 -24.37 -22.04
C ARG C 331 -31.66 -24.03 -20.60
N PHE C 332 -31.42 -24.96 -19.68
CA PHE C 332 -31.77 -24.72 -18.28
C PHE C 332 -30.82 -23.71 -17.65
N ALA C 333 -29.53 -23.77 -17.99
CA ALA C 333 -28.55 -22.88 -17.39
C ALA C 333 -28.75 -21.45 -17.84
N GLY C 334 -29.11 -21.24 -19.10
CA GLY C 334 -29.37 -19.92 -19.62
C GLY C 334 -30.65 -19.26 -19.18
N ASP C 335 -31.48 -19.97 -18.42
CA ASP C 335 -32.76 -19.41 -17.98
C ASP C 335 -32.55 -18.29 -16.96
N LYS C 336 -31.80 -18.58 -15.89
CA LYS C 336 -31.52 -17.69 -14.77
C LYS C 336 -32.76 -17.32 -13.97
N THR C 337 -33.91 -17.95 -14.25
CA THR C 337 -35.10 -17.76 -13.44
C THR C 337 -35.17 -18.79 -12.31
N GLN C 338 -34.61 -19.98 -12.52
CA GLN C 338 -34.46 -20.97 -11.48
C GLN C 338 -33.05 -21.55 -11.40
N ALA C 339 -32.18 -21.23 -12.36
CA ALA C 339 -30.82 -21.77 -12.41
C ALA C 339 -29.81 -20.70 -12.05
N ALA C 340 -28.93 -21.02 -11.12
CA ALA C 340 -27.76 -20.21 -10.82
C ALA C 340 -26.47 -20.86 -11.31
N LYS C 341 -26.23 -22.12 -10.91
CA LYS C 341 -25.11 -22.89 -11.43
C LYS C 341 -25.57 -24.31 -11.63
N VAL C 342 -25.25 -24.88 -12.80
CA VAL C 342 -25.62 -26.25 -13.14
C VAL C 342 -24.36 -27.01 -13.53
N GLN C 343 -24.19 -28.20 -12.98
CA GLN C 343 -22.98 -28.99 -13.15
C GLN C 343 -23.25 -30.22 -13.99
N LEU C 344 -22.34 -30.52 -14.92
CA LEU C 344 -22.42 -31.72 -15.74
C LEU C 344 -21.64 -32.84 -15.08
N VAL C 345 -22.29 -33.97 -14.86
CA VAL C 345 -21.67 -35.14 -14.25
C VAL C 345 -21.16 -36.06 -15.35
N PHE C 346 -20.02 -36.70 -15.10
CA PHE C 346 -19.40 -37.60 -16.04
C PHE C 346 -19.33 -39.02 -15.48
N SER D 1 -36.84 -6.01 34.04
CA SER D 1 -35.90 -4.94 33.70
C SER D 1 -35.68 -4.01 34.89
N ASN D 2 -36.50 -4.19 35.93
CA ASN D 2 -36.44 -3.31 37.09
C ASN D 2 -35.05 -3.33 37.71
N ALA D 3 -34.59 -2.15 38.13
CA ALA D 3 -33.25 -2.02 38.70
C ALA D 3 -33.10 -2.88 39.94
N MET D 4 -32.18 -3.83 39.89
CA MET D 4 -31.94 -4.76 40.98
C MET D 4 -30.45 -4.90 41.22
N GLN D 5 -30.12 -5.37 42.43
CA GLN D 5 -28.74 -5.64 42.82
C GLN D 5 -28.52 -7.15 42.75
N VAL D 6 -27.80 -7.59 41.74
CA VAL D 6 -27.55 -9.01 41.55
C VAL D 6 -26.26 -9.39 42.28
N LYS D 7 -26.17 -10.66 42.68
CA LYS D 7 -24.99 -11.24 43.30
C LYS D 7 -24.16 -11.98 42.26
N THR D 8 -22.89 -12.16 42.56
CA THR D 8 -21.99 -12.87 41.65
C THR D 8 -20.76 -13.34 42.41
N GLN D 9 -20.14 -14.38 41.87
CA GLN D 9 -18.88 -14.92 42.38
C GLN D 9 -17.81 -14.64 41.33
N SER D 10 -16.74 -13.95 41.73
CA SER D 10 -15.75 -13.45 40.80
C SER D 10 -14.39 -14.07 41.09
N CYS D 11 -13.72 -14.51 40.04
CA CYS D 11 -12.34 -14.97 40.16
C CYS D 11 -11.42 -13.78 40.41
N VAL D 12 -10.81 -13.73 41.58
CA VAL D 12 -10.06 -12.55 42.03
C VAL D 12 -8.64 -12.95 42.40
N VAL D 13 -7.68 -12.15 41.96
CA VAL D 13 -6.28 -12.27 42.39
C VAL D 13 -5.97 -11.06 43.27
N ALA D 14 -5.23 -11.30 44.35
CA ALA D 14 -4.81 -10.24 45.26
C ALA D 14 -3.31 -9.98 45.25
N GLY D 15 -2.51 -10.95 44.82
CA GLY D 15 -1.08 -10.75 44.76
C GLY D 15 -0.42 -11.95 44.10
N LYS D 16 0.91 -11.99 44.23
CA LYS D 16 1.68 -13.11 43.71
C LYS D 16 1.26 -14.41 44.37
N LYS D 17 0.67 -15.32 43.59
CA LYS D 17 0.21 -16.63 44.07
C LYS D 17 -0.90 -16.51 45.10
N THR D 18 -1.61 -15.39 45.14
CA THR D 18 -2.74 -15.18 46.05
C THR D 18 -4.00 -15.01 45.21
N VAL D 19 -4.86 -16.01 45.24
CA VAL D 19 -6.00 -16.09 44.33
C VAL D 19 -7.17 -16.75 45.06
N ALA D 20 -8.37 -16.19 44.87
CA ALA D 20 -9.57 -16.74 45.47
C ALA D 20 -10.80 -16.23 44.72
N VAL D 21 -11.86 -17.03 44.75
CA VAL D 21 -13.15 -16.62 44.22
C VAL D 21 -13.97 -16.03 45.37
N THR D 22 -14.33 -14.76 45.24
CA THR D 22 -14.93 -14.00 46.32
C THR D 22 -16.38 -13.63 46.00
N GLU D 23 -17.11 -13.26 47.05
CA GLU D 23 -18.42 -12.66 46.86
C GLU D 23 -18.27 -11.28 46.26
N GLN D 24 -19.29 -10.85 45.52
CA GLN D 24 -19.28 -9.54 44.90
C GLN D 24 -20.72 -9.07 44.72
N THR D 25 -20.87 -7.85 44.19
CA THR D 25 -22.17 -7.19 44.13
C THR D 25 -22.13 -6.12 43.06
N ILE D 26 -23.05 -6.21 42.09
CA ILE D 26 -23.23 -5.19 41.06
C ILE D 26 -24.68 -4.73 41.11
N ASP D 27 -24.90 -3.44 40.90
CA ASP D 27 -26.23 -2.83 41.01
C ASP D 27 -26.68 -2.43 39.60
N TRP D 28 -27.51 -3.27 38.99
CA TRP D 28 -27.96 -3.04 37.62
C TRP D 28 -29.04 -1.97 37.59
N ASN D 29 -28.98 -1.10 36.57
CA ASN D 29 -29.92 0.01 36.44
C ASN D 29 -30.11 0.45 35.00
N ASN D 30 -30.73 -0.41 34.18
CA ASN D 30 -31.17 -0.10 32.82
C ASN D 30 -30.18 0.75 32.01
N ASN D 31 -28.87 0.58 32.26
CA ASN D 31 -27.85 1.30 31.50
C ASN D 31 -26.71 0.34 31.23
N GLY D 32 -26.56 -0.08 29.99
CA GLY D 32 -25.59 -1.10 29.63
C GLY D 32 -26.25 -2.43 29.36
N THR D 33 -25.51 -3.53 29.58
CA THR D 33 -26.06 -4.86 29.35
C THR D 33 -25.61 -5.78 30.47
N LEU D 34 -26.57 -6.46 31.08
CA LEU D 34 -26.28 -7.45 32.11
C LEU D 34 -26.11 -8.81 31.44
N VAL D 35 -24.94 -9.43 31.65
CA VAL D 35 -24.59 -10.66 30.96
C VAL D 35 -24.19 -11.71 32.00
N GLN D 36 -24.77 -12.90 31.88
CA GLN D 36 -24.33 -14.05 32.66
C GLN D 36 -23.20 -14.74 31.89
N ILE D 37 -22.02 -14.80 32.51
CA ILE D 37 -20.87 -15.43 31.88
C ILE D 37 -21.04 -16.94 31.96
N THR D 38 -20.78 -17.62 30.85
CA THR D 38 -20.91 -19.07 30.77
C THR D 38 -19.59 -19.80 30.60
N ARG D 39 -18.61 -19.19 29.95
CA ARG D 39 -17.34 -19.86 29.69
C ARG D 39 -16.27 -18.80 29.45
N GLY D 40 -15.06 -19.08 29.91
CA GLY D 40 -13.95 -18.17 29.73
C GLY D 40 -12.60 -18.87 29.63
N GLY D 41 -11.74 -18.36 28.76
CA GLY D 41 -10.42 -18.94 28.55
C GLY D 41 -9.35 -18.23 29.35
N ILE D 42 -8.33 -18.98 29.74
CA ILE D 42 -7.20 -18.47 30.51
C ILE D 42 -6.09 -18.11 29.53
N CYS D 43 -5.69 -16.84 29.53
CA CYS D 43 -4.62 -16.36 28.66
C CYS D 43 -3.33 -16.21 29.45
N GLY D 44 -2.26 -15.82 28.75
CA GLY D 44 -0.99 -15.59 29.41
C GLY D 44 -1.01 -14.43 30.38
N SER D 45 -1.89 -13.46 30.15
CA SER D 45 -2.05 -12.34 31.07
C SER D 45 -2.52 -12.82 32.43
N ASP D 46 -3.41 -13.82 32.45
CA ASP D 46 -3.95 -14.32 33.71
C ASP D 46 -2.92 -15.13 34.47
N LEU D 47 -2.10 -15.91 33.76
CA LEU D 47 -1.09 -16.72 34.42
C LEU D 47 -0.01 -15.86 35.05
N HIS D 48 0.39 -14.78 34.37
CA HIS D 48 1.42 -13.91 34.93
C HIS D 48 0.94 -13.22 36.20
N TYR D 49 -0.35 -12.87 36.27
CA TYR D 49 -0.89 -12.26 37.47
C TYR D 49 -0.92 -13.23 38.64
N TYR D 50 -1.00 -14.54 38.37
CA TYR D 50 -0.97 -15.54 39.42
C TYR D 50 0.45 -16.00 39.75
N GLN D 51 1.32 -16.09 38.74
CA GLN D 51 2.67 -16.60 38.99
C GLN D 51 3.55 -15.55 39.64
N GLU D 52 3.62 -14.35 39.06
CA GLU D 52 4.48 -13.30 39.55
C GLU D 52 3.72 -12.10 40.09
N GLY D 53 2.39 -12.11 40.00
CA GLY D 53 1.61 -10.96 40.44
C GLY D 53 1.87 -9.70 39.63
N LYS D 54 2.28 -9.85 38.38
CA LYS D 54 2.65 -8.70 37.56
C LYS D 54 2.70 -9.12 36.10
N VAL D 55 2.60 -8.13 35.22
CA VAL D 55 2.92 -8.28 33.82
C VAL D 55 3.86 -7.15 33.43
N GLY D 56 5.05 -7.51 32.94
CA GLY D 56 6.08 -6.52 32.67
C GLY D 56 6.40 -5.68 33.89
N ASN D 57 5.98 -4.41 33.86
CA ASN D 57 6.11 -3.52 35.00
C ASN D 57 4.80 -3.28 35.73
N PHE D 58 3.69 -3.82 35.22
CA PHE D 58 2.37 -3.55 35.79
C PHE D 58 2.13 -4.54 36.93
N MET D 59 2.17 -4.05 38.16
CA MET D 59 1.91 -4.86 39.34
C MET D 59 0.44 -4.74 39.76
N ILE D 60 0.01 -5.66 40.60
CA ILE D 60 -1.33 -5.66 41.16
C ILE D 60 -1.27 -5.01 42.53
N LYS D 61 -1.96 -3.87 42.68
CA LYS D 61 -1.97 -3.12 43.93
C LYS D 61 -3.23 -3.31 44.74
N ALA D 62 -4.31 -3.80 44.12
CA ALA D 62 -5.57 -4.06 44.79
C ALA D 62 -6.22 -5.27 44.14
N PRO D 63 -7.12 -5.95 44.84
CA PRO D 63 -7.78 -7.12 44.23
C PRO D 63 -8.45 -6.78 42.91
N MET D 64 -8.38 -7.72 41.97
CA MET D 64 -8.88 -7.50 40.62
C MET D 64 -9.46 -8.81 40.07
N VAL D 65 -10.48 -8.67 39.23
CA VAL D 65 -11.07 -9.82 38.56
C VAL D 65 -10.25 -10.15 37.32
N LEU D 66 -10.04 -11.44 37.07
CA LEU D 66 -9.19 -11.90 35.98
C LEU D 66 -10.01 -12.20 34.73
N GLY D 67 -9.33 -12.64 33.67
CA GLY D 67 -9.97 -13.07 32.46
C GLY D 67 -10.34 -11.96 31.50
N HIS D 68 -10.03 -12.14 30.21
CA HIS D 68 -10.43 -11.19 29.19
C HIS D 68 -10.98 -11.83 27.92
N GLU D 69 -11.02 -13.17 27.83
CA GLU D 69 -11.67 -13.87 26.74
C GLU D 69 -12.84 -14.65 27.33
N VAL D 70 -14.05 -14.14 27.10
CA VAL D 70 -15.23 -14.57 27.85
C VAL D 70 -16.45 -14.47 26.96
N ILE D 71 -17.33 -15.47 27.06
CA ILE D 71 -18.61 -15.49 26.37
C ILE D 71 -19.71 -15.70 27.40
N GLY D 72 -20.95 -15.50 26.96
CA GLY D 72 -22.08 -15.68 27.86
C GLY D 72 -23.38 -15.33 27.19
N LYS D 73 -24.44 -15.24 28.00
CA LYS D 73 -25.78 -14.93 27.55
C LYS D 73 -26.22 -13.58 28.08
N VAL D 74 -27.20 -12.98 27.40
CA VAL D 74 -27.75 -11.69 27.78
C VAL D 74 -28.90 -11.91 28.76
N ILE D 75 -28.94 -11.11 29.81
CA ILE D 75 -30.00 -11.16 30.81
C ILE D 75 -30.91 -9.93 30.72
N HIS D 76 -30.31 -8.75 30.64
CA HIS D 76 -31.04 -7.51 30.42
C HIS D 76 -30.17 -6.57 29.61
N SER D 77 -30.81 -5.76 28.76
CA SER D 77 -30.07 -4.85 27.90
C SER D 77 -30.91 -3.60 27.64
N ASP D 78 -30.23 -2.46 27.52
CA ASP D 78 -30.90 -1.21 27.19
C ASP D 78 -31.23 -1.08 25.72
N SER D 79 -30.75 -2.01 24.89
CA SER D 79 -31.03 -2.02 23.46
C SER D 79 -32.08 -3.08 23.16
N SER D 80 -33.08 -2.71 22.36
CA SER D 80 -34.12 -3.65 21.98
C SER D 80 -33.65 -4.65 20.93
N GLU D 81 -32.55 -4.38 20.24
CA GLU D 81 -32.03 -5.33 19.26
C GLU D 81 -31.41 -6.54 19.96
N LEU D 82 -30.74 -6.33 21.08
CA LEU D 82 -30.18 -7.42 21.87
C LEU D 82 -31.30 -8.04 22.68
N HIS D 83 -31.78 -9.21 22.25
CA HIS D 83 -32.84 -9.90 22.95
C HIS D 83 -32.29 -10.58 24.20
N GLU D 84 -33.19 -10.86 25.15
CA GLU D 84 -32.80 -11.53 26.37
C GLU D 84 -32.63 -13.02 26.12
N GLY D 85 -31.56 -13.59 26.68
CA GLY D 85 -31.18 -14.95 26.38
C GLY D 85 -30.28 -15.11 25.17
N GLN D 86 -29.90 -14.01 24.53
CA GLN D 86 -29.07 -14.08 23.34
C GLN D 86 -27.64 -14.45 23.71
N THR D 87 -27.07 -15.39 22.96
CA THR D 87 -25.68 -15.76 23.13
C THR D 87 -24.77 -14.69 22.53
N VAL D 88 -23.80 -14.23 23.32
CA VAL D 88 -22.91 -13.15 22.90
C VAL D 88 -21.48 -13.48 23.32
N ALA D 89 -20.54 -12.95 22.55
CA ALA D 89 -19.12 -12.97 22.90
C ALA D 89 -18.71 -11.57 23.33
N ILE D 90 -18.07 -11.46 24.48
CA ILE D 90 -17.79 -10.16 25.09
C ILE D 90 -16.44 -9.66 24.60
N ASN D 91 -16.45 -8.54 23.91
CA ASN D 91 -15.21 -7.89 23.51
C ASN D 91 -14.59 -7.20 24.72
N PRO D 92 -13.40 -7.59 25.15
CA PRO D 92 -12.79 -6.95 26.33
C PRO D 92 -12.35 -5.52 26.11
N SER D 93 -12.50 -4.98 24.90
CA SER D 93 -12.04 -3.63 24.59
C SER D 93 -13.16 -2.62 24.79
N LYS D 94 -12.89 -1.60 25.59
CA LYS D 94 -13.80 -0.46 25.77
C LYS D 94 -12.97 0.81 25.64
N PRO D 95 -12.73 1.27 24.41
CA PRO D 95 -11.96 2.50 24.21
C PRO D 95 -12.85 3.73 24.25
N CYS D 96 -12.19 4.87 24.44
CA CYS D 96 -12.88 6.15 24.30
C CYS D 96 -13.12 6.45 22.83
N GLY D 97 -14.03 7.38 22.57
CA GLY D 97 -14.39 7.74 21.21
C GLY D 97 -13.85 9.06 20.72
N HIS D 98 -12.84 9.65 21.38
CA HIS D 98 -12.39 10.99 21.05
C HIS D 98 -10.89 11.17 20.98
N CYS D 99 -10.09 10.14 21.30
CA CYS D 99 -8.65 10.28 21.17
C CYS D 99 -8.25 10.13 19.70
N LYS D 100 -7.00 10.51 19.40
CA LYS D 100 -6.57 10.56 18.01
C LYS D 100 -6.49 9.17 17.38
N TYR D 101 -6.16 8.14 18.16
CA TYR D 101 -6.06 6.80 17.59
C TYR D 101 -7.43 6.18 17.37
N CYS D 102 -8.39 6.46 18.26
CA CYS D 102 -9.74 5.94 18.07
C CYS D 102 -10.49 6.69 16.97
N ILE D 103 -10.17 7.96 16.75
CA ILE D 103 -10.76 8.70 15.65
C ILE D 103 -10.33 8.10 14.32
N GLU D 104 -9.07 7.68 14.23
CA GLU D 104 -8.53 7.04 13.04
C GLU D 104 -8.81 5.54 12.98
N HIS D 105 -9.75 5.06 13.80
CA HIS D 105 -10.14 3.65 13.82
C HIS D 105 -8.99 2.72 14.19
N ASN D 106 -8.08 3.21 15.04
CA ASN D 106 -7.04 2.38 15.64
C ASN D 106 -7.33 2.22 17.12
N GLU D 107 -8.52 1.69 17.45
CA GLU D 107 -8.96 1.65 18.84
C GLU D 107 -8.07 0.78 19.73
N ASN D 108 -7.25 -0.09 19.15
CA ASN D 108 -6.36 -0.92 19.96
C ASN D 108 -5.26 -0.09 20.61
N GLN D 109 -4.96 1.10 20.09
CA GLN D 109 -3.94 1.98 20.63
C GLN D 109 -4.52 3.17 21.38
N CYS D 110 -5.68 2.96 22.03
CA CYS D 110 -6.35 4.05 22.72
C CYS D 110 -5.51 4.56 23.88
N THR D 111 -5.50 5.89 24.06
CA THR D 111 -4.75 6.48 25.16
C THR D 111 -5.41 6.23 26.51
N ASP D 112 -6.75 6.21 26.54
CA ASP D 112 -7.48 5.93 27.77
C ASP D 112 -8.13 4.56 27.67
N MET D 113 -7.33 3.55 27.34
CA MET D 113 -7.84 2.20 27.14
C MET D 113 -8.22 1.56 28.47
N ARG D 114 -9.25 0.72 28.43
CA ARG D 114 -9.75 -0.01 29.61
C ARG D 114 -10.02 -1.45 29.17
N PHE D 115 -9.01 -2.30 29.29
CA PHE D 115 -9.07 -3.69 28.87
C PHE D 115 -9.45 -4.58 30.04
N PHE D 116 -10.16 -5.67 29.74
CA PHE D 116 -10.58 -6.59 30.79
C PHE D 116 -9.37 -7.20 31.49
N GLY D 117 -9.38 -7.16 32.82
CA GLY D 117 -8.34 -7.77 33.62
C GLY D 117 -6.95 -7.24 33.33
N SER D 118 -6.82 -5.92 33.23
CA SER D 118 -5.55 -5.27 32.92
C SER D 118 -5.15 -4.40 34.10
N ALA D 119 -3.99 -4.71 34.68
CA ALA D 119 -3.45 -3.94 35.81
C ALA D 119 -2.53 -2.82 35.34
N MET D 120 -2.86 -2.19 34.21
CA MET D 120 -2.07 -1.09 33.66
C MET D 120 -2.32 0.21 34.40
N TYR D 121 -3.58 0.58 34.58
CA TYR D 121 -3.94 1.76 35.34
C TYR D 121 -4.42 1.36 36.73
N PHE D 122 -4.51 2.34 37.61
CA PHE D 122 -5.12 2.14 38.91
C PHE D 122 -6.23 3.16 39.12
N PRO D 123 -7.44 2.73 39.51
CA PRO D 123 -7.78 1.33 39.76
C PRO D 123 -7.90 0.49 38.49
N HIS D 124 -7.42 -0.75 38.57
CA HIS D 124 -7.38 -1.61 37.39
C HIS D 124 -8.80 -1.97 36.93
N VAL D 125 -8.90 -2.31 35.66
CA VAL D 125 -10.19 -2.72 35.10
C VAL D 125 -10.42 -4.19 35.41
N ASP D 126 -11.57 -4.49 36.02
CA ASP D 126 -11.89 -5.86 36.38
C ASP D 126 -12.14 -6.71 35.13
N GLY D 127 -11.79 -7.99 35.23
CA GLY D 127 -11.93 -8.90 34.13
C GLY D 127 -13.33 -9.48 34.01
N GLY D 128 -13.43 -10.55 33.24
CA GLY D 128 -14.72 -11.18 32.97
C GLY D 128 -14.94 -12.49 33.71
N PHE D 129 -13.93 -12.96 34.44
CA PHE D 129 -14.06 -14.20 35.19
C PHE D 129 -14.95 -14.00 36.41
N THR D 130 -16.25 -13.85 36.17
CA THR D 130 -17.25 -13.67 37.21
C THR D 130 -18.57 -14.19 36.68
N ARG D 131 -19.47 -14.59 37.58
CA ARG D 131 -20.72 -15.19 37.14
C ARG D 131 -21.59 -14.19 36.39
N TYR D 132 -21.80 -13.02 36.98
CA TYR D 132 -22.55 -11.93 36.36
C TYR D 132 -21.67 -10.69 36.29
N LYS D 133 -21.73 -10.00 35.15
CA LYS D 133 -20.94 -8.80 34.96
C LYS D 133 -21.72 -7.81 34.10
N MET D 134 -21.77 -6.56 34.54
CA MET D 134 -22.39 -5.50 33.75
C MET D 134 -21.36 -4.94 32.77
N VAL D 135 -21.74 -4.86 31.50
CA VAL D 135 -20.82 -4.50 30.42
C VAL D 135 -21.52 -3.56 29.46
N GLU D 136 -20.72 -2.90 28.63
CA GLU D 136 -21.26 -1.99 27.63
C GLU D 136 -22.04 -2.75 26.56
N THR D 137 -23.04 -2.09 26.00
CA THR D 137 -23.88 -2.72 24.98
C THR D 137 -23.08 -2.99 23.71
N SER D 138 -22.14 -2.11 23.37
CA SER D 138 -21.34 -2.31 22.17
C SER D 138 -20.30 -3.41 22.33
N GLN D 139 -20.02 -3.83 23.58
CA GLN D 139 -19.08 -4.91 23.82
C GLN D 139 -19.70 -6.29 23.65
N CYS D 140 -21.00 -6.38 23.36
CA CYS D 140 -21.69 -7.65 23.20
C CYS D 140 -21.82 -7.95 21.71
N VAL D 141 -21.17 -9.02 21.27
CA VAL D 141 -21.19 -9.45 19.88
C VAL D 141 -22.02 -10.73 19.79
N PRO D 142 -23.22 -10.68 19.23
CA PRO D 142 -24.07 -11.88 19.19
C PRO D 142 -23.54 -12.90 18.19
N TYR D 143 -23.91 -14.16 18.43
CA TYR D 143 -23.61 -15.27 17.53
C TYR D 143 -24.71 -16.30 17.66
N PRO D 144 -24.94 -17.12 16.64
CA PRO D 144 -26.03 -18.12 16.72
C PRO D 144 -25.79 -19.10 17.87
N ALA D 145 -26.86 -19.35 18.63
CA ALA D 145 -26.75 -20.22 19.80
C ALA D 145 -26.40 -21.65 19.44
N LYS D 146 -26.57 -22.04 18.18
CA LYS D 146 -26.19 -23.38 17.72
C LYS D 146 -24.69 -23.58 17.68
N ALA D 147 -23.89 -22.51 17.74
CA ALA D 147 -22.45 -22.66 17.73
C ALA D 147 -21.96 -23.29 19.03
N ASP D 148 -20.87 -24.05 18.92
CA ASP D 148 -20.32 -24.75 20.07
C ASP D 148 -19.82 -23.75 21.10
N GLU D 149 -20.22 -23.96 22.36
CA GLU D 149 -19.78 -23.09 23.44
C GLU D 149 -18.27 -23.11 23.60
N LYS D 150 -17.67 -24.30 23.44
CA LYS D 150 -16.22 -24.45 23.57
C LYS D 150 -15.47 -23.81 22.42
N VAL D 151 -16.11 -23.65 21.26
CA VAL D 151 -15.45 -23.03 20.12
C VAL D 151 -15.44 -21.52 20.24
N MET D 152 -16.56 -20.93 20.67
CA MET D 152 -16.69 -19.48 20.71
C MET D 152 -15.80 -18.83 21.77
N ALA D 153 -15.33 -19.60 22.76
CA ALA D 153 -14.45 -19.04 23.76
C ALA D 153 -13.09 -18.63 23.21
N PHE D 154 -12.76 -19.04 21.98
CA PHE D 154 -11.53 -18.64 21.32
C PHE D 154 -11.68 -17.33 20.55
N ALA D 155 -12.70 -16.53 20.86
CA ALA D 155 -12.95 -15.32 20.09
C ALA D 155 -11.83 -14.31 20.25
N GLU D 156 -11.40 -14.06 21.50
CA GLU D 156 -10.36 -13.06 21.72
C GLU D 156 -8.99 -13.52 21.22
N PRO D 157 -8.53 -14.74 21.51
CA PRO D 157 -7.22 -15.14 20.96
C PRO D 157 -7.19 -15.18 19.43
N LEU D 158 -8.29 -15.61 18.81
CA LEU D 158 -8.34 -15.60 17.35
C LEU D 158 -8.27 -14.17 16.81
N ALA D 159 -8.93 -13.23 17.50
CA ALA D 159 -8.86 -11.83 17.10
C ALA D 159 -7.43 -11.32 17.18
N VAL D 160 -6.69 -11.73 18.21
CA VAL D 160 -5.28 -11.39 18.30
C VAL D 160 -4.50 -12.00 17.13
N ALA D 161 -4.89 -13.21 16.72
CA ALA D 161 -4.18 -13.86 15.62
C ALA D 161 -4.55 -13.25 14.28
N ILE D 162 -5.84 -12.94 14.08
CA ILE D 162 -6.27 -12.35 12.81
C ILE D 162 -5.65 -10.97 12.64
N HIS D 163 -5.59 -10.17 13.72
CA HIS D 163 -4.96 -8.87 13.64
C HIS D 163 -3.47 -9.00 13.32
N ALA D 164 -2.82 -10.02 13.88
CA ALA D 164 -1.40 -10.23 13.60
C ALA D 164 -1.19 -10.59 12.13
N ALA D 165 -2.11 -11.34 11.54
CA ALA D 165 -2.00 -11.68 10.13
C ALA D 165 -2.20 -10.47 9.23
N HIS D 166 -3.07 -9.54 9.64
CA HIS D 166 -3.28 -8.34 8.83
C HIS D 166 -2.09 -7.39 8.90
N GLN D 167 -1.31 -7.45 9.98
CA GLN D 167 -0.11 -6.61 10.06
C GLN D 167 0.95 -7.06 9.07
N ALA D 168 0.81 -8.26 8.50
CA ALA D 168 1.76 -8.77 7.54
C ALA D 168 1.59 -8.13 6.16
N GLY D 169 0.42 -7.55 5.88
CA GLY D 169 0.16 -6.98 4.57
C GLY D 169 -0.46 -8.00 3.65
N GLU D 170 0.07 -8.10 2.43
CA GLU D 170 -0.44 -9.06 1.47
C GLU D 170 0.00 -10.47 1.84
N LEU D 171 -0.98 -11.38 1.95
CA LEU D 171 -0.71 -12.76 2.30
C LEU D 171 -1.05 -13.75 1.19
N GLN D 172 -1.84 -13.35 0.20
CA GLN D 172 -2.28 -14.27 -0.84
C GLN D 172 -1.08 -14.76 -1.66
N GLY D 173 -0.90 -16.08 -1.67
CA GLY D 173 0.18 -16.68 -2.43
C GLY D 173 1.56 -16.52 -1.84
N LYS D 174 1.66 -16.05 -0.59
CA LYS D 174 2.95 -15.80 0.04
C LYS D 174 3.42 -17.03 0.80
N ARG D 175 4.71 -17.04 1.11
CA ARG D 175 5.32 -18.09 1.92
C ARG D 175 5.50 -17.57 3.34
N VAL D 176 4.81 -18.19 4.29
CA VAL D 176 4.71 -17.70 5.66
C VAL D 176 5.51 -18.63 6.56
N PHE D 177 6.31 -18.03 7.45
CA PHE D 177 7.03 -18.76 8.49
C PHE D 177 6.49 -18.30 9.83
N ILE D 178 6.20 -19.26 10.72
CA ILE D 178 5.57 -18.97 12.01
C ILE D 178 6.43 -19.63 13.08
N SER D 179 7.26 -18.84 13.75
CA SER D 179 8.13 -19.34 14.80
C SER D 179 7.40 -19.34 16.14
N GLY D 180 7.25 -20.51 16.74
CA GLY D 180 6.56 -20.63 18.00
C GLY D 180 5.07 -20.89 17.84
N VAL D 181 4.68 -22.16 17.84
CA VAL D 181 3.28 -22.51 17.64
C VAL D 181 2.63 -22.88 18.96
N GLY D 182 2.46 -21.89 19.83
CA GLY D 182 1.66 -22.04 21.01
C GLY D 182 0.19 -21.90 20.65
N PRO D 183 -0.63 -21.45 21.61
CA PRO D 183 -2.04 -21.19 21.28
C PRO D 183 -2.20 -20.09 20.25
N ILE D 184 -1.50 -18.98 20.42
CA ILE D 184 -1.62 -17.86 19.47
C ILE D 184 -0.99 -18.23 18.13
N GLY D 185 0.17 -18.91 18.17
CA GLY D 185 0.83 -19.27 16.92
C GLY D 185 0.01 -20.21 16.06
N CYS D 186 -0.67 -21.17 16.69
CA CYS D 186 -1.52 -22.09 15.94
C CYS D 186 -2.72 -21.38 15.32
N LEU D 187 -3.27 -20.38 16.01
CA LEU D 187 -4.36 -19.61 15.43
C LEU D 187 -3.86 -18.72 14.29
N ILE D 188 -2.60 -18.28 14.36
CA ILE D 188 -2.02 -17.56 13.23
C ILE D 188 -1.84 -18.50 12.04
N VAL D 189 -1.53 -19.78 12.31
CA VAL D 189 -1.42 -20.77 11.24
C VAL D 189 -2.72 -20.84 10.45
N SER D 190 -3.83 -21.07 11.15
CA SER D 190 -5.13 -21.12 10.48
C SER D 190 -5.56 -19.75 9.96
N ALA D 191 -5.03 -18.67 10.51
CA ALA D 191 -5.37 -17.35 10.01
C ALA D 191 -4.74 -17.10 8.64
N VAL D 192 -3.44 -17.36 8.50
CA VAL D 192 -2.78 -17.15 7.23
C VAL D 192 -3.23 -18.18 6.19
N LYS D 193 -3.62 -19.38 6.64
CA LYS D 193 -4.16 -20.37 5.72
C LYS D 193 -5.47 -19.88 5.12
N THR D 194 -6.38 -19.38 5.95
CA THR D 194 -7.65 -18.88 5.45
C THR D 194 -7.45 -17.65 4.56
N LEU D 195 -6.48 -16.82 4.90
CA LEU D 195 -6.24 -15.58 4.16
C LEU D 195 -5.44 -15.78 2.88
N GLY D 196 -5.11 -17.01 2.52
CA GLY D 196 -4.55 -17.29 1.21
C GLY D 196 -3.05 -17.54 1.14
N ALA D 197 -2.40 -17.88 2.24
CA ALA D 197 -0.99 -18.20 2.19
C ALA D 197 -0.76 -19.48 1.37
N ALA D 198 0.31 -19.48 0.57
CA ALA D 198 0.60 -20.61 -0.30
C ALA D 198 1.39 -21.70 0.40
N GLU D 199 2.19 -21.36 1.41
CA GLU D 199 3.00 -22.35 2.13
C GLU D 199 3.24 -21.83 3.54
N ILE D 200 2.85 -22.62 4.53
CA ILE D 200 3.02 -22.26 5.94
C ILE D 200 4.00 -23.23 6.57
N VAL D 201 5.13 -22.70 7.03
CA VAL D 201 6.15 -23.47 7.73
C VAL D 201 6.26 -22.93 9.15
N CYS D 202 6.13 -23.81 10.13
CA CYS D 202 6.17 -23.40 11.53
C CYS D 202 7.23 -24.22 12.26
N ALA D 203 7.74 -23.64 13.35
CA ALA D 203 8.83 -24.24 14.10
C ALA D 203 8.61 -24.07 15.59
N ASP D 204 8.99 -25.07 16.36
CA ASP D 204 8.91 -25.03 17.82
C ASP D 204 9.78 -26.14 18.39
N VAL D 205 10.16 -25.98 19.65
CA VAL D 205 11.02 -26.97 20.30
C VAL D 205 10.23 -28.20 20.72
N SER D 206 9.04 -28.00 21.27
CA SER D 206 8.21 -29.12 21.71
C SER D 206 7.50 -29.74 20.53
N PRO D 207 7.66 -31.03 20.26
CA PRO D 207 6.89 -31.67 19.19
C PRO D 207 5.40 -31.65 19.43
N ARG D 208 4.96 -31.44 20.68
CA ARG D 208 3.54 -31.33 20.97
C ARG D 208 2.94 -30.08 20.34
N SER D 209 3.67 -28.96 20.40
CA SER D 209 3.21 -27.74 19.74
C SER D 209 3.23 -27.90 18.22
N LEU D 210 4.20 -28.66 17.68
CA LEU D 210 4.21 -28.93 16.26
C LEU D 210 3.01 -29.79 15.85
N SER D 211 2.74 -30.85 16.65
CA SER D 211 1.59 -31.70 16.36
C SER D 211 0.31 -30.89 16.29
N LEU D 212 0.16 -29.89 17.16
CA LEU D 212 -0.99 -29.00 17.06
C LEU D 212 -0.89 -28.09 15.84
N GLY D 213 0.32 -27.75 15.42
CA GLY D 213 0.47 -26.86 14.28
C GLY D 213 0.00 -27.49 12.99
N LYS D 214 0.30 -28.77 12.78
CA LYS D 214 -0.13 -29.44 11.55
C LYS D 214 -1.65 -29.60 11.51
N GLU D 215 -2.27 -29.85 12.66
CA GLU D 215 -3.73 -29.99 12.68
C GLU D 215 -4.43 -28.68 12.39
N MET D 216 -3.78 -27.54 12.61
CA MET D 216 -4.39 -26.25 12.33
C MET D 216 -4.14 -25.75 10.91
N GLY D 217 -3.35 -26.47 10.12
CA GLY D 217 -3.21 -26.14 8.72
C GLY D 217 -1.80 -25.95 8.22
N ALA D 218 -0.80 -26.28 9.04
CA ALA D 218 0.59 -26.10 8.64
C ALA D 218 0.97 -27.12 7.57
N ASP D 219 1.90 -26.71 6.70
CA ASP D 219 2.39 -27.55 5.62
C ASP D 219 3.71 -28.23 5.94
N VAL D 220 4.64 -27.52 6.58
CA VAL D 220 5.93 -28.06 6.99
C VAL D 220 6.17 -27.68 8.44
N LEU D 221 6.78 -28.59 9.20
CA LEU D 221 7.08 -28.36 10.61
C LEU D 221 8.56 -28.64 10.84
N VAL D 222 9.23 -27.73 11.57
CA VAL D 222 10.66 -27.80 11.79
C VAL D 222 10.93 -27.74 13.28
N ASN D 223 11.92 -28.50 13.74
CA ASN D 223 12.42 -28.39 15.10
C ASN D 223 13.82 -27.79 15.05
N PRO D 224 14.03 -26.58 15.55
CA PRO D 224 15.35 -25.95 15.41
C PRO D 224 16.47 -26.71 16.09
N GLN D 225 16.16 -27.58 17.05
CA GLN D 225 17.21 -28.38 17.69
C GLN D 225 17.74 -29.44 16.73
N ASN D 226 16.85 -30.17 16.07
CA ASN D 226 17.23 -31.30 15.23
C ASN D 226 17.41 -30.89 13.77
N ASP D 227 16.33 -30.41 13.14
CA ASP D 227 16.31 -30.17 11.71
C ASP D 227 17.20 -28.97 11.36
N ASP D 228 17.67 -28.98 10.11
CA ASP D 228 18.54 -27.94 9.59
C ASP D 228 17.72 -26.89 8.84
N MET D 229 18.13 -25.63 8.97
CA MET D 229 17.41 -24.50 8.40
C MET D 229 18.19 -23.82 7.26
N ASP D 230 19.26 -24.44 6.78
CA ASP D 230 20.14 -23.74 5.85
C ASP D 230 19.50 -23.51 4.48
N HIS D 231 18.63 -24.43 4.03
CA HIS D 231 17.96 -24.21 2.75
C HIS D 231 16.87 -23.17 2.85
N TRP D 232 16.39 -22.85 4.06
CA TRP D 232 15.50 -21.71 4.22
C TRP D 232 16.28 -20.40 4.25
N LYS D 233 17.49 -20.42 4.82
CA LYS D 233 18.31 -19.23 4.94
C LYS D 233 19.13 -18.93 3.68
N ALA D 234 18.96 -19.71 2.62
CA ALA D 234 19.72 -19.50 1.40
C ALA D 234 19.28 -18.22 0.70
N GLU D 235 20.20 -17.65 -0.07
CA GLU D 235 20.03 -16.40 -0.83
C GLU D 235 19.19 -15.38 -0.06
N LYS D 236 19.73 -14.98 1.09
CA LYS D 236 19.19 -13.90 1.92
C LYS D 236 17.77 -14.19 2.39
N GLY D 237 17.43 -15.45 2.58
CA GLY D 237 16.13 -15.80 3.13
C GLY D 237 15.21 -16.39 2.06
N TYR D 238 14.18 -17.08 2.54
CA TYR D 238 13.24 -17.78 1.67
C TYR D 238 11.80 -17.31 1.82
N PHE D 239 11.38 -16.90 3.01
CA PHE D 239 9.98 -16.61 3.29
C PHE D 239 9.66 -15.14 3.04
N ASP D 240 8.47 -14.89 2.48
CA ASP D 240 7.99 -13.53 2.32
C ASP D 240 7.65 -12.91 3.67
N VAL D 241 6.92 -13.65 4.51
CA VAL D 241 6.47 -13.16 5.80
C VAL D 241 6.91 -14.13 6.88
N SER D 242 7.31 -13.59 8.03
CA SER D 242 7.65 -14.40 9.19
C SER D 242 6.87 -13.90 10.40
N PHE D 243 6.44 -14.84 11.24
CA PHE D 243 5.69 -14.53 12.46
C PHE D 243 6.48 -15.02 13.66
N GLU D 244 6.90 -14.09 14.52
CA GLU D 244 7.65 -14.40 15.73
C GLU D 244 6.68 -14.31 16.90
N VAL D 245 6.27 -15.47 17.42
CA VAL D 245 5.30 -15.53 18.50
C VAL D 245 5.89 -16.07 19.81
N SER D 246 7.04 -16.75 19.76
CA SER D 246 7.61 -17.33 20.97
C SER D 246 8.15 -16.26 21.90
N GLY D 247 8.70 -15.18 21.36
CA GLY D 247 9.27 -14.13 22.18
C GLY D 247 10.69 -14.40 22.66
N HIS D 248 11.33 -15.46 22.18
CA HIS D 248 12.68 -15.83 22.54
C HIS D 248 13.69 -15.15 21.61
N PRO D 249 14.79 -14.62 22.16
CA PRO D 249 15.79 -13.98 21.30
C PRO D 249 16.38 -14.89 20.25
N SER D 250 16.51 -16.19 20.56
CA SER D 250 17.02 -17.13 19.57
C SER D 250 16.07 -17.24 18.38
N SER D 251 14.76 -17.24 18.64
CA SER D 251 13.79 -17.34 17.56
C SER D 251 13.71 -16.06 16.73
N VAL D 252 14.09 -14.92 17.30
CA VAL D 252 14.04 -13.66 16.56
C VAL D 252 15.14 -13.61 15.51
N ASN D 253 16.34 -14.12 15.84
CA ASN D 253 17.41 -14.16 14.87
C ASN D 253 17.06 -15.06 13.69
N THR D 254 16.51 -16.24 13.97
CA THR D 254 16.14 -17.17 12.90
C THR D 254 15.13 -16.55 11.94
N CYS D 255 14.14 -15.82 12.48
CA CYS D 255 13.16 -15.15 11.63
C CYS D 255 13.82 -14.16 10.68
N LEU D 256 14.86 -13.47 11.15
CA LEU D 256 15.58 -12.54 10.28
C LEU D 256 16.39 -13.28 9.24
N GLU D 257 17.05 -14.37 9.63
CA GLU D 257 17.80 -15.17 8.67
C GLU D 257 16.88 -15.88 7.67
N VAL D 258 15.65 -16.16 8.08
CA VAL D 258 14.75 -16.95 7.24
C VAL D 258 13.92 -16.08 6.30
N THR D 259 13.64 -14.84 6.68
CA THR D 259 12.85 -13.96 5.85
C THR D 259 13.70 -13.38 4.72
N ARG D 260 13.15 -13.36 3.52
CA ARG D 260 13.87 -12.80 2.38
C ARG D 260 14.03 -11.29 2.55
N ALA D 261 15.02 -10.74 1.85
CA ALA D 261 15.29 -9.31 1.91
C ALA D 261 14.06 -8.53 1.49
N ARG D 262 13.83 -7.40 2.16
CA ARG D 262 12.63 -6.58 2.00
C ARG D 262 11.35 -7.33 2.34
N GLY D 263 11.47 -8.43 3.10
CA GLY D 263 10.32 -9.15 3.57
C GLY D 263 9.68 -8.47 4.79
N VAL D 264 8.68 -9.14 5.34
CA VAL D 264 7.92 -8.62 6.47
C VAL D 264 8.08 -9.61 7.63
N MET D 265 8.34 -9.08 8.82
CA MET D 265 8.44 -9.88 10.04
C MET D 265 7.50 -9.28 11.08
N VAL D 266 6.44 -10.01 11.40
CA VAL D 266 5.45 -9.56 12.37
C VAL D 266 5.85 -10.06 13.76
N GLN D 267 6.14 -9.12 14.66
CA GLN D 267 6.55 -9.43 16.02
C GLN D 267 5.31 -9.52 16.90
N VAL D 268 4.98 -10.73 17.35
CA VAL D 268 3.79 -10.98 18.16
C VAL D 268 4.17 -11.28 19.62
N GLY D 269 5.04 -12.26 19.82
CA GLY D 269 5.38 -12.66 21.17
C GLY D 269 6.23 -11.62 21.88
N MET D 270 5.96 -11.47 23.18
CA MET D 270 6.66 -10.50 24.02
C MET D 270 7.50 -11.25 25.06
N GLY D 271 8.76 -10.89 25.17
CA GLY D 271 9.64 -11.52 26.15
C GLY D 271 10.64 -10.54 26.74
N GLY D 272 10.14 -9.47 27.34
CA GLY D 272 11.03 -8.45 27.84
C GLY D 272 11.73 -7.70 26.71
N ALA D 273 12.81 -7.02 27.07
CA ALA D 273 13.62 -6.30 26.11
C ALA D 273 14.70 -7.23 25.55
N MET D 274 14.65 -7.50 24.24
CA MET D 274 15.68 -8.34 23.62
C MET D 274 17.05 -7.69 23.80
N ALA D 275 18.01 -8.49 24.25
CA ALA D 275 19.23 -7.98 24.85
C ALA D 275 20.41 -7.88 23.88
N GLU D 276 20.24 -8.25 22.61
CA GLU D 276 21.34 -8.17 21.65
C GLU D 276 20.81 -8.28 20.22
N PHE D 277 20.09 -7.26 19.77
CA PHE D 277 19.37 -7.40 18.51
C PHE D 277 20.31 -7.18 17.33
N PRO D 278 20.35 -8.12 16.37
CA PRO D 278 21.13 -7.89 15.15
C PRO D 278 20.51 -6.81 14.28
N MET D 279 20.70 -5.55 14.69
CA MET D 279 20.15 -4.43 13.93
C MET D 279 20.77 -4.36 12.54
N MET D 280 22.03 -4.79 12.40
CA MET D 280 22.68 -4.80 11.11
C MET D 280 22.00 -5.73 10.11
N THR D 281 21.48 -6.86 10.60
CA THR D 281 20.71 -7.75 9.72
C THR D 281 19.42 -7.09 9.26
N LEU D 282 18.78 -6.32 10.15
CA LEU D 282 17.56 -5.60 9.76
C LEU D 282 17.85 -4.54 8.72
N ILE D 283 18.94 -3.78 8.90
CA ILE D 283 19.28 -2.73 7.95
C ILE D 283 19.74 -3.34 6.63
N GLY D 284 20.57 -4.37 6.67
CA GLY D 284 21.14 -4.92 5.44
C GLY D 284 20.09 -5.52 4.54
N LYS D 285 19.14 -6.26 5.11
CA LYS D 285 18.10 -6.92 4.34
C LYS D 285 16.85 -6.07 4.16
N GLU D 286 16.80 -4.88 4.78
CA GLU D 286 15.65 -3.98 4.66
C GLU D 286 14.35 -4.67 5.07
N ILE D 287 14.43 -5.50 6.11
CA ILE D 287 13.24 -6.19 6.61
C ILE D 287 12.28 -5.16 7.19
N SER D 288 10.98 -5.38 6.98
CA SER D 288 9.93 -4.52 7.50
C SER D 288 9.41 -5.16 8.79
N LEU D 289 10.01 -4.78 9.92
CA LEU D 289 9.61 -5.30 11.22
C LEU D 289 8.40 -4.54 11.72
N ARG D 290 7.29 -5.23 11.92
CA ARG D 290 6.04 -4.63 12.33
C ARG D 290 5.52 -5.33 13.59
N GLY D 291 5.16 -4.53 14.60
CA GLY D 291 4.61 -5.07 15.80
C GLY D 291 3.11 -5.28 15.71
N SER D 292 2.61 -6.20 16.54
CA SER D 292 1.19 -6.52 16.60
C SER D 292 0.73 -6.49 18.05
N PHE D 293 -0.41 -5.86 18.30
CA PHE D 293 -0.89 -5.66 19.67
C PHE D 293 -2.41 -5.75 19.67
N ARG D 294 -2.94 -6.80 20.28
CA ARG D 294 -4.38 -7.01 20.50
C ARG D 294 -5.09 -6.99 19.15
N PHE D 295 -6.12 -6.17 18.96
CA PHE D 295 -6.98 -6.21 17.80
C PHE D 295 -7.87 -4.97 17.82
N THR D 296 -8.51 -4.70 16.68
CA THR D 296 -9.45 -3.59 16.59
C THR D 296 -10.81 -4.07 16.10
N SER D 297 -10.97 -4.39 14.83
CA SER D 297 -12.22 -4.90 14.29
C SER D 297 -12.17 -6.40 13.99
N GLU D 298 -11.05 -7.06 14.27
CA GLU D 298 -10.93 -8.49 14.02
C GLU D 298 -11.69 -9.33 15.03
N PHE D 299 -12.20 -8.73 16.11
CA PHE D 299 -12.98 -9.50 17.08
C PHE D 299 -14.32 -9.93 16.48
N ASN D 300 -14.99 -9.02 15.76
CA ASN D 300 -16.22 -9.41 15.07
C ASN D 300 -15.95 -10.42 13.97
N THR D 301 -14.76 -10.38 13.37
CA THR D 301 -14.40 -11.38 12.37
C THR D 301 -14.15 -12.74 13.02
N ALA D 302 -13.52 -12.74 14.20
CA ALA D 302 -13.25 -14.00 14.90
C ALA D 302 -14.54 -14.68 15.34
N VAL D 303 -15.51 -13.89 15.82
CA VAL D 303 -16.81 -14.45 16.19
C VAL D 303 -17.49 -15.05 14.97
N SER D 304 -17.32 -14.43 13.80
CA SER D 304 -17.93 -14.95 12.58
C SER D 304 -17.19 -16.20 12.10
N TRP D 305 -15.86 -16.20 12.16
CA TRP D 305 -15.09 -17.36 11.75
C TRP D 305 -15.43 -18.59 12.59
N LEU D 306 -15.59 -18.40 13.91
CA LEU D 306 -15.87 -19.52 14.80
C LEU D 306 -17.31 -19.98 14.69
N ALA D 307 -18.25 -19.07 14.47
CA ALA D 307 -19.65 -19.46 14.36
C ALA D 307 -19.94 -20.18 13.06
N ASN D 308 -19.36 -19.72 11.96
CA ASN D 308 -19.54 -20.32 10.65
C ASN D 308 -18.58 -21.46 10.37
N GLY D 309 -17.74 -21.82 11.35
CA GLY D 309 -16.85 -22.95 11.18
C GLY D 309 -15.72 -22.74 10.19
N VAL D 310 -15.24 -21.50 10.06
CA VAL D 310 -14.09 -21.25 9.17
C VAL D 310 -12.85 -21.95 9.72
N ILE D 311 -12.59 -21.79 11.01
CA ILE D 311 -11.51 -22.50 11.69
C ILE D 311 -12.11 -23.32 12.82
N ASN D 312 -11.35 -24.31 13.27
CA ASN D 312 -11.75 -25.20 14.35
C ASN D 312 -10.67 -25.22 15.42
N PRO D 313 -10.84 -24.48 16.51
CA PRO D 313 -9.80 -24.39 17.54
C PRO D 313 -9.85 -25.45 18.62
N LEU D 314 -10.77 -26.41 18.52
CA LEU D 314 -10.89 -27.43 19.56
C LEU D 314 -9.63 -28.26 19.79
N PRO D 315 -8.77 -28.54 18.80
CA PRO D 315 -7.50 -29.19 19.13
C PRO D 315 -6.67 -28.44 20.15
N LEU D 316 -6.85 -27.12 20.27
CA LEU D 316 -6.11 -26.34 21.27
C LEU D 316 -6.72 -26.45 22.66
N LEU D 317 -7.99 -26.80 22.77
CA LEU D 317 -8.66 -26.91 24.06
C LEU D 317 -8.10 -28.12 24.81
N SER D 318 -7.29 -27.85 25.84
CA SER D 318 -6.66 -28.94 26.60
C SER D 318 -7.60 -29.51 27.64
N ALA D 319 -8.20 -28.65 28.48
CA ALA D 319 -9.05 -29.13 29.56
C ALA D 319 -10.04 -28.04 29.95
N GLU D 320 -11.06 -28.45 30.68
CA GLU D 320 -12.06 -27.55 31.23
C GLU D 320 -12.09 -27.69 32.75
N TYR D 321 -12.20 -26.57 33.44
CA TYR D 321 -12.29 -26.56 34.89
C TYR D 321 -13.48 -25.72 35.34
N PRO D 322 -14.23 -26.17 36.35
CA PRO D 322 -15.26 -25.31 36.93
C PRO D 322 -14.63 -24.11 37.60
N PHE D 323 -15.35 -22.98 37.54
CA PHE D 323 -14.78 -21.72 38.02
C PHE D 323 -14.56 -21.70 39.53
N THR D 324 -15.08 -22.69 40.27
CA THR D 324 -14.84 -22.73 41.70
C THR D 324 -13.44 -23.24 42.03
N ASP D 325 -12.94 -24.20 41.24
CA ASP D 325 -11.58 -24.71 41.40
C ASP D 325 -10.64 -23.93 40.46
N LEU D 326 -10.48 -22.65 40.79
CA LEU D 326 -9.79 -21.70 39.91
C LEU D 326 -8.28 -21.85 40.00
N GLU D 327 -7.72 -21.96 41.21
CA GLU D 327 -6.27 -22.06 41.33
C GLU D 327 -5.73 -23.34 40.71
N GLU D 328 -6.48 -24.44 40.83
CA GLU D 328 -6.07 -25.68 40.18
C GLU D 328 -6.01 -25.50 38.66
N ALA D 329 -6.91 -24.71 38.09
CA ALA D 329 -6.86 -24.44 36.66
C ALA D 329 -5.67 -23.57 36.29
N LEU D 330 -5.34 -22.60 37.15
CA LEU D 330 -4.17 -21.76 36.90
C LEU D 330 -2.88 -22.55 37.01
N ARG D 331 -2.81 -23.51 37.94
CA ARG D 331 -1.64 -24.37 38.03
C ARG D 331 -1.52 -25.27 36.81
N PHE D 332 -2.65 -25.76 36.30
CA PHE D 332 -2.61 -26.64 35.14
C PHE D 332 -2.28 -25.88 33.87
N ALA D 333 -2.77 -24.64 33.75
CA ALA D 333 -2.51 -23.86 32.54
C ALA D 333 -1.06 -23.41 32.46
N GLY D 334 -0.41 -23.18 33.60
CA GLY D 334 0.99 -22.80 33.60
C GLY D 334 1.93 -23.89 33.15
N ASP D 335 1.51 -25.15 33.24
CA ASP D 335 2.32 -26.29 32.82
C ASP D 335 2.25 -26.37 31.29
N LYS D 336 3.27 -25.84 30.62
CA LYS D 336 3.30 -25.81 29.17
C LYS D 336 3.51 -27.19 28.55
N THR D 337 3.85 -28.20 29.34
CA THR D 337 4.07 -29.54 28.83
C THR D 337 2.78 -30.26 28.47
N GLN D 338 1.66 -29.88 29.08
CA GLN D 338 0.39 -30.60 28.92
C GLN D 338 -0.80 -29.73 28.57
N ALA D 339 -0.77 -28.43 28.86
CA ALA D 339 -1.91 -27.56 28.64
C ALA D 339 -1.59 -26.52 27.57
N ALA D 340 -2.47 -26.43 26.57
CA ALA D 340 -2.38 -25.36 25.57
C ALA D 340 -3.39 -24.27 25.86
N LYS D 341 -4.68 -24.62 25.87
CA LYS D 341 -5.74 -23.69 26.21
C LYS D 341 -6.66 -24.34 27.23
N VAL D 342 -6.87 -23.64 28.35
CA VAL D 342 -7.71 -24.12 29.45
C VAL D 342 -8.87 -23.14 29.61
N GLN D 343 -10.08 -23.68 29.75
CA GLN D 343 -11.29 -22.88 29.85
C GLN D 343 -11.94 -23.06 31.21
N LEU D 344 -12.54 -21.99 31.72
CA LEU D 344 -13.29 -22.02 32.97
C LEU D 344 -14.79 -22.06 32.65
N VAL D 345 -15.49 -23.00 33.27
CA VAL D 345 -16.93 -23.17 33.07
C VAL D 345 -17.67 -22.48 34.21
N PHE D 346 -18.58 -21.58 33.87
CA PHE D 346 -19.37 -20.86 34.86
C PHE D 346 -20.80 -21.37 34.89
#